data_2PY0
# 
_entry.id   2PY0 
# 
_audit_conform.dict_name       mmcif_pdbx.dic 
_audit_conform.dict_version    5.398 
_audit_conform.dict_location   http://mmcif.pdb.org/dictionaries/ascii/mmcif_pdbx.dic 
# 
loop_
_database_2.database_id 
_database_2.database_code 
_database_2.pdbx_database_accession 
_database_2.pdbx_DOI 
PDB   2PY0         pdb_00002py0 10.2210/pdb2py0/pdb 
RCSB  RCSB042907   ?            ?                   
WWPDB D_1000042907 ?            ?                   
# 
loop_
_pdbx_audit_revision_history.ordinal 
_pdbx_audit_revision_history.data_content_type 
_pdbx_audit_revision_history.major_revision 
_pdbx_audit_revision_history.minor_revision 
_pdbx_audit_revision_history.revision_date 
1 'Structure model' 1 0 2007-11-06 
2 'Structure model' 1 1 2011-07-13 
3 'Structure model' 1 2 2021-10-20 
4 'Structure model' 1 3 2023-08-30 
5 'Structure model' 1 4 2024-11-13 
# 
_pdbx_audit_revision_details.ordinal             1 
_pdbx_audit_revision_details.revision_ordinal    1 
_pdbx_audit_revision_details.data_content_type   'Structure model' 
_pdbx_audit_revision_details.provider            repository 
_pdbx_audit_revision_details.type                'Initial release' 
_pdbx_audit_revision_details.description         ? 
_pdbx_audit_revision_details.details             ? 
# 
loop_
_pdbx_audit_revision_group.ordinal 
_pdbx_audit_revision_group.revision_ordinal 
_pdbx_audit_revision_group.data_content_type 
_pdbx_audit_revision_group.group 
1 2 'Structure model' 'Version format compliance' 
2 3 'Structure model' 'Database references'       
3 3 'Structure model' 'Derived calculations'      
4 4 'Structure model' 'Data collection'           
5 4 'Structure model' 'Refinement description'    
6 5 'Structure model' 'Structure summary'         
# 
loop_
_pdbx_audit_revision_category.ordinal 
_pdbx_audit_revision_category.revision_ordinal 
_pdbx_audit_revision_category.data_content_type 
_pdbx_audit_revision_category.category 
1 3 'Structure model' database_2                    
2 3 'Structure model' struct_ref_seq_dif            
3 3 'Structure model' struct_site                   
4 4 'Structure model' chem_comp_atom                
5 4 'Structure model' chem_comp_bond                
6 4 'Structure model' pdbx_initial_refinement_model 
7 5 'Structure model' pdbx_entry_details            
8 5 'Structure model' pdbx_modification_feature     
# 
loop_
_pdbx_audit_revision_item.ordinal 
_pdbx_audit_revision_item.revision_ordinal 
_pdbx_audit_revision_item.data_content_type 
_pdbx_audit_revision_item.item 
1 3 'Structure model' '_database_2.pdbx_DOI'                
2 3 'Structure model' '_database_2.pdbx_database_accession' 
3 3 'Structure model' '_struct_ref_seq_dif.details'         
4 3 'Structure model' '_struct_site.pdbx_auth_asym_id'      
5 3 'Structure model' '_struct_site.pdbx_auth_comp_id'      
6 3 'Structure model' '_struct_site.pdbx_auth_seq_id'       
# 
_pdbx_database_status.entry_id                        2PY0 
_pdbx_database_status.deposit_site                    RCSB 
_pdbx_database_status.process_site                    RCSB 
_pdbx_database_status.recvd_initial_deposition_date   2007-05-14 
_pdbx_database_status.status_code                     REL 
_pdbx_database_status.status_code_sf                  REL 
_pdbx_database_status.status_code_mr                  ? 
_pdbx_database_status.SG_entry                        ? 
_pdbx_database_status.pdb_format_compatible           Y 
_pdbx_database_status.status_code_cs                  ? 
_pdbx_database_status.status_code_nmr_data            ? 
_pdbx_database_status.methods_development_category    ? 
# 
loop_
_pdbx_database_related.db_name 
_pdbx_database_related.db_id 
_pdbx_database_related.details 
_pdbx_database_related.content_type 
PDB 1DZO 'The parent protein of Cs1 pilin'                         unspecified 
PDB 1QVE 'Related type IV pilin monomer of Pseudomonas aeruginosa' unspecified 
# 
loop_
_audit_author.name 
_audit_author.pdbx_ordinal 
'Kao, D.J.'       1 
'Churchill, M.E.' 2 
'Hodges, R.S.'    3 
# 
_citation.id                        primary 
_citation.title                     
;Animal Protection and Structural Studies of a Consensus Sequence Vaccine Targeting the Receptor Binding Domain of the Type IV Pilus of Pseudomonas aeruginosa.
;
_citation.journal_abbrev            J.Mol.Biol. 
_citation.journal_volume            374 
_citation.page_first                426 
_citation.page_last                 442 
_citation.year                      2007 
_citation.journal_id_ASTM           JMOBAK 
_citation.country                   UK 
_citation.journal_id_ISSN           0022-2836 
_citation.journal_id_CSD            0070 
_citation.book_publisher            ? 
_citation.pdbx_database_id_PubMed   17936788 
_citation.pdbx_database_id_DOI      10.1016/j.jmb.2007.09.032 
# 
loop_
_citation_author.citation_id 
_citation_author.name 
_citation_author.ordinal 
_citation_author.identifier_ORCID 
primary 'Kao, D.J.'       1 ? 
primary 'Churchill, M.E.' 2 ? 
primary 'Irvin, R.T.'     3 ? 
primary 'Hodges, R.S.'    4 ? 
# 
loop_
_entity.id 
_entity.type 
_entity.src_method 
_entity.pdbx_description 
_entity.formula_weight 
_entity.pdbx_number_of_molecules 
_entity.pdbx_ec 
_entity.pdbx_mutation 
_entity.pdbx_fragment 
_entity.details 
1 polymer     man 'Fimbrial protein'                                    12292.838 1   ? 'T136K, E141P' ? ? 
2 non-polymer syn '4-(2-HYDROXYETHYL)-1-PIPERAZINE ETHANESULFONIC ACID' 238.305   1   ? ?              ? ? 
3 water       nat water                                                 18.015    229 ? ?              ? ? 
# 
_entity_name_com.entity_id   1 
_entity_name_com.name        'Pilin, Strain PAK' 
# 
_entity_poly.entity_id                      1 
_entity_poly.type                           'polypeptide(L)' 
_entity_poly.nstd_linkage                   no 
_entity_poly.nstd_monomer                   no 
_entity_poly.pdbx_seq_one_letter_code       
;EGTAFARSEGASALASVNPLKTTVEEALSRGWSVKSGTGTEDATKKEVPLGVAADANKLGTIALKPDPADGTADITLTFT
MGGAGPKNKGKIITLTRTAADGLWKCKSDQDPQFIPKGCS
;
_entity_poly.pdbx_seq_one_letter_code_can   
;EGTAFARSEGASALASVNPLKTTVEEALSRGWSVKSGTGTEDATKKEVPLGVAADANKLGTIALKPDPADGTADITLTFT
MGGAGPKNKGKIITLTRTAADGLWKCKSDQDPQFIPKGCS
;
_entity_poly.pdbx_strand_id                 A 
_entity_poly.pdbx_target_identifier         ? 
# 
loop_
_pdbx_entity_nonpoly.entity_id 
_pdbx_entity_nonpoly.name 
_pdbx_entity_nonpoly.comp_id 
2 '4-(2-HYDROXYETHYL)-1-PIPERAZINE ETHANESULFONIC ACID' EPE 
3 water                                                 HOH 
# 
loop_
_entity_poly_seq.entity_id 
_entity_poly_seq.num 
_entity_poly_seq.mon_id 
_entity_poly_seq.hetero 
1 1   GLU n 
1 2   GLY n 
1 3   THR n 
1 4   ALA n 
1 5   PHE n 
1 6   ALA n 
1 7   ARG n 
1 8   SER n 
1 9   GLU n 
1 10  GLY n 
1 11  ALA n 
1 12  SER n 
1 13  ALA n 
1 14  LEU n 
1 15  ALA n 
1 16  SER n 
1 17  VAL n 
1 18  ASN n 
1 19  PRO n 
1 20  LEU n 
1 21  LYS n 
1 22  THR n 
1 23  THR n 
1 24  VAL n 
1 25  GLU n 
1 26  GLU n 
1 27  ALA n 
1 28  LEU n 
1 29  SER n 
1 30  ARG n 
1 31  GLY n 
1 32  TRP n 
1 33  SER n 
1 34  VAL n 
1 35  LYS n 
1 36  SER n 
1 37  GLY n 
1 38  THR n 
1 39  GLY n 
1 40  THR n 
1 41  GLU n 
1 42  ASP n 
1 43  ALA n 
1 44  THR n 
1 45  LYS n 
1 46  LYS n 
1 47  GLU n 
1 48  VAL n 
1 49  PRO n 
1 50  LEU n 
1 51  GLY n 
1 52  VAL n 
1 53  ALA n 
1 54  ALA n 
1 55  ASP n 
1 56  ALA n 
1 57  ASN n 
1 58  LYS n 
1 59  LEU n 
1 60  GLY n 
1 61  THR n 
1 62  ILE n 
1 63  ALA n 
1 64  LEU n 
1 65  LYS n 
1 66  PRO n 
1 67  ASP n 
1 68  PRO n 
1 69  ALA n 
1 70  ASP n 
1 71  GLY n 
1 72  THR n 
1 73  ALA n 
1 74  ASP n 
1 75  ILE n 
1 76  THR n 
1 77  LEU n 
1 78  THR n 
1 79  PHE n 
1 80  THR n 
1 81  MET n 
1 82  GLY n 
1 83  GLY n 
1 84  ALA n 
1 85  GLY n 
1 86  PRO n 
1 87  LYS n 
1 88  ASN n 
1 89  LYS n 
1 90  GLY n 
1 91  LYS n 
1 92  ILE n 
1 93  ILE n 
1 94  THR n 
1 95  LEU n 
1 96  THR n 
1 97  ARG n 
1 98  THR n 
1 99  ALA n 
1 100 ALA n 
1 101 ASP n 
1 102 GLY n 
1 103 LEU n 
1 104 TRP n 
1 105 LYS n 
1 106 CYS n 
1 107 LYS n 
1 108 SER n 
1 109 ASP n 
1 110 GLN n 
1 111 ASP n 
1 112 PRO n 
1 113 GLN n 
1 114 PHE n 
1 115 ILE n 
1 116 PRO n 
1 117 LYS n 
1 118 GLY n 
1 119 CYS n 
1 120 SER n 
# 
_entity_src_gen.entity_id                          1 
_entity_src_gen.pdbx_src_id                        1 
_entity_src_gen.pdbx_alt_source_flag               sample 
_entity_src_gen.pdbx_seq_type                      ? 
_entity_src_gen.pdbx_beg_seq_num                   ? 
_entity_src_gen.pdbx_end_seq_num                   ? 
_entity_src_gen.gene_src_common_name               ? 
_entity_src_gen.gene_src_genus                     Pseudomonas 
_entity_src_gen.pdbx_gene_src_gene                 'pilA, fimA' 
_entity_src_gen.gene_src_species                   ? 
_entity_src_gen.gene_src_strain                    PAK 
_entity_src_gen.gene_src_tissue                    ? 
_entity_src_gen.gene_src_tissue_fraction           ? 
_entity_src_gen.gene_src_details                   ? 
_entity_src_gen.pdbx_gene_src_fragment             ? 
_entity_src_gen.pdbx_gene_src_scientific_name      'Pseudomonas aeruginosa' 
_entity_src_gen.pdbx_gene_src_ncbi_taxonomy_id     287 
_entity_src_gen.pdbx_gene_src_variant              ? 
_entity_src_gen.pdbx_gene_src_cell_line            ? 
_entity_src_gen.pdbx_gene_src_atcc                 ? 
_entity_src_gen.pdbx_gene_src_organ                ? 
_entity_src_gen.pdbx_gene_src_organelle            ? 
_entity_src_gen.pdbx_gene_src_cell                 ? 
_entity_src_gen.pdbx_gene_src_cellular_location    ? 
_entity_src_gen.host_org_common_name               ? 
_entity_src_gen.pdbx_host_org_scientific_name      'Escherichia coli BL21(DE3)' 
_entity_src_gen.pdbx_host_org_ncbi_taxonomy_id     469008 
_entity_src_gen.host_org_genus                     Escherichia 
_entity_src_gen.pdbx_host_org_gene                 ? 
_entity_src_gen.pdbx_host_org_organ                ? 
_entity_src_gen.host_org_species                   'Escherichia coli' 
_entity_src_gen.pdbx_host_org_tissue               ? 
_entity_src_gen.pdbx_host_org_tissue_fraction      ? 
_entity_src_gen.pdbx_host_org_strain               'BL21(DE3)' 
_entity_src_gen.pdbx_host_org_variant              ? 
_entity_src_gen.pdbx_host_org_cell_line            ? 
_entity_src_gen.pdbx_host_org_atcc                 ? 
_entity_src_gen.pdbx_host_org_culture_collection   ? 
_entity_src_gen.pdbx_host_org_cell                 ? 
_entity_src_gen.pdbx_host_org_organelle            ? 
_entity_src_gen.pdbx_host_org_cellular_location    ? 
_entity_src_gen.pdbx_host_org_vector_type          plasmid 
_entity_src_gen.pdbx_host_org_vector               ? 
_entity_src_gen.host_org_details                   ? 
_entity_src_gen.expression_system_id               ? 
_entity_src_gen.plasmid_name                       pRLD 
_entity_src_gen.plasmid_details                    ? 
_entity_src_gen.pdbx_description                   ? 
# 
loop_
_chem_comp.id 
_chem_comp.type 
_chem_comp.mon_nstd_flag 
_chem_comp.name 
_chem_comp.pdbx_synonyms 
_chem_comp.formula 
_chem_comp.formula_weight 
ALA 'L-peptide linking' y ALANINE                                               ?     'C3 H7 N O2'     89.093  
ARG 'L-peptide linking' y ARGININE                                              ?     'C6 H15 N4 O2 1' 175.209 
ASN 'L-peptide linking' y ASPARAGINE                                            ?     'C4 H8 N2 O3'    132.118 
ASP 'L-peptide linking' y 'ASPARTIC ACID'                                       ?     'C4 H7 N O4'     133.103 
CYS 'L-peptide linking' y CYSTEINE                                              ?     'C3 H7 N O2 S'   121.158 
EPE non-polymer         . '4-(2-HYDROXYETHYL)-1-PIPERAZINE ETHANESULFONIC ACID' HEPES 'C8 H18 N2 O4 S' 238.305 
GLN 'L-peptide linking' y GLUTAMINE                                             ?     'C5 H10 N2 O3'   146.144 
GLU 'L-peptide linking' y 'GLUTAMIC ACID'                                       ?     'C5 H9 N O4'     147.129 
GLY 'peptide linking'   y GLYCINE                                               ?     'C2 H5 N O2'     75.067  
HOH non-polymer         . WATER                                                 ?     'H2 O'           18.015  
ILE 'L-peptide linking' y ISOLEUCINE                                            ?     'C6 H13 N O2'    131.173 
LEU 'L-peptide linking' y LEUCINE                                               ?     'C6 H13 N O2'    131.173 
LYS 'L-peptide linking' y LYSINE                                                ?     'C6 H15 N2 O2 1' 147.195 
MET 'L-peptide linking' y METHIONINE                                            ?     'C5 H11 N O2 S'  149.211 
PHE 'L-peptide linking' y PHENYLALANINE                                         ?     'C9 H11 N O2'    165.189 
PRO 'L-peptide linking' y PROLINE                                               ?     'C5 H9 N O2'     115.130 
SER 'L-peptide linking' y SERINE                                                ?     'C3 H7 N O3'     105.093 
THR 'L-peptide linking' y THREONINE                                             ?     'C4 H9 N O3'     119.119 
TRP 'L-peptide linking' y TRYPTOPHAN                                            ?     'C11 H12 N2 O2'  204.225 
VAL 'L-peptide linking' y VALINE                                                ?     'C5 H11 N O2'    117.146 
# 
loop_
_pdbx_poly_seq_scheme.asym_id 
_pdbx_poly_seq_scheme.entity_id 
_pdbx_poly_seq_scheme.seq_id 
_pdbx_poly_seq_scheme.mon_id 
_pdbx_poly_seq_scheme.ndb_seq_num 
_pdbx_poly_seq_scheme.pdb_seq_num 
_pdbx_poly_seq_scheme.auth_seq_num 
_pdbx_poly_seq_scheme.pdb_mon_id 
_pdbx_poly_seq_scheme.auth_mon_id 
_pdbx_poly_seq_scheme.pdb_strand_id 
_pdbx_poly_seq_scheme.pdb_ins_code 
_pdbx_poly_seq_scheme.hetero 
A 1 1   GLU 1   24  24  GLU GLU A . n 
A 1 2   GLY 2   25  25  GLY GLY A . n 
A 1 3   THR 3   26  26  THR THR A . n 
A 1 4   ALA 4   27  27  ALA ALA A . n 
A 1 5   PHE 5   28  28  PHE PHE A . n 
A 1 6   ALA 6   29  29  ALA ALA A . n 
A 1 7   ARG 7   30  30  ARG ARG A . n 
A 1 8   SER 8   31  31  SER SER A . n 
A 1 9   GLU 9   32  32  GLU GLU A . n 
A 1 10  GLY 10  33  33  GLY GLY A . n 
A 1 11  ALA 11  34  34  ALA ALA A . n 
A 1 12  SER 12  35  35  SER SER A . n 
A 1 13  ALA 13  36  36  ALA ALA A . n 
A 1 14  LEU 14  37  37  LEU LEU A . n 
A 1 15  ALA 15  38  38  ALA ALA A . n 
A 1 16  SER 16  39  39  SER SER A . n 
A 1 17  VAL 17  40  40  VAL VAL A . n 
A 1 18  ASN 18  41  41  ASN ASN A . n 
A 1 19  PRO 19  42  42  PRO PRO A . n 
A 1 20  LEU 20  43  43  LEU LEU A . n 
A 1 21  LYS 21  44  44  LYS LYS A . n 
A 1 22  THR 22  45  45  THR THR A . n 
A 1 23  THR 23  46  46  THR THR A . n 
A 1 24  VAL 24  47  47  VAL VAL A . n 
A 1 25  GLU 25  48  48  GLU GLU A . n 
A 1 26  GLU 26  49  49  GLU GLU A . n 
A 1 27  ALA 27  50  50  ALA ALA A . n 
A 1 28  LEU 28  51  51  LEU LEU A . n 
A 1 29  SER 29  52  52  SER SER A . n 
A 1 30  ARG 30  53  53  ARG ARG A . n 
A 1 31  GLY 31  54  54  GLY GLY A . n 
A 1 32  TRP 32  55  55  TRP TRP A . n 
A 1 33  SER 33  56  56  SER SER A . n 
A 1 34  VAL 34  57  57  VAL VAL A . n 
A 1 35  LYS 35  58  58  LYS LYS A . n 
A 1 36  SER 36  59  59  SER SER A . n 
A 1 37  GLY 37  60  60  GLY GLY A . n 
A 1 38  THR 38  61  61  THR THR A . n 
A 1 39  GLY 39  62  62  GLY GLY A . n 
A 1 40  THR 40  63  63  THR THR A . n 
A 1 41  GLU 41  64  64  GLU GLU A . n 
A 1 42  ASP 42  65  65  ASP ASP A . n 
A 1 43  ALA 43  66  66  ALA ALA A . n 
A 1 44  THR 44  67  67  THR THR A . n 
A 1 45  LYS 45  68  68  LYS LYS A . n 
A 1 46  LYS 46  69  69  LYS LYS A . n 
A 1 47  GLU 47  70  70  GLU GLU A . n 
A 1 48  VAL 48  71  71  VAL VAL A . n 
A 1 49  PRO 49  72  72  PRO PRO A . n 
A 1 50  LEU 50  73  73  LEU LEU A . n 
A 1 51  GLY 51  74  74  GLY GLY A . n 
A 1 52  VAL 52  75  75  VAL VAL A . n 
A 1 53  ALA 53  76  76  ALA ALA A . n 
A 1 54  ALA 54  77  77  ALA ALA A . n 
A 1 55  ASP 55  78  78  ASP ASP A . n 
A 1 56  ALA 56  79  79  ALA ALA A . n 
A 1 57  ASN 57  80  80  ASN ASN A . n 
A 1 58  LYS 58  81  81  LYS LYS A . n 
A 1 59  LEU 59  82  82  LEU LEU A . n 
A 1 60  GLY 60  83  83  GLY GLY A . n 
A 1 61  THR 61  84  84  THR THR A . n 
A 1 62  ILE 62  85  85  ILE ILE A . n 
A 1 63  ALA 63  86  86  ALA ALA A . n 
A 1 64  LEU 64  87  87  LEU LEU A . n 
A 1 65  LYS 65  88  88  LYS LYS A . n 
A 1 66  PRO 66  89  89  PRO PRO A . n 
A 1 67  ASP 67  90  90  ASP ASP A . n 
A 1 68  PRO 68  91  91  PRO PRO A . n 
A 1 69  ALA 69  92  92  ALA ALA A . n 
A 1 70  ASP 70  93  93  ASP ASP A . n 
A 1 71  GLY 71  94  94  GLY GLY A . n 
A 1 72  THR 72  95  95  THR THR A . n 
A 1 73  ALA 73  96  96  ALA ALA A . n 
A 1 74  ASP 74  97  97  ASP ASP A . n 
A 1 75  ILE 75  98  98  ILE ILE A . n 
A 1 76  THR 76  99  99  THR THR A . n 
A 1 77  LEU 77  100 100 LEU LEU A . n 
A 1 78  THR 78  101 101 THR THR A . n 
A 1 79  PHE 79  102 102 PHE PHE A . n 
A 1 80  THR 80  103 103 THR THR A . n 
A 1 81  MET 81  104 104 MET MET A . n 
A 1 82  GLY 82  105 105 GLY GLY A . n 
A 1 83  GLY 83  106 106 GLY GLY A . n 
A 1 84  ALA 84  107 107 ALA ALA A . n 
A 1 85  GLY 85  108 108 GLY GLY A . n 
A 1 86  PRO 86  109 109 PRO PRO A . n 
A 1 87  LYS 87  110 110 LYS LYS A . n 
A 1 88  ASN 88  111 111 ASN ASN A . n 
A 1 89  LYS 89  112 112 LYS LYS A . n 
A 1 90  GLY 90  113 113 GLY GLY A . n 
A 1 91  LYS 91  114 114 LYS LYS A . n 
A 1 92  ILE 92  115 115 ILE ILE A . n 
A 1 93  ILE 93  116 116 ILE ILE A . n 
A 1 94  THR 94  117 117 THR THR A . n 
A 1 95  LEU 95  118 118 LEU LEU A . n 
A 1 96  THR 96  119 119 THR THR A . n 
A 1 97  ARG 97  120 120 ARG ARG A . n 
A 1 98  THR 98  121 121 THR THR A . n 
A 1 99  ALA 99  122 122 ALA ALA A . n 
A 1 100 ALA 100 123 123 ALA ALA A . n 
A 1 101 ASP 101 124 124 ASP ASP A . n 
A 1 102 GLY 102 125 125 GLY GLY A . n 
A 1 103 LEU 103 126 126 LEU LEU A . n 
A 1 104 TRP 104 127 127 TRP TRP A . n 
A 1 105 LYS 105 128 128 LYS LYS A . n 
A 1 106 CYS 106 129 129 CYS CYS A . n 
A 1 107 LYS 107 130 130 LYS LYS A . n 
A 1 108 SER 108 131 131 SER SER A . n 
A 1 109 ASP 109 132 132 ASP ASP A . n 
A 1 110 GLN 110 133 133 GLN GLN A . n 
A 1 111 ASP 111 134 134 ASP ASP A . n 
A 1 112 PRO 112 135 135 PRO PRO A . n 
A 1 113 GLN 113 136 136 GLN GLN A . n 
A 1 114 PHE 114 137 137 PHE PHE A . n 
A 1 115 ILE 115 138 138 ILE ILE A . n 
A 1 116 PRO 116 139 139 PRO PRO A . n 
A 1 117 LYS 117 140 140 LYS LYS A . n 
A 1 118 GLY 118 141 141 GLY GLY A . n 
A 1 119 CYS 119 142 142 CYS CYS A . n 
A 1 120 SER 120 143 143 SER SER A . n 
# 
loop_
_pdbx_nonpoly_scheme.asym_id 
_pdbx_nonpoly_scheme.entity_id 
_pdbx_nonpoly_scheme.mon_id 
_pdbx_nonpoly_scheme.ndb_seq_num 
_pdbx_nonpoly_scheme.pdb_seq_num 
_pdbx_nonpoly_scheme.auth_seq_num 
_pdbx_nonpoly_scheme.pdb_mon_id 
_pdbx_nonpoly_scheme.auth_mon_id 
_pdbx_nonpoly_scheme.pdb_strand_id 
_pdbx_nonpoly_scheme.pdb_ins_code 
B 2 EPE 1   430 430 EPE EPE A . 
C 3 HOH 1   431 1   HOH HOH A . 
C 3 HOH 2   432 2   HOH HOH A . 
C 3 HOH 3   433 3   HOH HOH A . 
C 3 HOH 4   434 4   HOH HOH A . 
C 3 HOH 5   435 5   HOH HOH A . 
C 3 HOH 6   436 6   HOH HOH A . 
C 3 HOH 7   437 7   HOH HOH A . 
C 3 HOH 8   438 8   HOH HOH A . 
C 3 HOH 9   439 9   HOH HOH A . 
C 3 HOH 10  440 10  HOH HOH A . 
C 3 HOH 11  441 11  HOH HOH A . 
C 3 HOH 12  442 12  HOH HOH A . 
C 3 HOH 13  443 13  HOH HOH A . 
C 3 HOH 14  444 14  HOH HOH A . 
C 3 HOH 15  445 15  HOH HOH A . 
C 3 HOH 16  446 16  HOH HOH A . 
C 3 HOH 17  447 17  HOH HOH A . 
C 3 HOH 18  448 18  HOH HOH A . 
C 3 HOH 19  449 19  HOH HOH A . 
C 3 HOH 20  450 20  HOH HOH A . 
C 3 HOH 21  451 21  HOH HOH A . 
C 3 HOH 22  452 22  HOH HOH A . 
C 3 HOH 23  453 23  HOH HOH A . 
C 3 HOH 24  454 24  HOH HOH A . 
C 3 HOH 25  455 25  HOH HOH A . 
C 3 HOH 26  456 26  HOH HOH A . 
C 3 HOH 27  457 27  HOH HOH A . 
C 3 HOH 28  458 28  HOH HOH A . 
C 3 HOH 29  459 29  HOH HOH A . 
C 3 HOH 30  460 30  HOH HOH A . 
C 3 HOH 31  461 31  HOH HOH A . 
C 3 HOH 32  462 32  HOH HOH A . 
C 3 HOH 33  463 33  HOH HOH A . 
C 3 HOH 34  464 34  HOH HOH A . 
C 3 HOH 35  465 35  HOH HOH A . 
C 3 HOH 36  466 36  HOH HOH A . 
C 3 HOH 37  467 37  HOH HOH A . 
C 3 HOH 38  468 38  HOH HOH A . 
C 3 HOH 39  469 39  HOH HOH A . 
C 3 HOH 40  470 40  HOH HOH A . 
C 3 HOH 41  471 41  HOH HOH A . 
C 3 HOH 42  472 42  HOH HOH A . 
C 3 HOH 43  473 43  HOH HOH A . 
C 3 HOH 44  474 44  HOH HOH A . 
C 3 HOH 45  475 45  HOH HOH A . 
C 3 HOH 46  476 46  HOH HOH A . 
C 3 HOH 47  477 47  HOH HOH A . 
C 3 HOH 48  478 48  HOH HOH A . 
C 3 HOH 49  479 49  HOH HOH A . 
C 3 HOH 50  480 50  HOH HOH A . 
C 3 HOH 51  481 51  HOH HOH A . 
C 3 HOH 52  482 52  HOH HOH A . 
C 3 HOH 53  483 53  HOH HOH A . 
C 3 HOH 54  484 54  HOH HOH A . 
C 3 HOH 55  485 55  HOH HOH A . 
C 3 HOH 56  486 56  HOH HOH A . 
C 3 HOH 57  487 57  HOH HOH A . 
C 3 HOH 58  488 58  HOH HOH A . 
C 3 HOH 59  489 59  HOH HOH A . 
C 3 HOH 60  490 60  HOH HOH A . 
C 3 HOH 61  491 61  HOH HOH A . 
C 3 HOH 62  492 62  HOH HOH A . 
C 3 HOH 63  493 63  HOH HOH A . 
C 3 HOH 64  494 64  HOH HOH A . 
C 3 HOH 65  495 65  HOH HOH A . 
C 3 HOH 66  496 66  HOH HOH A . 
C 3 HOH 67  497 67  HOH HOH A . 
C 3 HOH 68  498 68  HOH HOH A . 
C 3 HOH 69  499 69  HOH HOH A . 
C 3 HOH 70  500 70  HOH HOH A . 
C 3 HOH 71  501 71  HOH HOH A . 
C 3 HOH 72  502 72  HOH HOH A . 
C 3 HOH 73  503 73  HOH HOH A . 
C 3 HOH 74  504 74  HOH HOH A . 
C 3 HOH 75  505 75  HOH HOH A . 
C 3 HOH 76  506 76  HOH HOH A . 
C 3 HOH 77  507 77  HOH HOH A . 
C 3 HOH 78  508 78  HOH HOH A . 
C 3 HOH 79  509 79  HOH HOH A . 
C 3 HOH 80  510 80  HOH HOH A . 
C 3 HOH 81  511 81  HOH HOH A . 
C 3 HOH 82  512 82  HOH HOH A . 
C 3 HOH 83  513 83  HOH HOH A . 
C 3 HOH 84  514 84  HOH HOH A . 
C 3 HOH 85  515 85  HOH HOH A . 
C 3 HOH 86  516 86  HOH HOH A . 
C 3 HOH 87  517 87  HOH HOH A . 
C 3 HOH 88  518 88  HOH HOH A . 
C 3 HOH 89  519 89  HOH HOH A . 
C 3 HOH 90  520 90  HOH HOH A . 
C 3 HOH 91  521 91  HOH HOH A . 
C 3 HOH 92  522 92  HOH HOH A . 
C 3 HOH 93  523 93  HOH HOH A . 
C 3 HOH 94  524 94  HOH HOH A . 
C 3 HOH 95  525 95  HOH HOH A . 
C 3 HOH 96  526 96  HOH HOH A . 
C 3 HOH 97  527 97  HOH HOH A . 
C 3 HOH 98  528 98  HOH HOH A . 
C 3 HOH 99  529 99  HOH HOH A . 
C 3 HOH 100 530 100 HOH HOH A . 
C 3 HOH 101 531 101 HOH HOH A . 
C 3 HOH 102 532 102 HOH HOH A . 
C 3 HOH 103 533 103 HOH HOH A . 
C 3 HOH 104 534 104 HOH HOH A . 
C 3 HOH 105 535 105 HOH HOH A . 
C 3 HOH 106 536 106 HOH HOH A . 
C 3 HOH 107 537 107 HOH HOH A . 
C 3 HOH 108 538 108 HOH HOH A . 
C 3 HOH 109 539 109 HOH HOH A . 
C 3 HOH 110 540 110 HOH HOH A . 
C 3 HOH 111 541 111 HOH HOH A . 
C 3 HOH 112 542 112 HOH HOH A . 
C 3 HOH 113 543 113 HOH HOH A . 
C 3 HOH 114 544 114 HOH HOH A . 
C 3 HOH 115 545 115 HOH HOH A . 
C 3 HOH 116 546 116 HOH HOH A . 
C 3 HOH 117 547 117 HOH HOH A . 
C 3 HOH 118 548 118 HOH HOH A . 
C 3 HOH 119 549 119 HOH HOH A . 
C 3 HOH 120 550 120 HOH HOH A . 
C 3 HOH 121 551 121 HOH HOH A . 
C 3 HOH 122 552 122 HOH HOH A . 
C 3 HOH 123 553 123 HOH HOH A . 
C 3 HOH 124 554 124 HOH HOH A . 
C 3 HOH 125 555 125 HOH HOH A . 
C 3 HOH 126 556 126 HOH HOH A . 
C 3 HOH 127 557 127 HOH HOH A . 
C 3 HOH 128 558 128 HOH HOH A . 
C 3 HOH 129 559 129 HOH HOH A . 
C 3 HOH 130 560 130 HOH HOH A . 
C 3 HOH 131 561 131 HOH HOH A . 
C 3 HOH 132 562 132 HOH HOH A . 
C 3 HOH 133 563 133 HOH HOH A . 
C 3 HOH 134 564 134 HOH HOH A . 
C 3 HOH 135 565 135 HOH HOH A . 
C 3 HOH 136 566 136 HOH HOH A . 
C 3 HOH 137 567 137 HOH HOH A . 
C 3 HOH 138 568 138 HOH HOH A . 
C 3 HOH 139 569 139 HOH HOH A . 
C 3 HOH 140 570 140 HOH HOH A . 
C 3 HOH 141 571 141 HOH HOH A . 
C 3 HOH 142 572 142 HOH HOH A . 
C 3 HOH 143 573 143 HOH HOH A . 
C 3 HOH 144 574 144 HOH HOH A . 
C 3 HOH 145 575 145 HOH HOH A . 
C 3 HOH 146 576 146 HOH HOH A . 
C 3 HOH 147 577 147 HOH HOH A . 
C 3 HOH 148 578 148 HOH HOH A . 
C 3 HOH 149 579 149 HOH HOH A . 
C 3 HOH 150 580 150 HOH HOH A . 
C 3 HOH 151 581 151 HOH HOH A . 
C 3 HOH 152 582 152 HOH HOH A . 
C 3 HOH 153 583 153 HOH HOH A . 
C 3 HOH 154 584 154 HOH HOH A . 
C 3 HOH 155 585 155 HOH HOH A . 
C 3 HOH 156 586 156 HOH HOH A . 
C 3 HOH 157 587 157 HOH HOH A . 
C 3 HOH 158 588 158 HOH HOH A . 
C 3 HOH 159 589 159 HOH HOH A . 
C 3 HOH 160 590 160 HOH HOH A . 
C 3 HOH 161 591 161 HOH HOH A . 
C 3 HOH 162 592 162 HOH HOH A . 
C 3 HOH 163 593 163 HOH HOH A . 
C 3 HOH 164 594 164 HOH HOH A . 
C 3 HOH 165 595 165 HOH HOH A . 
C 3 HOH 166 596 166 HOH HOH A . 
C 3 HOH 167 597 167 HOH HOH A . 
C 3 HOH 168 598 168 HOH HOH A . 
C 3 HOH 169 599 169 HOH HOH A . 
C 3 HOH 170 600 170 HOH HOH A . 
C 3 HOH 171 601 171 HOH HOH A . 
C 3 HOH 172 602 172 HOH HOH A . 
C 3 HOH 173 603 173 HOH HOH A . 
C 3 HOH 174 604 174 HOH HOH A . 
C 3 HOH 175 605 175 HOH HOH A . 
C 3 HOH 176 606 176 HOH HOH A . 
C 3 HOH 177 607 177 HOH HOH A . 
C 3 HOH 178 608 178 HOH HOH A . 
C 3 HOH 179 609 179 HOH HOH A . 
C 3 HOH 180 610 180 HOH HOH A . 
C 3 HOH 181 611 181 HOH HOH A . 
C 3 HOH 182 612 182 HOH HOH A . 
C 3 HOH 183 613 183 HOH HOH A . 
C 3 HOH 184 614 184 HOH HOH A . 
C 3 HOH 185 615 185 HOH HOH A . 
C 3 HOH 186 616 186 HOH HOH A . 
C 3 HOH 187 617 187 HOH HOH A . 
C 3 HOH 188 618 188 HOH HOH A . 
C 3 HOH 189 619 189 HOH HOH A . 
C 3 HOH 190 620 190 HOH HOH A . 
C 3 HOH 191 621 191 HOH HOH A . 
C 3 HOH 192 622 192 HOH HOH A . 
C 3 HOH 193 623 193 HOH HOH A . 
C 3 HOH 194 624 194 HOH HOH A . 
C 3 HOH 195 625 195 HOH HOH A . 
C 3 HOH 196 626 196 HOH HOH A . 
C 3 HOH 197 627 197 HOH HOH A . 
C 3 HOH 198 628 198 HOH HOH A . 
C 3 HOH 199 629 199 HOH HOH A . 
C 3 HOH 200 630 200 HOH HOH A . 
C 3 HOH 201 631 201 HOH HOH A . 
C 3 HOH 202 632 202 HOH HOH A . 
C 3 HOH 203 633 203 HOH HOH A . 
C 3 HOH 204 634 204 HOH HOH A . 
C 3 HOH 205 635 205 HOH HOH A . 
C 3 HOH 206 636 206 HOH HOH A . 
C 3 HOH 207 637 207 HOH HOH A . 
C 3 HOH 208 638 208 HOH HOH A . 
C 3 HOH 209 639 209 HOH HOH A . 
C 3 HOH 210 640 210 HOH HOH A . 
C 3 HOH 211 641 211 HOH HOH A . 
C 3 HOH 212 642 212 HOH HOH A . 
C 3 HOH 213 643 213 HOH HOH A . 
C 3 HOH 214 644 214 HOH HOH A . 
C 3 HOH 215 645 215 HOH HOH A . 
C 3 HOH 216 646 216 HOH HOH A . 
C 3 HOH 217 647 217 HOH HOH A . 
C 3 HOH 218 648 218 HOH HOH A . 
C 3 HOH 219 649 219 HOH HOH A . 
C 3 HOH 220 650 220 HOH HOH A . 
C 3 HOH 221 651 221 HOH HOH A . 
C 3 HOH 222 652 222 HOH HOH A . 
C 3 HOH 223 653 223 HOH HOH A . 
C 3 HOH 224 654 224 HOH HOH A . 
C 3 HOH 225 655 225 HOH HOH A . 
C 3 HOH 226 656 226 HOH HOH A . 
C 3 HOH 227 657 227 HOH HOH A . 
C 3 HOH 228 658 228 HOH HOH A . 
C 3 HOH 229 659 229 HOH HOH A . 
# 
loop_
_software.name 
_software.version 
_software.date 
_software.type 
_software.contact_author 
_software.contact_author_email 
_software.classification 
_software.location 
_software.language 
_software.citation_id 
_software.pdbx_ordinal 
SCALA       .     ?                other   'Phil Evans'      pre@mrc-lmb.cam.ac.uk       'data scaling'    
http://www.ccp4.ac.uk/dist/html/INDEX.html  Fortran_77 ? 1 
PHASER      .     ?                other   'R. J. Read'      cimr-phaser@lists.cam.ac.uk phasing           
http://www-structmed.cimr.cam.ac.uk/phaser/ ?          ? 2 
REFMAC      .     ?                program 'Murshudov, G.N.' ccp4@dl.ac.uk               refinement        
http://www.ccp4.ac.uk/main.html             Fortran_77 ? 3 
PDB_EXTRACT 2.000 'April. 3, 2006' package PDB               sw-help@rcsb.rutgers.edu    'data extraction' 
http://pdb.rutgers.edu/software/            C++        ? 4 
HKL-3000    .     ?                ?       ?                 ?                           'data collection' ? ?          ? 5 
HKL-2000    .     ?                ?       ?                 ?                           'data reduction'  ? ?          ? 6 
# 
_cell.length_a           28.472 
_cell.length_b           52.891 
_cell.length_c           63.872 
_cell.angle_alpha        90.000 
_cell.angle_beta         90.000 
_cell.angle_gamma        90.000 
_cell.entry_id           2PY0 
_cell.pdbx_unique_axis   ? 
_cell.Z_PDB              4 
_cell.length_a_esd       ? 
_cell.length_b_esd       ? 
_cell.length_c_esd       ? 
_cell.angle_alpha_esd    ? 
_cell.angle_beta_esd     ? 
_cell.angle_gamma_esd    ? 
# 
_symmetry.space_group_name_H-M             'P 21 21 21' 
_symmetry.entry_id                         2PY0 
_symmetry.pdbx_full_space_group_name_H-M   ? 
_symmetry.Int_Tables_number                19 
_symmetry.cell_setting                     ? 
_symmetry.space_group_name_Hall            ? 
# 
_exptl.crystals_number   1 
_exptl.entry_id          2PY0 
_exptl.method            'X-RAY DIFFRACTION' 
# 
_exptl_crystal.id                    1 
_exptl_crystal.density_Matthews      1.95 
_exptl_crystal.density_meas          ? 
_exptl_crystal.density_percent_sol   37.08 
_exptl_crystal.description           ? 
_exptl_crystal.F_000                 ? 
_exptl_crystal.preparation           ? 
# 
_exptl_crystal_grow.crystal_id      1 
_exptl_crystal_grow.method          'VAPOR DIFFUSION, HANGING DROP' 
_exptl_crystal_grow.pH              8.1 
_exptl_crystal_grow.temp            298 
_exptl_crystal_grow.temp_details    ? 
_exptl_crystal_grow.pdbx_details    
'60% sat. Ammonium sulfate, 0.1 M HEPES., pH 8.1, VAPOR DIFFUSION, HANGING DROP, temperature 298K' 
_exptl_crystal_grow.pdbx_pH_range   . 
# 
_diffrn.id                     1 
_diffrn.ambient_temp           100 
_diffrn.ambient_temp_details   ? 
_diffrn.crystal_id             1 
# 
_diffrn_detector.diffrn_id              1 
_diffrn_detector.detector               CCD 
_diffrn_detector.type                   'ADSC QUANTUM 315' 
_diffrn_detector.pdbx_collection_date   2005-07-12 
_diffrn_detector.details                ? 
# 
_diffrn_radiation.diffrn_id                        1 
_diffrn_radiation.wavelength_id                    1 
_diffrn_radiation.pdbx_diffrn_protocol             'SINGLE WAVELENGTH' 
_diffrn_radiation.monochromator                    ? 
_diffrn_radiation.pdbx_monochromatic_or_laue_m_l   M 
_diffrn_radiation.pdbx_scattering_type             x-ray 
# 
_diffrn_radiation_wavelength.id           1 
_diffrn_radiation_wavelength.wavelength   0.97948 
_diffrn_radiation_wavelength.wt           1.0 
# 
_diffrn_source.diffrn_id                   1 
_diffrn_source.source                      SYNCHROTRON 
_diffrn_source.type                        'APS BEAMLINE 19-ID' 
_diffrn_source.pdbx_wavelength             ? 
_diffrn_source.pdbx_wavelength_list        0.97948 
_diffrn_source.pdbx_synchrotron_site       APS 
_diffrn_source.pdbx_synchrotron_beamline   19-ID 
# 
_reflns.entry_id                     2PY0 
_reflns.observed_criterion_sigma_F   ? 
_reflns.observed_criterion_sigma_I   ? 
_reflns.d_resolution_high            1.35 
_reflns.d_resolution_low             50 
_reflns.number_all                   21880 
_reflns.number_obs                   21824 
_reflns.percent_possible_obs         99.73 
_reflns.pdbx_Rmerge_I_obs            ? 
_reflns.pdbx_Rsym_value              0.051 
_reflns.pdbx_netI_over_sigmaI        42.8 
_reflns.B_iso_Wilson_estimate        14.931 
_reflns.pdbx_redundancy              7.7 
_reflns.R_free_details               ? 
_reflns.limit_h_max                  ? 
_reflns.limit_h_min                  ? 
_reflns.limit_k_max                  ? 
_reflns.limit_k_min                  ? 
_reflns.limit_l_max                  ? 
_reflns.limit_l_min                  ? 
_reflns.observed_criterion_F_max     ? 
_reflns.observed_criterion_F_min     ? 
_reflns.pdbx_chi_squared             ? 
_reflns.pdbx_scaling_rejects         ? 
_reflns.pdbx_diffrn_id               1 
_reflns.pdbx_ordinal                 1 
# 
_reflns_shell.d_res_high             1.35 
_reflns_shell.d_res_low              1.385 
_reflns_shell.percent_possible_obs   ? 
_reflns_shell.percent_possible_all   100 
_reflns_shell.Rmerge_I_obs           ? 
_reflns_shell.meanI_over_sigI_obs    7.0 
_reflns_shell.pdbx_Rsym_value        0.375 
_reflns_shell.pdbx_redundancy        7.7 
_reflns_shell.number_unique_all      2159 
_reflns_shell.number_measured_all    ? 
_reflns_shell.number_measured_obs    ? 
_reflns_shell.number_unique_obs      ? 
_reflns_shell.pdbx_chi_squared       ? 
_reflns_shell.pdbx_diffrn_id         ? 
_reflns_shell.pdbx_ordinal           1 
# 
_refine.entry_id                                 2PY0 
_refine.ls_d_res_high                            1.350 
_refine.ls_d_res_low                             25.000 
_refine.pdbx_ls_sigma_F                          0.00 
_refine.ls_percent_reflns_obs                    99.730 
_refine.ls_number_reflns_obs                     21824 
_refine.pdbx_ls_cross_valid_method               THROUGHOUT 
_refine.pdbx_R_Free_selection_details            RANDOM 
_refine.details                                  'HYDROGENS HAVE BEEN ADDED IN THE RIDING POSITIONS' 
_refine.ls_R_factor_obs                          0.172 
_refine.ls_R_factor_R_work                       0.171 
_refine.ls_R_factor_R_free                       0.197 
_refine.ls_percent_reflns_R_free                 5.100 
_refine.ls_number_reflns_R_free                  1103 
_refine.B_iso_mean                               14.934 
_refine.aniso_B[1][1]                            0.940 
_refine.aniso_B[2][2]                            -0.800 
_refine.aniso_B[3][3]                            -0.140 
_refine.aniso_B[1][2]                            0.000 
_refine.aniso_B[1][3]                            0.000 
_refine.aniso_B[2][3]                            0.000 
_refine.correlation_coeff_Fo_to_Fc               0.964 
_refine.correlation_coeff_Fo_to_Fc_free          0.957 
_refine.pdbx_overall_ESU_R                       0.064 
_refine.pdbx_overall_ESU_R_Free                  0.065 
_refine.overall_SU_ML                            0.038 
_refine.overall_SU_B                             0.899 
_refine.solvent_model_details                    MASK 
_refine.pdbx_solvent_vdw_probe_radii             1.200 
_refine.pdbx_solvent_ion_probe_radii             0.800 
_refine.pdbx_solvent_shrinkage_radii             0.800 
_refine.pdbx_stereochemistry_target_values       'MAXIMUM LIKELIHOOD' 
_refine.pdbx_ls_sigma_I                          ? 
_refine.ls_number_reflns_all                     21824 
_refine.ls_R_factor_all                          0.172 
_refine.ls_redundancy_reflns_obs                 ? 
_refine.pdbx_data_cutoff_high_absF               ? 
_refine.pdbx_data_cutoff_low_absF                ? 
_refine.ls_number_parameters                     ? 
_refine.ls_number_restraints                     ? 
_refine.ls_R_factor_R_free_error                 ? 
_refine.ls_R_factor_R_free_error_details         ? 
_refine.pdbx_method_to_determine_struct          'MOLECULAR REPLACEMENT' 
_refine.pdbx_starting_model                      '1DZO, residues 25-127, backbone atoms only.' 
_refine.pdbx_stereochem_target_val_spec_case     ? 
_refine.solvent_model_param_bsol                 ? 
_refine.solvent_model_param_ksol                 ? 
_refine.occupancy_max                            ? 
_refine.occupancy_min                            ? 
_refine.pdbx_isotropic_thermal_model             ? 
_refine.B_iso_min                                ? 
_refine.B_iso_max                                ? 
_refine.overall_SU_R_Cruickshank_DPI             ? 
_refine.overall_SU_R_free                        ? 
_refine.pdbx_data_cutoff_high_rms_absF           ? 
_refine.ls_wR_factor_R_free                      ? 
_refine.ls_wR_factor_R_work                      ? 
_refine.overall_FOM_free_R_set                   ? 
_refine.overall_FOM_work_R_set                   ? 
_refine.pdbx_refine_id                           'X-RAY DIFFRACTION' 
_refine.pdbx_diffrn_id                           1 
_refine.pdbx_TLS_residual_ADP_flag               ? 
_refine.pdbx_overall_phase_error                 ? 
_refine.pdbx_overall_SU_R_free_Cruickshank_DPI   ? 
_refine.pdbx_overall_SU_R_Blow_DPI               ? 
_refine.pdbx_overall_SU_R_free_Blow_DPI          ? 
# 
_refine_analyze.entry_id                        2PY0 
_refine_analyze.Luzzati_coordinate_error_obs    0.135 
_refine_analyze.Luzzati_sigma_a_obs             ? 
_refine_analyze.Luzzati_d_res_low_obs           ? 
_refine_analyze.Luzzati_coordinate_error_free   ? 
_refine_analyze.Luzzati_sigma_a_free            ? 
_refine_analyze.Luzzati_d_res_low_free          ? 
_refine_analyze.number_disordered_residues      ? 
_refine_analyze.occupancy_sum_non_hydrogen      ? 
_refine_analyze.occupancy_sum_hydrogen          ? 
_refine_analyze.pdbx_Luzzati_d_res_high_obs     ? 
_refine_analyze.pdbx_refine_id                  'X-RAY DIFFRACTION' 
# 
_refine_hist.pdbx_refine_id                   'X-RAY DIFFRACTION' 
_refine_hist.cycle_id                         LAST 
_refine_hist.pdbx_number_atoms_protein        948 
_refine_hist.pdbx_number_atoms_nucleic_acid   0 
_refine_hist.pdbx_number_atoms_ligand         15 
_refine_hist.number_atoms_solvent             229 
_refine_hist.number_atoms_total               1192 
_refine_hist.d_res_high                       1.350 
_refine_hist.d_res_low                        25.000 
# 
loop_
_refine_ls_restr.type 
_refine_ls_restr.number 
_refine_ls_restr.dev_ideal 
_refine_ls_restr.dev_ideal_target 
_refine_ls_restr.weight 
_refine_ls_restr.pdbx_refine_id 
_refine_ls_restr.pdbx_restraint_function 
r_bond_refined_d         987  0.015  0.022  ? 'X-RAY DIFFRACTION' ? 
r_angle_refined_deg      1357 1.561  1.993  ? 'X-RAY DIFFRACTION' ? 
r_dihedral_angle_1_deg   141  5.867  5.000  ? 'X-RAY DIFFRACTION' ? 
r_dihedral_angle_2_deg   29   30.861 25.517 ? 'X-RAY DIFFRACTION' ? 
r_dihedral_angle_3_deg   164  12.224 15.000 ? 'X-RAY DIFFRACTION' ? 
r_dihedral_angle_4_deg   4    24.324 15.000 ? 'X-RAY DIFFRACTION' ? 
r_chiral_restr           159  0.103  0.200  ? 'X-RAY DIFFRACTION' ? 
r_gen_planes_refined     737  0.008  0.020  ? 'X-RAY DIFFRACTION' ? 
r_nbd_refined            534  0.233  0.200  ? 'X-RAY DIFFRACTION' ? 
r_nbtor_refined          702  0.306  0.200  ? 'X-RAY DIFFRACTION' ? 
r_xyhbond_nbd_refined    186  0.158  0.200  ? 'X-RAY DIFFRACTION' ? 
r_symmetry_vdw_refined   58   0.217  0.200  ? 'X-RAY DIFFRACTION' ? 
r_symmetry_hbond_refined 49   0.135  0.200  ? 'X-RAY DIFFRACTION' ? 
r_mcbond_it              675  0.969  1.500  ? 'X-RAY DIFFRACTION' ? 
r_mcangle_it             1078 1.428  2.000  ? 'X-RAY DIFFRACTION' ? 
r_scbond_it              343  2.217  3.000  ? 'X-RAY DIFFRACTION' ? 
r_scangle_it             279  3.470  4.500  ? 'X-RAY DIFFRACTION' ? 
# 
_refine_ls_shell.d_res_high                       1.350 
_refine_ls_shell.d_res_low                        1.385 
_refine_ls_shell.pdbx_total_number_of_bins_used   20 
_refine_ls_shell.percent_reflns_obs               99.810 
_refine_ls_shell.number_reflns_R_work             1501 
_refine_ls_shell.R_factor_all                     ? 
_refine_ls_shell.R_factor_R_work                  0.207 
_refine_ls_shell.R_factor_R_free                  0.259 
_refine_ls_shell.percent_reflns_R_free            ? 
_refine_ls_shell.number_reflns_R_free             76 
_refine_ls_shell.R_factor_R_free_error            ? 
_refine_ls_shell.number_reflns_all                ? 
_refine_ls_shell.number_reflns_obs                1577 
_refine_ls_shell.redundancy_reflns_obs            ? 
_refine_ls_shell.pdbx_refine_id                   'X-RAY DIFFRACTION' 
# 
_struct.entry_id                  2PY0 
_struct.title                     'Crystal structure of Cs1 pilin chimera' 
_struct.pdbx_model_details        ? 
_struct.pdbx_CASP_flag            ? 
_struct.pdbx_model_type_details   ? 
# 
_struct_keywords.entry_id        2PY0 
_struct_keywords.pdbx_keywords   'CELL ADHESION' 
_struct_keywords.text            'TYPE IV PILUS, CONSENSUS SEQUENCE, PSEUDOMONAS AERUGINOSA, MONOMERIC PILIN, CELL ADHESION' 
# 
loop_
_struct_asym.id 
_struct_asym.pdbx_blank_PDB_chainid_flag 
_struct_asym.pdbx_modified 
_struct_asym.entity_id 
_struct_asym.details 
A N N 1 ? 
B N N 2 ? 
C N N 3 ? 
# 
_struct_ref.id                         1 
_struct_ref.db_name                    UNP 
_struct_ref.db_code                    FMPA_PSEAE 
_struct_ref.pdbx_db_accession          P02973 
_struct_ref.entity_id                  1 
_struct_ref.pdbx_seq_one_letter_code   
;ARSEGASALASVNPLKTTVEEALSRGWSVKSGTGTEDATKKEVPLGVAADANKLGTIALKPDPADGTADITLTFTMGGAG
PKNKGKIITLTRTAADGLWKCTSDQDEQFIPKGCS
;
_struct_ref.pdbx_align_begin           35 
_struct_ref.pdbx_db_isoform            ? 
# 
_struct_ref_seq.align_id                      1 
_struct_ref_seq.ref_id                        1 
_struct_ref_seq.pdbx_PDB_id_code              2PY0 
_struct_ref_seq.pdbx_strand_id                A 
_struct_ref_seq.seq_align_beg                 6 
_struct_ref_seq.pdbx_seq_align_beg_ins_code   ? 
_struct_ref_seq.seq_align_end                 120 
_struct_ref_seq.pdbx_seq_align_end_ins_code   ? 
_struct_ref_seq.pdbx_db_accession             P02973 
_struct_ref_seq.db_align_beg                  35 
_struct_ref_seq.pdbx_db_align_beg_ins_code    ? 
_struct_ref_seq.db_align_end                  149 
_struct_ref_seq.pdbx_db_align_end_ins_code    ? 
_struct_ref_seq.pdbx_auth_seq_align_beg       29 
_struct_ref_seq.pdbx_auth_seq_align_end       143 
# 
loop_
_struct_ref_seq_dif.align_id 
_struct_ref_seq_dif.pdbx_pdb_id_code 
_struct_ref_seq_dif.mon_id 
_struct_ref_seq_dif.pdbx_pdb_strand_id 
_struct_ref_seq_dif.seq_num 
_struct_ref_seq_dif.pdbx_pdb_ins_code 
_struct_ref_seq_dif.pdbx_seq_db_name 
_struct_ref_seq_dif.pdbx_seq_db_accession_code 
_struct_ref_seq_dif.db_mon_id 
_struct_ref_seq_dif.pdbx_seq_db_seq_num 
_struct_ref_seq_dif.details 
_struct_ref_seq_dif.pdbx_auth_seq_num 
_struct_ref_seq_dif.pdbx_ordinal 
1 2PY0 GLU A 1   ? UNP P02973 ?   ?   'expression tag'      24  1 
1 2PY0 GLY A 2   ? UNP P02973 ?   ?   'expression tag'      25  2 
1 2PY0 THR A 3   ? UNP P02973 ?   ?   'expression tag'      26  3 
1 2PY0 ALA A 4   ? UNP P02973 ?   ?   'expression tag'      27  4 
1 2PY0 PHE A 5   ? UNP P02973 ?   ?   'expression tag'      28  5 
1 2PY0 LYS A 107 ? UNP P02973 THR 136 'engineered mutation' 130 6 
1 2PY0 PRO A 112 ? UNP P02973 GLU 141 'engineered mutation' 135 7 
# 
_pdbx_struct_assembly.id                   1 
_pdbx_struct_assembly.details              author_defined_assembly 
_pdbx_struct_assembly.method_details       ? 
_pdbx_struct_assembly.oligomeric_details   monomeric 
_pdbx_struct_assembly.oligomeric_count     1 
# 
_pdbx_struct_assembly_gen.assembly_id       1 
_pdbx_struct_assembly_gen.oper_expression   1 
_pdbx_struct_assembly_gen.asym_id_list      A,B,C 
# 
_pdbx_struct_oper_list.id                   1 
_pdbx_struct_oper_list.type                 'identity operation' 
_pdbx_struct_oper_list.name                 1_555 
_pdbx_struct_oper_list.symmetry_operation   x,y,z 
_pdbx_struct_oper_list.matrix[1][1]         1.0000000000 
_pdbx_struct_oper_list.matrix[1][2]         0.0000000000 
_pdbx_struct_oper_list.matrix[1][3]         0.0000000000 
_pdbx_struct_oper_list.vector[1]            0.0000000000 
_pdbx_struct_oper_list.matrix[2][1]         0.0000000000 
_pdbx_struct_oper_list.matrix[2][2]         1.0000000000 
_pdbx_struct_oper_list.matrix[2][3]         0.0000000000 
_pdbx_struct_oper_list.vector[2]            0.0000000000 
_pdbx_struct_oper_list.matrix[3][1]         0.0000000000 
_pdbx_struct_oper_list.matrix[3][2]         0.0000000000 
_pdbx_struct_oper_list.matrix[3][3]         1.0000000000 
_pdbx_struct_oper_list.vector[3]            0.0000000000 
# 
loop_
_struct_conf.conf_type_id 
_struct_conf.id 
_struct_conf.pdbx_PDB_helix_id 
_struct_conf.beg_label_comp_id 
_struct_conf.beg_label_asym_id 
_struct_conf.beg_label_seq_id 
_struct_conf.pdbx_beg_PDB_ins_code 
_struct_conf.end_label_comp_id 
_struct_conf.end_label_asym_id 
_struct_conf.end_label_seq_id 
_struct_conf.pdbx_end_PDB_ins_code 
_struct_conf.beg_auth_comp_id 
_struct_conf.beg_auth_asym_id 
_struct_conf.beg_auth_seq_id 
_struct_conf.end_auth_comp_id 
_struct_conf.end_auth_asym_id 
_struct_conf.end_auth_seq_id 
_struct_conf.pdbx_PDB_helix_class 
_struct_conf.details 
_struct_conf.pdbx_PDB_helix_length 
HELX_P HELX_P1 1 GLY A 2   ? ASN A 18  ? GLY A 25  ASN A 41  1 ? 17 
HELX_P HELX_P2 2 PRO A 19  ? ARG A 30  ? PRO A 42  ARG A 53  1 ? 12 
HELX_P HELX_P3 3 ASP A 111 ? ILE A 115 ? ASP A 134 ILE A 138 5 ? 5  
# 
_struct_conf_type.id          HELX_P 
_struct_conf_type.criteria    ? 
_struct_conf_type.reference   ? 
# 
_struct_conn.id                            disulf1 
_struct_conn.conn_type_id                  disulf 
_struct_conn.pdbx_leaving_atom_flag        ? 
_struct_conn.pdbx_PDB_id                   ? 
_struct_conn.ptnr1_label_asym_id           A 
_struct_conn.ptnr1_label_comp_id           CYS 
_struct_conn.ptnr1_label_seq_id            106 
_struct_conn.ptnr1_label_atom_id           SG 
_struct_conn.pdbx_ptnr1_label_alt_id       ? 
_struct_conn.pdbx_ptnr1_PDB_ins_code       ? 
_struct_conn.pdbx_ptnr1_standard_comp_id   ? 
_struct_conn.ptnr1_symmetry                1_555 
_struct_conn.ptnr2_label_asym_id           A 
_struct_conn.ptnr2_label_comp_id           CYS 
_struct_conn.ptnr2_label_seq_id            119 
_struct_conn.ptnr2_label_atom_id           SG 
_struct_conn.pdbx_ptnr2_label_alt_id       ? 
_struct_conn.pdbx_ptnr2_PDB_ins_code       ? 
_struct_conn.ptnr1_auth_asym_id            A 
_struct_conn.ptnr1_auth_comp_id            CYS 
_struct_conn.ptnr1_auth_seq_id             129 
_struct_conn.ptnr2_auth_asym_id            A 
_struct_conn.ptnr2_auth_comp_id            CYS 
_struct_conn.ptnr2_auth_seq_id             142 
_struct_conn.ptnr2_symmetry                1_555 
_struct_conn.pdbx_ptnr3_label_atom_id      ? 
_struct_conn.pdbx_ptnr3_label_seq_id       ? 
_struct_conn.pdbx_ptnr3_label_comp_id      ? 
_struct_conn.pdbx_ptnr3_label_asym_id      ? 
_struct_conn.pdbx_ptnr3_label_alt_id       ? 
_struct_conn.pdbx_ptnr3_PDB_ins_code       ? 
_struct_conn.details                       ? 
_struct_conn.pdbx_dist_value               2.019 
_struct_conn.pdbx_value_order              ? 
_struct_conn.pdbx_role                     ? 
# 
_struct_conn_type.id          disulf 
_struct_conn_type.criteria    ? 
_struct_conn_type.reference   ? 
# 
_pdbx_modification_feature.ordinal                            1 
_pdbx_modification_feature.label_comp_id                      CYS 
_pdbx_modification_feature.label_asym_id                      A 
_pdbx_modification_feature.label_seq_id                       106 
_pdbx_modification_feature.label_alt_id                       ? 
_pdbx_modification_feature.modified_residue_label_comp_id     CYS 
_pdbx_modification_feature.modified_residue_label_asym_id     A 
_pdbx_modification_feature.modified_residue_label_seq_id      119 
_pdbx_modification_feature.modified_residue_label_alt_id      ? 
_pdbx_modification_feature.auth_comp_id                       CYS 
_pdbx_modification_feature.auth_asym_id                       A 
_pdbx_modification_feature.auth_seq_id                        129 
_pdbx_modification_feature.PDB_ins_code                       ? 
_pdbx_modification_feature.symmetry                           1_555 
_pdbx_modification_feature.modified_residue_auth_comp_id      CYS 
_pdbx_modification_feature.modified_residue_auth_asym_id      A 
_pdbx_modification_feature.modified_residue_auth_seq_id       142 
_pdbx_modification_feature.modified_residue_PDB_ins_code      ? 
_pdbx_modification_feature.modified_residue_symmetry          1_555 
_pdbx_modification_feature.comp_id_linking_atom               SG 
_pdbx_modification_feature.modified_residue_id_linking_atom   SG 
_pdbx_modification_feature.modified_residue_id                . 
_pdbx_modification_feature.ref_pcm_id                         . 
_pdbx_modification_feature.ref_comp_id                        . 
_pdbx_modification_feature.type                               None 
_pdbx_modification_feature.category                           'Disulfide bridge' 
# 
loop_
_struct_mon_prot_cis.pdbx_id 
_struct_mon_prot_cis.label_comp_id 
_struct_mon_prot_cis.label_seq_id 
_struct_mon_prot_cis.label_asym_id 
_struct_mon_prot_cis.label_alt_id 
_struct_mon_prot_cis.pdbx_PDB_ins_code 
_struct_mon_prot_cis.auth_comp_id 
_struct_mon_prot_cis.auth_seq_id 
_struct_mon_prot_cis.auth_asym_id 
_struct_mon_prot_cis.pdbx_label_comp_id_2 
_struct_mon_prot_cis.pdbx_label_seq_id_2 
_struct_mon_prot_cis.pdbx_label_asym_id_2 
_struct_mon_prot_cis.pdbx_PDB_ins_code_2 
_struct_mon_prot_cis.pdbx_auth_comp_id_2 
_struct_mon_prot_cis.pdbx_auth_seq_id_2 
_struct_mon_prot_cis.pdbx_auth_asym_id_2 
_struct_mon_prot_cis.pdbx_PDB_model_num 
_struct_mon_prot_cis.pdbx_omega_angle 
1 LYS 65 A . ? LYS 88 A PRO 66 A ? PRO 89 A 1 -10.03 
2 ASP 67 A . ? ASP 90 A PRO 68 A ? PRO 91 A 1 6.96   
# 
loop_
_struct_sheet.id 
_struct_sheet.type 
_struct_sheet.number_strands 
_struct_sheet.details 
A ? 2 ? 
B ? 4 ? 
# 
loop_
_struct_sheet_order.sheet_id 
_struct_sheet_order.range_id_1 
_struct_sheet_order.range_id_2 
_struct_sheet_order.offset 
_struct_sheet_order.sense 
A 1 2 ? parallel      
B 1 2 ? anti-parallel 
B 2 3 ? anti-parallel 
B 3 4 ? anti-parallel 
# 
loop_
_struct_sheet_range.sheet_id 
_struct_sheet_range.id 
_struct_sheet_range.beg_label_comp_id 
_struct_sheet_range.beg_label_asym_id 
_struct_sheet_range.beg_label_seq_id 
_struct_sheet_range.pdbx_beg_PDB_ins_code 
_struct_sheet_range.end_label_comp_id 
_struct_sheet_range.end_label_asym_id 
_struct_sheet_range.end_label_seq_id 
_struct_sheet_range.pdbx_end_PDB_ins_code 
_struct_sheet_range.beg_auth_comp_id 
_struct_sheet_range.beg_auth_asym_id 
_struct_sheet_range.beg_auth_seq_id 
_struct_sheet_range.end_auth_comp_id 
_struct_sheet_range.end_auth_asym_id 
_struct_sheet_range.end_auth_seq_id 
A 1 SER A 33  ? LYS A 35  ? SER A 56  LYS A 58  
A 2 GLU A 47  ? PRO A 49  ? GLU A 70  PRO A 72  
B 1 THR A 61  ? LYS A 65  ? THR A 84  LYS A 88  
B 2 ILE A 75  ? THR A 80  ? ILE A 98  THR A 103 
B 3 ILE A 92  ? ARG A 97  ? ILE A 115 ARG A 120 
B 4 TRP A 104 ? SER A 108 ? TRP A 127 SER A 131 
# 
loop_
_pdbx_struct_sheet_hbond.sheet_id 
_pdbx_struct_sheet_hbond.range_id_1 
_pdbx_struct_sheet_hbond.range_id_2 
_pdbx_struct_sheet_hbond.range_1_label_atom_id 
_pdbx_struct_sheet_hbond.range_1_label_comp_id 
_pdbx_struct_sheet_hbond.range_1_label_asym_id 
_pdbx_struct_sheet_hbond.range_1_label_seq_id 
_pdbx_struct_sheet_hbond.range_1_PDB_ins_code 
_pdbx_struct_sheet_hbond.range_1_auth_atom_id 
_pdbx_struct_sheet_hbond.range_1_auth_comp_id 
_pdbx_struct_sheet_hbond.range_1_auth_asym_id 
_pdbx_struct_sheet_hbond.range_1_auth_seq_id 
_pdbx_struct_sheet_hbond.range_2_label_atom_id 
_pdbx_struct_sheet_hbond.range_2_label_comp_id 
_pdbx_struct_sheet_hbond.range_2_label_asym_id 
_pdbx_struct_sheet_hbond.range_2_label_seq_id 
_pdbx_struct_sheet_hbond.range_2_PDB_ins_code 
_pdbx_struct_sheet_hbond.range_2_auth_atom_id 
_pdbx_struct_sheet_hbond.range_2_auth_comp_id 
_pdbx_struct_sheet_hbond.range_2_auth_asym_id 
_pdbx_struct_sheet_hbond.range_2_auth_seq_id 
A 1 2 N SER A 33 ? N SER A 56  O VAL A 48  ? O VAL A 71  
B 1 2 N LYS A 65 ? N LYS A 88  O THR A 76  ? O THR A 99  
B 2 3 N LEU A 77 ? N LEU A 100 O LEU A 95  ? O LEU A 118 
B 3 4 N THR A 94 ? N THR A 117 O LYS A 107 ? O LYS A 130 
# 
_struct_site.id                   AC1 
_struct_site.pdbx_evidence_code   Software 
_struct_site.pdbx_auth_asym_id    A 
_struct_site.pdbx_auth_comp_id    EPE 
_struct_site.pdbx_auth_seq_id     430 
_struct_site.pdbx_auth_ins_code   ? 
_struct_site.pdbx_num_residues    11 
_struct_site.details              'BINDING SITE FOR RESIDUE EPE A 430' 
# 
loop_
_struct_site_gen.id 
_struct_site_gen.site_id 
_struct_site_gen.pdbx_num_res 
_struct_site_gen.label_comp_id 
_struct_site_gen.label_asym_id 
_struct_site_gen.label_seq_id 
_struct_site_gen.pdbx_auth_ins_code 
_struct_site_gen.auth_comp_id 
_struct_site_gen.auth_asym_id 
_struct_site_gen.auth_seq_id 
_struct_site_gen.label_atom_id 
_struct_site_gen.label_alt_id 
_struct_site_gen.symmetry 
_struct_site_gen.details 
1  AC1 11 GLU A 1  ? GLU A 24  . ? 1_555 ? 
2  AC1 11 GLY A 2  ? GLY A 25  . ? 1_555 ? 
3  AC1 11 THR A 3  ? THR A 26  . ? 1_555 ? 
4  AC1 11 ALA A 4  ? ALA A 27  . ? 1_555 ? 
5  AC1 11 ARG A 30 ? ARG A 53  . ? 3_645 ? 
6  AC1 11 TRP A 32 ? TRP A 55  . ? 3_645 ? 
7  AC1 11 HOH C .  ? HOH A 491 . ? 1_555 ? 
8  AC1 11 HOH C .  ? HOH A 532 . ? 1_555 ? 
9  AC1 11 HOH C .  ? HOH A 596 . ? 1_555 ? 
10 AC1 11 HOH C .  ? HOH A 621 . ? 1_555 ? 
11 AC1 11 HOH C .  ? HOH A 657 . ? 1_555 ? 
# 
_pdbx_entry_details.entry_id                   2PY0 
_pdbx_entry_details.compound_details           ? 
_pdbx_entry_details.source_details             ? 
_pdbx_entry_details.nonpolymer_details         ? 
_pdbx_entry_details.sequence_details           ? 
_pdbx_entry_details.has_ligand_of_interest     ? 
_pdbx_entry_details.has_protein_modification   Y 
# 
_pdbx_validate_rmsd_angle.id                         1 
_pdbx_validate_rmsd_angle.PDB_model_num              1 
_pdbx_validate_rmsd_angle.auth_atom_id_1             CG 
_pdbx_validate_rmsd_angle.auth_asym_id_1             A 
_pdbx_validate_rmsd_angle.auth_comp_id_1             MET 
_pdbx_validate_rmsd_angle.auth_seq_id_1              104 
_pdbx_validate_rmsd_angle.PDB_ins_code_1             ? 
_pdbx_validate_rmsd_angle.label_alt_id_1             ? 
_pdbx_validate_rmsd_angle.auth_atom_id_2             SD 
_pdbx_validate_rmsd_angle.auth_asym_id_2             A 
_pdbx_validate_rmsd_angle.auth_comp_id_2             MET 
_pdbx_validate_rmsd_angle.auth_seq_id_2              104 
_pdbx_validate_rmsd_angle.PDB_ins_code_2             ? 
_pdbx_validate_rmsd_angle.label_alt_id_2             ? 
_pdbx_validate_rmsd_angle.auth_atom_id_3             CE 
_pdbx_validate_rmsd_angle.auth_asym_id_3             A 
_pdbx_validate_rmsd_angle.auth_comp_id_3             MET 
_pdbx_validate_rmsd_angle.auth_seq_id_3              104 
_pdbx_validate_rmsd_angle.PDB_ins_code_3             ? 
_pdbx_validate_rmsd_angle.label_alt_id_3             ? 
_pdbx_validate_rmsd_angle.angle_value                86.41 
_pdbx_validate_rmsd_angle.angle_target_value         100.20 
_pdbx_validate_rmsd_angle.angle_deviation            -13.79 
_pdbx_validate_rmsd_angle.angle_standard_deviation   1.60 
_pdbx_validate_rmsd_angle.linker_flag                N 
# 
_pdbx_phasing_MR.entry_id                     2PY0 
_pdbx_phasing_MR.method_rotation              ? 
_pdbx_phasing_MR.method_translation           ? 
_pdbx_phasing_MR.model_details                ? 
_pdbx_phasing_MR.R_factor                     ? 
_pdbx_phasing_MR.R_rigid_body                 ? 
_pdbx_phasing_MR.correlation_coeff_Fo_to_Fc   ? 
_pdbx_phasing_MR.correlation_coeff_Io_to_Ic   ? 
_pdbx_phasing_MR.d_res_high_rotation          2.500 
_pdbx_phasing_MR.d_res_low_rotation           21.250 
_pdbx_phasing_MR.d_res_high_translation       2.500 
_pdbx_phasing_MR.d_res_low_translation        21.250 
_pdbx_phasing_MR.packing                      ? 
_pdbx_phasing_MR.reflns_percent_rotation      ? 
_pdbx_phasing_MR.reflns_percent_translation   ? 
_pdbx_phasing_MR.sigma_F_rotation             ? 
_pdbx_phasing_MR.sigma_F_translation          ? 
_pdbx_phasing_MR.sigma_I_rotation             ? 
_pdbx_phasing_MR.sigma_I_translation          ? 
# 
loop_
_chem_comp_atom.comp_id 
_chem_comp_atom.atom_id 
_chem_comp_atom.type_symbol 
_chem_comp_atom.pdbx_aromatic_flag 
_chem_comp_atom.pdbx_stereo_config 
_chem_comp_atom.pdbx_ordinal 
ALA N    N N N 1   
ALA CA   C N S 2   
ALA C    C N N 3   
ALA O    O N N 4   
ALA CB   C N N 5   
ALA OXT  O N N 6   
ALA H    H N N 7   
ALA H2   H N N 8   
ALA HA   H N N 9   
ALA HB1  H N N 10  
ALA HB2  H N N 11  
ALA HB3  H N N 12  
ALA HXT  H N N 13  
ARG N    N N N 14  
ARG CA   C N S 15  
ARG C    C N N 16  
ARG O    O N N 17  
ARG CB   C N N 18  
ARG CG   C N N 19  
ARG CD   C N N 20  
ARG NE   N N N 21  
ARG CZ   C N N 22  
ARG NH1  N N N 23  
ARG NH2  N N N 24  
ARG OXT  O N N 25  
ARG H    H N N 26  
ARG H2   H N N 27  
ARG HA   H N N 28  
ARG HB2  H N N 29  
ARG HB3  H N N 30  
ARG HG2  H N N 31  
ARG HG3  H N N 32  
ARG HD2  H N N 33  
ARG HD3  H N N 34  
ARG HE   H N N 35  
ARG HH11 H N N 36  
ARG HH12 H N N 37  
ARG HH21 H N N 38  
ARG HH22 H N N 39  
ARG HXT  H N N 40  
ASN N    N N N 41  
ASN CA   C N S 42  
ASN C    C N N 43  
ASN O    O N N 44  
ASN CB   C N N 45  
ASN CG   C N N 46  
ASN OD1  O N N 47  
ASN ND2  N N N 48  
ASN OXT  O N N 49  
ASN H    H N N 50  
ASN H2   H N N 51  
ASN HA   H N N 52  
ASN HB2  H N N 53  
ASN HB3  H N N 54  
ASN HD21 H N N 55  
ASN HD22 H N N 56  
ASN HXT  H N N 57  
ASP N    N N N 58  
ASP CA   C N S 59  
ASP C    C N N 60  
ASP O    O N N 61  
ASP CB   C N N 62  
ASP CG   C N N 63  
ASP OD1  O N N 64  
ASP OD2  O N N 65  
ASP OXT  O N N 66  
ASP H    H N N 67  
ASP H2   H N N 68  
ASP HA   H N N 69  
ASP HB2  H N N 70  
ASP HB3  H N N 71  
ASP HD2  H N N 72  
ASP HXT  H N N 73  
CYS N    N N N 74  
CYS CA   C N R 75  
CYS C    C N N 76  
CYS O    O N N 77  
CYS CB   C N N 78  
CYS SG   S N N 79  
CYS OXT  O N N 80  
CYS H    H N N 81  
CYS H2   H N N 82  
CYS HA   H N N 83  
CYS HB2  H N N 84  
CYS HB3  H N N 85  
CYS HG   H N N 86  
CYS HXT  H N N 87  
EPE N1   N N N 88  
EPE C2   C N N 89  
EPE C3   C N N 90  
EPE N4   N N N 91  
EPE C5   C N N 92  
EPE C6   C N N 93  
EPE C7   C N N 94  
EPE C8   C N N 95  
EPE O8   O N N 96  
EPE C9   C N N 97  
EPE C10  C N N 98  
EPE S    S N N 99  
EPE O1S  O N N 100 
EPE O2S  O N N 101 
EPE O3S  O N N 102 
EPE H21  H N N 103 
EPE H22  H N N 104 
EPE H31  H N N 105 
EPE H32  H N N 106 
EPE H51  H N N 107 
EPE H52  H N N 108 
EPE H61  H N N 109 
EPE H62  H N N 110 
EPE H71  H N N 111 
EPE H72  H N N 112 
EPE H81  H N N 113 
EPE H82  H N N 114 
EPE HO8  H N N 115 
EPE H91  H N N 116 
EPE H92  H N N 117 
EPE H101 H N N 118 
EPE H102 H N N 119 
EPE HOS3 H N N 120 
GLN N    N N N 121 
GLN CA   C N S 122 
GLN C    C N N 123 
GLN O    O N N 124 
GLN CB   C N N 125 
GLN CG   C N N 126 
GLN CD   C N N 127 
GLN OE1  O N N 128 
GLN NE2  N N N 129 
GLN OXT  O N N 130 
GLN H    H N N 131 
GLN H2   H N N 132 
GLN HA   H N N 133 
GLN HB2  H N N 134 
GLN HB3  H N N 135 
GLN HG2  H N N 136 
GLN HG3  H N N 137 
GLN HE21 H N N 138 
GLN HE22 H N N 139 
GLN HXT  H N N 140 
GLU N    N N N 141 
GLU CA   C N S 142 
GLU C    C N N 143 
GLU O    O N N 144 
GLU CB   C N N 145 
GLU CG   C N N 146 
GLU CD   C N N 147 
GLU OE1  O N N 148 
GLU OE2  O N N 149 
GLU OXT  O N N 150 
GLU H    H N N 151 
GLU H2   H N N 152 
GLU HA   H N N 153 
GLU HB2  H N N 154 
GLU HB3  H N N 155 
GLU HG2  H N N 156 
GLU HG3  H N N 157 
GLU HE2  H N N 158 
GLU HXT  H N N 159 
GLY N    N N N 160 
GLY CA   C N N 161 
GLY C    C N N 162 
GLY O    O N N 163 
GLY OXT  O N N 164 
GLY H    H N N 165 
GLY H2   H N N 166 
GLY HA2  H N N 167 
GLY HA3  H N N 168 
GLY HXT  H N N 169 
HOH O    O N N 170 
HOH H1   H N N 171 
HOH H2   H N N 172 
ILE N    N N N 173 
ILE CA   C N S 174 
ILE C    C N N 175 
ILE O    O N N 176 
ILE CB   C N S 177 
ILE CG1  C N N 178 
ILE CG2  C N N 179 
ILE CD1  C N N 180 
ILE OXT  O N N 181 
ILE H    H N N 182 
ILE H2   H N N 183 
ILE HA   H N N 184 
ILE HB   H N N 185 
ILE HG12 H N N 186 
ILE HG13 H N N 187 
ILE HG21 H N N 188 
ILE HG22 H N N 189 
ILE HG23 H N N 190 
ILE HD11 H N N 191 
ILE HD12 H N N 192 
ILE HD13 H N N 193 
ILE HXT  H N N 194 
LEU N    N N N 195 
LEU CA   C N S 196 
LEU C    C N N 197 
LEU O    O N N 198 
LEU CB   C N N 199 
LEU CG   C N N 200 
LEU CD1  C N N 201 
LEU CD2  C N N 202 
LEU OXT  O N N 203 
LEU H    H N N 204 
LEU H2   H N N 205 
LEU HA   H N N 206 
LEU HB2  H N N 207 
LEU HB3  H N N 208 
LEU HG   H N N 209 
LEU HD11 H N N 210 
LEU HD12 H N N 211 
LEU HD13 H N N 212 
LEU HD21 H N N 213 
LEU HD22 H N N 214 
LEU HD23 H N N 215 
LEU HXT  H N N 216 
LYS N    N N N 217 
LYS CA   C N S 218 
LYS C    C N N 219 
LYS O    O N N 220 
LYS CB   C N N 221 
LYS CG   C N N 222 
LYS CD   C N N 223 
LYS CE   C N N 224 
LYS NZ   N N N 225 
LYS OXT  O N N 226 
LYS H    H N N 227 
LYS H2   H N N 228 
LYS HA   H N N 229 
LYS HB2  H N N 230 
LYS HB3  H N N 231 
LYS HG2  H N N 232 
LYS HG3  H N N 233 
LYS HD2  H N N 234 
LYS HD3  H N N 235 
LYS HE2  H N N 236 
LYS HE3  H N N 237 
LYS HZ1  H N N 238 
LYS HZ2  H N N 239 
LYS HZ3  H N N 240 
LYS HXT  H N N 241 
MET N    N N N 242 
MET CA   C N S 243 
MET C    C N N 244 
MET O    O N N 245 
MET CB   C N N 246 
MET CG   C N N 247 
MET SD   S N N 248 
MET CE   C N N 249 
MET OXT  O N N 250 
MET H    H N N 251 
MET H2   H N N 252 
MET HA   H N N 253 
MET HB2  H N N 254 
MET HB3  H N N 255 
MET HG2  H N N 256 
MET HG3  H N N 257 
MET HE1  H N N 258 
MET HE2  H N N 259 
MET HE3  H N N 260 
MET HXT  H N N 261 
PHE N    N N N 262 
PHE CA   C N S 263 
PHE C    C N N 264 
PHE O    O N N 265 
PHE CB   C N N 266 
PHE CG   C Y N 267 
PHE CD1  C Y N 268 
PHE CD2  C Y N 269 
PHE CE1  C Y N 270 
PHE CE2  C Y N 271 
PHE CZ   C Y N 272 
PHE OXT  O N N 273 
PHE H    H N N 274 
PHE H2   H N N 275 
PHE HA   H N N 276 
PHE HB2  H N N 277 
PHE HB3  H N N 278 
PHE HD1  H N N 279 
PHE HD2  H N N 280 
PHE HE1  H N N 281 
PHE HE2  H N N 282 
PHE HZ   H N N 283 
PHE HXT  H N N 284 
PRO N    N N N 285 
PRO CA   C N S 286 
PRO C    C N N 287 
PRO O    O N N 288 
PRO CB   C N N 289 
PRO CG   C N N 290 
PRO CD   C N N 291 
PRO OXT  O N N 292 
PRO H    H N N 293 
PRO HA   H N N 294 
PRO HB2  H N N 295 
PRO HB3  H N N 296 
PRO HG2  H N N 297 
PRO HG3  H N N 298 
PRO HD2  H N N 299 
PRO HD3  H N N 300 
PRO HXT  H N N 301 
SER N    N N N 302 
SER CA   C N S 303 
SER C    C N N 304 
SER O    O N N 305 
SER CB   C N N 306 
SER OG   O N N 307 
SER OXT  O N N 308 
SER H    H N N 309 
SER H2   H N N 310 
SER HA   H N N 311 
SER HB2  H N N 312 
SER HB3  H N N 313 
SER HG   H N N 314 
SER HXT  H N N 315 
THR N    N N N 316 
THR CA   C N S 317 
THR C    C N N 318 
THR O    O N N 319 
THR CB   C N R 320 
THR OG1  O N N 321 
THR CG2  C N N 322 
THR OXT  O N N 323 
THR H    H N N 324 
THR H2   H N N 325 
THR HA   H N N 326 
THR HB   H N N 327 
THR HG1  H N N 328 
THR HG21 H N N 329 
THR HG22 H N N 330 
THR HG23 H N N 331 
THR HXT  H N N 332 
TRP N    N N N 333 
TRP CA   C N S 334 
TRP C    C N N 335 
TRP O    O N N 336 
TRP CB   C N N 337 
TRP CG   C Y N 338 
TRP CD1  C Y N 339 
TRP CD2  C Y N 340 
TRP NE1  N Y N 341 
TRP CE2  C Y N 342 
TRP CE3  C Y N 343 
TRP CZ2  C Y N 344 
TRP CZ3  C Y N 345 
TRP CH2  C Y N 346 
TRP OXT  O N N 347 
TRP H    H N N 348 
TRP H2   H N N 349 
TRP HA   H N N 350 
TRP HB2  H N N 351 
TRP HB3  H N N 352 
TRP HD1  H N N 353 
TRP HE1  H N N 354 
TRP HE3  H N N 355 
TRP HZ2  H N N 356 
TRP HZ3  H N N 357 
TRP HH2  H N N 358 
TRP HXT  H N N 359 
VAL N    N N N 360 
VAL CA   C N S 361 
VAL C    C N N 362 
VAL O    O N N 363 
VAL CB   C N N 364 
VAL CG1  C N N 365 
VAL CG2  C N N 366 
VAL OXT  O N N 367 
VAL H    H N N 368 
VAL H2   H N N 369 
VAL HA   H N N 370 
VAL HB   H N N 371 
VAL HG11 H N N 372 
VAL HG12 H N N 373 
VAL HG13 H N N 374 
VAL HG21 H N N 375 
VAL HG22 H N N 376 
VAL HG23 H N N 377 
VAL HXT  H N N 378 
# 
loop_
_chem_comp_bond.comp_id 
_chem_comp_bond.atom_id_1 
_chem_comp_bond.atom_id_2 
_chem_comp_bond.value_order 
_chem_comp_bond.pdbx_aromatic_flag 
_chem_comp_bond.pdbx_stereo_config 
_chem_comp_bond.pdbx_ordinal 
ALA N   CA   sing N N 1   
ALA N   H    sing N N 2   
ALA N   H2   sing N N 3   
ALA CA  C    sing N N 4   
ALA CA  CB   sing N N 5   
ALA CA  HA   sing N N 6   
ALA C   O    doub N N 7   
ALA C   OXT  sing N N 8   
ALA CB  HB1  sing N N 9   
ALA CB  HB2  sing N N 10  
ALA CB  HB3  sing N N 11  
ALA OXT HXT  sing N N 12  
ARG N   CA   sing N N 13  
ARG N   H    sing N N 14  
ARG N   H2   sing N N 15  
ARG CA  C    sing N N 16  
ARG CA  CB   sing N N 17  
ARG CA  HA   sing N N 18  
ARG C   O    doub N N 19  
ARG C   OXT  sing N N 20  
ARG CB  CG   sing N N 21  
ARG CB  HB2  sing N N 22  
ARG CB  HB3  sing N N 23  
ARG CG  CD   sing N N 24  
ARG CG  HG2  sing N N 25  
ARG CG  HG3  sing N N 26  
ARG CD  NE   sing N N 27  
ARG CD  HD2  sing N N 28  
ARG CD  HD3  sing N N 29  
ARG NE  CZ   sing N N 30  
ARG NE  HE   sing N N 31  
ARG CZ  NH1  sing N N 32  
ARG CZ  NH2  doub N N 33  
ARG NH1 HH11 sing N N 34  
ARG NH1 HH12 sing N N 35  
ARG NH2 HH21 sing N N 36  
ARG NH2 HH22 sing N N 37  
ARG OXT HXT  sing N N 38  
ASN N   CA   sing N N 39  
ASN N   H    sing N N 40  
ASN N   H2   sing N N 41  
ASN CA  C    sing N N 42  
ASN CA  CB   sing N N 43  
ASN CA  HA   sing N N 44  
ASN C   O    doub N N 45  
ASN C   OXT  sing N N 46  
ASN CB  CG   sing N N 47  
ASN CB  HB2  sing N N 48  
ASN CB  HB3  sing N N 49  
ASN CG  OD1  doub N N 50  
ASN CG  ND2  sing N N 51  
ASN ND2 HD21 sing N N 52  
ASN ND2 HD22 sing N N 53  
ASN OXT HXT  sing N N 54  
ASP N   CA   sing N N 55  
ASP N   H    sing N N 56  
ASP N   H2   sing N N 57  
ASP CA  C    sing N N 58  
ASP CA  CB   sing N N 59  
ASP CA  HA   sing N N 60  
ASP C   O    doub N N 61  
ASP C   OXT  sing N N 62  
ASP CB  CG   sing N N 63  
ASP CB  HB2  sing N N 64  
ASP CB  HB3  sing N N 65  
ASP CG  OD1  doub N N 66  
ASP CG  OD2  sing N N 67  
ASP OD2 HD2  sing N N 68  
ASP OXT HXT  sing N N 69  
CYS N   CA   sing N N 70  
CYS N   H    sing N N 71  
CYS N   H2   sing N N 72  
CYS CA  C    sing N N 73  
CYS CA  CB   sing N N 74  
CYS CA  HA   sing N N 75  
CYS C   O    doub N N 76  
CYS C   OXT  sing N N 77  
CYS CB  SG   sing N N 78  
CYS CB  HB2  sing N N 79  
CYS CB  HB3  sing N N 80  
CYS SG  HG   sing N N 81  
CYS OXT HXT  sing N N 82  
EPE N1  C2   sing N N 83  
EPE N1  C6   sing N N 84  
EPE N1  C9   sing N N 85  
EPE C2  C3   sing N N 86  
EPE C2  H21  sing N N 87  
EPE C2  H22  sing N N 88  
EPE C3  N4   sing N N 89  
EPE C3  H31  sing N N 90  
EPE C3  H32  sing N N 91  
EPE N4  C5   sing N N 92  
EPE N4  C7   sing N N 93  
EPE C5  C6   sing N N 94  
EPE C5  H51  sing N N 95  
EPE C5  H52  sing N N 96  
EPE C6  H61  sing N N 97  
EPE C6  H62  sing N N 98  
EPE C7  C8   sing N N 99  
EPE C7  H71  sing N N 100 
EPE C7  H72  sing N N 101 
EPE C8  O8   sing N N 102 
EPE C8  H81  sing N N 103 
EPE C8  H82  sing N N 104 
EPE O8  HO8  sing N N 105 
EPE C9  C10  sing N N 106 
EPE C9  H91  sing N N 107 
EPE C9  H92  sing N N 108 
EPE C10 S    sing N N 109 
EPE C10 H101 sing N N 110 
EPE C10 H102 sing N N 111 
EPE S   O1S  doub N N 112 
EPE S   O2S  doub N N 113 
EPE S   O3S  sing N N 114 
EPE O3S HOS3 sing N N 115 
GLN N   CA   sing N N 116 
GLN N   H    sing N N 117 
GLN N   H2   sing N N 118 
GLN CA  C    sing N N 119 
GLN CA  CB   sing N N 120 
GLN CA  HA   sing N N 121 
GLN C   O    doub N N 122 
GLN C   OXT  sing N N 123 
GLN CB  CG   sing N N 124 
GLN CB  HB2  sing N N 125 
GLN CB  HB3  sing N N 126 
GLN CG  CD   sing N N 127 
GLN CG  HG2  sing N N 128 
GLN CG  HG3  sing N N 129 
GLN CD  OE1  doub N N 130 
GLN CD  NE2  sing N N 131 
GLN NE2 HE21 sing N N 132 
GLN NE2 HE22 sing N N 133 
GLN OXT HXT  sing N N 134 
GLU N   CA   sing N N 135 
GLU N   H    sing N N 136 
GLU N   H2   sing N N 137 
GLU CA  C    sing N N 138 
GLU CA  CB   sing N N 139 
GLU CA  HA   sing N N 140 
GLU C   O    doub N N 141 
GLU C   OXT  sing N N 142 
GLU CB  CG   sing N N 143 
GLU CB  HB2  sing N N 144 
GLU CB  HB3  sing N N 145 
GLU CG  CD   sing N N 146 
GLU CG  HG2  sing N N 147 
GLU CG  HG3  sing N N 148 
GLU CD  OE1  doub N N 149 
GLU CD  OE2  sing N N 150 
GLU OE2 HE2  sing N N 151 
GLU OXT HXT  sing N N 152 
GLY N   CA   sing N N 153 
GLY N   H    sing N N 154 
GLY N   H2   sing N N 155 
GLY CA  C    sing N N 156 
GLY CA  HA2  sing N N 157 
GLY CA  HA3  sing N N 158 
GLY C   O    doub N N 159 
GLY C   OXT  sing N N 160 
GLY OXT HXT  sing N N 161 
HOH O   H1   sing N N 162 
HOH O   H2   sing N N 163 
ILE N   CA   sing N N 164 
ILE N   H    sing N N 165 
ILE N   H2   sing N N 166 
ILE CA  C    sing N N 167 
ILE CA  CB   sing N N 168 
ILE CA  HA   sing N N 169 
ILE C   O    doub N N 170 
ILE C   OXT  sing N N 171 
ILE CB  CG1  sing N N 172 
ILE CB  CG2  sing N N 173 
ILE CB  HB   sing N N 174 
ILE CG1 CD1  sing N N 175 
ILE CG1 HG12 sing N N 176 
ILE CG1 HG13 sing N N 177 
ILE CG2 HG21 sing N N 178 
ILE CG2 HG22 sing N N 179 
ILE CG2 HG23 sing N N 180 
ILE CD1 HD11 sing N N 181 
ILE CD1 HD12 sing N N 182 
ILE CD1 HD13 sing N N 183 
ILE OXT HXT  sing N N 184 
LEU N   CA   sing N N 185 
LEU N   H    sing N N 186 
LEU N   H2   sing N N 187 
LEU CA  C    sing N N 188 
LEU CA  CB   sing N N 189 
LEU CA  HA   sing N N 190 
LEU C   O    doub N N 191 
LEU C   OXT  sing N N 192 
LEU CB  CG   sing N N 193 
LEU CB  HB2  sing N N 194 
LEU CB  HB3  sing N N 195 
LEU CG  CD1  sing N N 196 
LEU CG  CD2  sing N N 197 
LEU CG  HG   sing N N 198 
LEU CD1 HD11 sing N N 199 
LEU CD1 HD12 sing N N 200 
LEU CD1 HD13 sing N N 201 
LEU CD2 HD21 sing N N 202 
LEU CD2 HD22 sing N N 203 
LEU CD2 HD23 sing N N 204 
LEU OXT HXT  sing N N 205 
LYS N   CA   sing N N 206 
LYS N   H    sing N N 207 
LYS N   H2   sing N N 208 
LYS CA  C    sing N N 209 
LYS CA  CB   sing N N 210 
LYS CA  HA   sing N N 211 
LYS C   O    doub N N 212 
LYS C   OXT  sing N N 213 
LYS CB  CG   sing N N 214 
LYS CB  HB2  sing N N 215 
LYS CB  HB3  sing N N 216 
LYS CG  CD   sing N N 217 
LYS CG  HG2  sing N N 218 
LYS CG  HG3  sing N N 219 
LYS CD  CE   sing N N 220 
LYS CD  HD2  sing N N 221 
LYS CD  HD3  sing N N 222 
LYS CE  NZ   sing N N 223 
LYS CE  HE2  sing N N 224 
LYS CE  HE3  sing N N 225 
LYS NZ  HZ1  sing N N 226 
LYS NZ  HZ2  sing N N 227 
LYS NZ  HZ3  sing N N 228 
LYS OXT HXT  sing N N 229 
MET N   CA   sing N N 230 
MET N   H    sing N N 231 
MET N   H2   sing N N 232 
MET CA  C    sing N N 233 
MET CA  CB   sing N N 234 
MET CA  HA   sing N N 235 
MET C   O    doub N N 236 
MET C   OXT  sing N N 237 
MET CB  CG   sing N N 238 
MET CB  HB2  sing N N 239 
MET CB  HB3  sing N N 240 
MET CG  SD   sing N N 241 
MET CG  HG2  sing N N 242 
MET CG  HG3  sing N N 243 
MET SD  CE   sing N N 244 
MET CE  HE1  sing N N 245 
MET CE  HE2  sing N N 246 
MET CE  HE3  sing N N 247 
MET OXT HXT  sing N N 248 
PHE N   CA   sing N N 249 
PHE N   H    sing N N 250 
PHE N   H2   sing N N 251 
PHE CA  C    sing N N 252 
PHE CA  CB   sing N N 253 
PHE CA  HA   sing N N 254 
PHE C   O    doub N N 255 
PHE C   OXT  sing N N 256 
PHE CB  CG   sing N N 257 
PHE CB  HB2  sing N N 258 
PHE CB  HB3  sing N N 259 
PHE CG  CD1  doub Y N 260 
PHE CG  CD2  sing Y N 261 
PHE CD1 CE1  sing Y N 262 
PHE CD1 HD1  sing N N 263 
PHE CD2 CE2  doub Y N 264 
PHE CD2 HD2  sing N N 265 
PHE CE1 CZ   doub Y N 266 
PHE CE1 HE1  sing N N 267 
PHE CE2 CZ   sing Y N 268 
PHE CE2 HE2  sing N N 269 
PHE CZ  HZ   sing N N 270 
PHE OXT HXT  sing N N 271 
PRO N   CA   sing N N 272 
PRO N   CD   sing N N 273 
PRO N   H    sing N N 274 
PRO CA  C    sing N N 275 
PRO CA  CB   sing N N 276 
PRO CA  HA   sing N N 277 
PRO C   O    doub N N 278 
PRO C   OXT  sing N N 279 
PRO CB  CG   sing N N 280 
PRO CB  HB2  sing N N 281 
PRO CB  HB3  sing N N 282 
PRO CG  CD   sing N N 283 
PRO CG  HG2  sing N N 284 
PRO CG  HG3  sing N N 285 
PRO CD  HD2  sing N N 286 
PRO CD  HD3  sing N N 287 
PRO OXT HXT  sing N N 288 
SER N   CA   sing N N 289 
SER N   H    sing N N 290 
SER N   H2   sing N N 291 
SER CA  C    sing N N 292 
SER CA  CB   sing N N 293 
SER CA  HA   sing N N 294 
SER C   O    doub N N 295 
SER C   OXT  sing N N 296 
SER CB  OG   sing N N 297 
SER CB  HB2  sing N N 298 
SER CB  HB3  sing N N 299 
SER OG  HG   sing N N 300 
SER OXT HXT  sing N N 301 
THR N   CA   sing N N 302 
THR N   H    sing N N 303 
THR N   H2   sing N N 304 
THR CA  C    sing N N 305 
THR CA  CB   sing N N 306 
THR CA  HA   sing N N 307 
THR C   O    doub N N 308 
THR C   OXT  sing N N 309 
THR CB  OG1  sing N N 310 
THR CB  CG2  sing N N 311 
THR CB  HB   sing N N 312 
THR OG1 HG1  sing N N 313 
THR CG2 HG21 sing N N 314 
THR CG2 HG22 sing N N 315 
THR CG2 HG23 sing N N 316 
THR OXT HXT  sing N N 317 
TRP N   CA   sing N N 318 
TRP N   H    sing N N 319 
TRP N   H2   sing N N 320 
TRP CA  C    sing N N 321 
TRP CA  CB   sing N N 322 
TRP CA  HA   sing N N 323 
TRP C   O    doub N N 324 
TRP C   OXT  sing N N 325 
TRP CB  CG   sing N N 326 
TRP CB  HB2  sing N N 327 
TRP CB  HB3  sing N N 328 
TRP CG  CD1  doub Y N 329 
TRP CG  CD2  sing Y N 330 
TRP CD1 NE1  sing Y N 331 
TRP CD1 HD1  sing N N 332 
TRP CD2 CE2  doub Y N 333 
TRP CD2 CE3  sing Y N 334 
TRP NE1 CE2  sing Y N 335 
TRP NE1 HE1  sing N N 336 
TRP CE2 CZ2  sing Y N 337 
TRP CE3 CZ3  doub Y N 338 
TRP CE3 HE3  sing N N 339 
TRP CZ2 CH2  doub Y N 340 
TRP CZ2 HZ2  sing N N 341 
TRP CZ3 CH2  sing Y N 342 
TRP CZ3 HZ3  sing N N 343 
TRP CH2 HH2  sing N N 344 
TRP OXT HXT  sing N N 345 
VAL N   CA   sing N N 346 
VAL N   H    sing N N 347 
VAL N   H2   sing N N 348 
VAL CA  C    sing N N 349 
VAL CA  CB   sing N N 350 
VAL CA  HA   sing N N 351 
VAL C   O    doub N N 352 
VAL C   OXT  sing N N 353 
VAL CB  CG1  sing N N 354 
VAL CB  CG2  sing N N 355 
VAL CB  HB   sing N N 356 
VAL CG1 HG11 sing N N 357 
VAL CG1 HG12 sing N N 358 
VAL CG1 HG13 sing N N 359 
VAL CG2 HG21 sing N N 360 
VAL CG2 HG22 sing N N 361 
VAL CG2 HG23 sing N N 362 
VAL OXT HXT  sing N N 363 
# 
_pdbx_initial_refinement_model.id               1 
_pdbx_initial_refinement_model.entity_id_list   ? 
_pdbx_initial_refinement_model.type             'experimental model' 
_pdbx_initial_refinement_model.source_name      PDB 
_pdbx_initial_refinement_model.accession_code   1DZO 
_pdbx_initial_refinement_model.details          '1DZO, residues 25-127, backbone atoms only.' 
# 
_atom_sites.entry_id                    2PY0 
_atom_sites.fract_transf_matrix[1][1]   0.00478384 
_atom_sites.fract_transf_matrix[1][2]   0.01445956 
_atom_sites.fract_transf_matrix[1][3]   0.03164792 
_atom_sites.fract_transf_matrix[2][1]   0.00781169 
_atom_sites.fract_transf_matrix[2][2]   -0.01607647 
_atom_sites.fract_transf_matrix[2][3]   0.00616435 
_atom_sites.fract_transf_matrix[3][1]   0.01409687 
_atom_sites.fract_transf_matrix[3][2]   0.00513341 
_atom_sites.fract_transf_matrix[3][3]   -0.00447625 
_atom_sites.fract_transf_vector[1]      0.231903 
_atom_sites.fract_transf_vector[2]      0.153587 
_atom_sites.fract_transf_vector[3]      0.272001 
# 
loop_
_atom_type.symbol 
C 
N 
O 
S 
# 
loop_
_atom_site.group_PDB 
_atom_site.id 
_atom_site.type_symbol 
_atom_site.label_atom_id 
_atom_site.label_alt_id 
_atom_site.label_comp_id 
_atom_site.label_asym_id 
_atom_site.label_entity_id 
_atom_site.label_seq_id 
_atom_site.pdbx_PDB_ins_code 
_atom_site.Cartn_x 
_atom_site.Cartn_y 
_atom_site.Cartn_z 
_atom_site.occupancy 
_atom_site.B_iso_or_equiv 
_atom_site.pdbx_formal_charge 
_atom_site.auth_seq_id 
_atom_site.auth_comp_id 
_atom_site.auth_asym_id 
_atom_site.auth_atom_id 
_atom_site.pdbx_PDB_model_num 
ATOM   1    N N   . GLU A 1 1   ? 10.892  24.898  9.360   1.00 29.13  ? 24  GLU A N   1 
ATOM   2    C CA  . GLU A 1 1   ? 11.632  23.893  8.554   1.00 28.97  ? 24  GLU A CA  1 
ATOM   3    C C   . GLU A 1 1   ? 10.792  22.662  8.175   1.00 27.61  ? 24  GLU A C   1 
ATOM   4    O O   . GLU A 1 1   ? 10.723  22.323  6.999   1.00 28.01  ? 24  GLU A O   1 
ATOM   5    C CB  . GLU A 1 1   ? 12.920  23.483  9.260   1.00 29.58  ? 24  GLU A CB  1 
ATOM   6    C CG  . GLU A 1 1   ? 13.999  22.970  8.319   1.00 30.81  ? 24  GLU A CG  1 
ATOM   7    C CD  . GLU A 1 1   ? 14.020  21.465  8.220   1.00 32.57  ? 24  GLU A CD  1 
ATOM   8    O OE1 . GLU A 1 1   ? 13.337  20.808  9.029   1.00 33.05  ? 24  GLU A OE1 1 
ATOM   9    O OE2 . GLU A 1 1   ? 14.734  20.938  7.340   1.00 35.21  ? 24  GLU A OE2 1 
ATOM   10   N N   . GLY A 1 2   ? 10.201  21.976  9.159   1.00 25.74  ? 25  GLY A N   1 
ATOM   11   C CA  . GLY A 1 2   ? 9.146   20.979  8.889   1.00 22.91  ? 25  GLY A CA  1 
ATOM   12   C C   . GLY A 1 2   ? 9.545   19.552  8.521   1.00 21.01  ? 25  GLY A C   1 
ATOM   13   O O   . GLY A 1 2   ? 8.757   18.829  7.894   1.00 18.47  ? 25  GLY A O   1 
ATOM   14   N N   . THR A 1 3   ? 10.747  19.126  8.911   1.00 19.72  ? 26  THR A N   1 
ATOM   15   C CA  . THR A 1 3   ? 11.251  17.779  8.590   1.00 18.66  ? 26  THR A CA  1 
ATOM   16   C C   . THR A 1 3   ? 10.469  16.686  9.285   1.00 16.89  ? 26  THR A C   1 
ATOM   17   O O   . THR A 1 3   ? 10.074  15.692  8.665   1.00 15.55  ? 26  THR A O   1 
ATOM   18   C CB  . THR A 1 3   ? 12.739  17.653  8.955   1.00 18.94  ? 26  THR A CB  1 
ATOM   19   O OG1 . THR A 1 3   ? 13.514  18.470  8.065   1.00 20.85  ? 26  THR A OG1 1 
ATOM   20   C CG2 . THR A 1 3   ? 13.224  16.204  8.817   1.00 17.69  ? 26  THR A CG2 1 
ATOM   21   N N   . ALA A 1 4   ? 10.201  16.880  10.567  1.00 15.40  ? 27  ALA A N   1 
ATOM   22   C CA  . ALA A 1 4   ? 9.395   15.928  11.303  1.00 14.58  ? 27  ALA A CA  1 
ATOM   23   C C   . ALA A 1 4   ? 8.002   15.847  10.711  1.00 13.38  ? 27  ALA A C   1 
ATOM   24   O O   . ALA A 1 4   ? 7.448   14.760  10.590  1.00 12.42  ? 27  ALA A O   1 
ATOM   25   C CB  . ALA A 1 4   ? 9.315   16.320  12.774  1.00 15.37  ? 27  ALA A CB  1 
ATOM   26   N N   . PHE A 1 5   ? 7.422   16.977  10.323  1.00 12.57  ? 28  PHE A N   1 
ATOM   27   C CA  . PHE A 1 5   ? 6.071   16.926  9.774   1.00 11.87  ? 28  PHE A CA  1 
ATOM   28   C C   . PHE A 1 5   ? 6.047   16.124  8.457   1.00 11.16  ? 28  PHE A C   1 
ATOM   29   O O   . PHE A 1 5   ? 5.143   15.324  8.206   1.00 10.49  ? 28  PHE A O   1 
ATOM   30   C CB  . PHE A 1 5   ? 5.513   18.322  9.510   1.00 12.74  ? 28  PHE A CB  1 
ATOM   31   C CG  . PHE A 1 5   ? 4.136   18.293  8.936   1.00 13.33  ? 28  PHE A CG  1 
ATOM   32   C CD1 . PHE A 1 5   ? 3.059   18.004  9.754   1.00 15.44  ? 28  PHE A CD1 1 
ATOM   33   C CD2 . PHE A 1 5   ? 3.922   18.476  7.576   1.00 14.72  ? 28  PHE A CD2 1 
ATOM   34   C CE1 . PHE A 1 5   ? 1.775   17.927  9.231   1.00 14.50  ? 28  PHE A CE1 1 
ATOM   35   C CE2 . PHE A 1 5   ? 2.628   18.419  7.059   1.00 15.49  ? 28  PHE A CE2 1 
ATOM   36   C CZ  . PHE A 1 5   ? 1.565   18.161  7.901   1.00 14.24  ? 28  PHE A CZ  1 
ATOM   37   N N   . ALA A 1 6   ? 7.007   16.400  7.580   1.00 10.11  ? 29  ALA A N   1 
ATOM   38   C CA  . ALA A 1 6   ? 7.110   15.674  6.318   1.00 9.69   ? 29  ALA A CA  1 
ATOM   39   C C   . ALA A 1 6   ? 7.332   14.176  6.552   1.00 9.31   ? 29  ALA A C   1 
ATOM   40   O O   . ALA A 1 6   ? 6.751   13.335  5.835   1.00 9.22   ? 29  ALA A O   1 
ATOM   41   C CB  . ALA A 1 6   ? 8.191   16.249  5.454   1.00 10.70  ? 29  ALA A CB  1 
ATOM   42   N N   A ARG A 1 7   ? 8.151   13.809  7.537   0.50 9.01   ? 30  ARG A N   1 
ATOM   43   N N   B ARG A 1 7   ? 8.150   13.833  7.541   0.50 9.40   ? 30  ARG A N   1 
ATOM   44   C CA  A ARG A 1 7   ? 8.281   12.391  7.886   0.50 9.09   ? 30  ARG A CA  1 
ATOM   45   C CA  B ARG A 1 7   ? 8.299   12.441  7.930   0.50 9.78   ? 30  ARG A CA  1 
ATOM   46   C C   A ARG A 1 7   ? 6.965   11.816  8.403   0.50 9.57   ? 30  ARG A C   1 
ATOM   47   C C   B ARG A 1 7   ? 6.963   11.853  8.368   0.50 9.92   ? 30  ARG A C   1 
ATOM   48   O O   A ARG A 1 7   ? 6.640   10.672  8.102   0.50 9.76   ? 30  ARG A O   1 
ATOM   49   O O   B ARG A 1 7   ? 6.620   10.749  7.970   0.50 10.04  ? 30  ARG A O   1 
ATOM   50   C CB  A ARG A 1 7   ? 9.399   12.135  8.903   0.50 9.49   ? 30  ARG A CB  1 
ATOM   51   C CB  B ARG A 1 7   ? 9.321   12.296  9.053   0.50 10.57  ? 30  ARG A CB  1 
ATOM   52   C CG  A ARG A 1 7   ? 10.786  12.183  8.312   0.50 10.08  ? 30  ARG A CG  1 
ATOM   53   C CG  B ARG A 1 7   ? 10.720  12.709  8.643   0.50 12.78  ? 30  ARG A CG  1 
ATOM   54   C CD  A ARG A 1 7   ? 11.848  12.100  9.408   0.50 13.65  ? 30  ARG A CD  1 
ATOM   55   C CD  B ARG A 1 7   ? 11.715  12.439  9.767   0.50 17.28  ? 30  ARG A CD  1 
ATOM   56   N NE  A ARG A 1 7   ? 13.166  12.409  8.870   0.50 15.41  ? 30  ARG A NE  1 
ATOM   57   N NE  B ARG A 1 7   ? 11.809  11.011  10.067  0.50 20.42  ? 30  ARG A NE  1 
ATOM   58   C CZ  A ARG A 1 7   ? 14.223  12.750  9.598   0.50 16.84  ? 30  ARG A CZ  1 
ATOM   59   C CZ  B ARG A 1 7   ? 11.999  10.497  11.284  0.50 23.23  ? 30  ARG A CZ  1 
ATOM   60   N NH1 A ARG A 1 7   ? 14.142  12.815  10.925  0.50 17.82  ? 30  ARG A NH1 1 
ATOM   61   N NH1 B ARG A 1 7   ? 12.099  11.288  12.352  0.50 24.29  ? 30  ARG A NH1 1 
ATOM   62   N NH2 A ARG A 1 7   ? 15.373  13.010  8.991   0.50 18.10  ? 30  ARG A NH2 1 
ATOM   63   N NH2 B ARG A 1 7   ? 12.073  9.179   11.441  0.50 23.79  ? 30  ARG A NH2 1 
ATOM   64   N N   . SER A 1 8   ? 6.209   12.610  9.161   1.00 9.19   ? 31  SER A N   1 
ATOM   65   C CA  . SER A 1 8   ? 4.933   12.156  9.718   1.00 9.22   ? 31  SER A CA  1 
ATOM   66   C C   . SER A 1 8   ? 3.912   11.901  8.609   1.00 9.52   ? 31  SER A C   1 
ATOM   67   O O   . SER A 1 8   ? 3.095   10.984  8.716   1.00 9.59   ? 31  SER A O   1 
ATOM   68   C CB  . SER A 1 8   ? 4.397   13.138  10.750  0.50 7.38   ? 31  SER A CB  1 
ATOM   69   O OG  . SER A 1 8   ? 3.746   14.236  10.177  0.50 10.03  ? 31  SER A OG  1 
ATOM   70   N N   . GLU A 1 9   ? 3.937   12.695  7.524   1.00 8.99   ? 32  GLU A N   1 
ATOM   71   C CA  . GLU A 1 9   ? 3.055   12.426  6.396   1.00 8.98   ? 32  GLU A CA  1 
ATOM   72   C C   . GLU A 1 9   ? 3.476   11.109  5.758   1.00 8.93   ? 32  GLU A C   1 
ATOM   73   O O   . GLU A 1 9   ? 2.623   10.304  5.420   1.00 9.03   ? 32  GLU A O   1 
ATOM   74   C CB  . GLU A 1 9   ? 3.140   13.522  5.334   1.00 9.01   ? 32  GLU A CB  1 
ATOM   75   C CG  . GLU A 1 9   ? 2.474   14.820  5.698   1.00 8.94   ? 32  GLU A CG  1 
ATOM   76   C CD  . GLU A 1 9   ? 2.550   15.811  4.562   1.00 10.27  ? 32  GLU A CD  1 
ATOM   77   O OE1 . GLU A 1 9   ? 3.626   15.873  3.909   1.00 12.20  ? 32  GLU A OE1 1 
ATOM   78   O OE2 . GLU A 1 9   ? 1.583   16.548  4.280   1.00 9.52   ? 32  GLU A OE2 1 
ATOM   79   N N   . GLY A 1 10  ? 4.774   10.885  5.532   1.00 8.76   ? 33  GLY A N   1 
ATOM   80   C CA  . GLY A 1 10  ? 5.212   9.596   5.011   1.00 9.55   ? 33  GLY A CA  1 
ATOM   81   C C   . GLY A 1 10  ? 4.775   8.448   5.899   1.00 9.27   ? 33  GLY A C   1 
ATOM   82   O O   . GLY A 1 10  ? 4.372   7.391   5.398   1.00 10.59  ? 33  GLY A O   1 
ATOM   83   N N   . ALA A 1 11  ? 4.878   8.621   7.216   1.00 9.42   ? 34  ALA A N   1 
ATOM   84   C CA  . ALA A 1 11  ? 4.462   7.582   8.161   1.00 9.90   ? 34  ALA A CA  1 
ATOM   85   C C   . ALA A 1 11  ? 2.962   7.326   8.079   1.00 9.84   ? 34  ALA A C   1 
ATOM   86   O O   . ALA A 1 11  ? 2.518   6.181   8.214   1.00 9.72   ? 34  ALA A O   1 
ATOM   87   C CB  . ALA A 1 11  ? 4.863   7.959   9.579   1.00 9.69   ? 34  ALA A CB  1 
ATOM   88   N N   A SER A 1 12  ? 2.180   8.380   7.891   0.50 8.37   ? 35  SER A N   1 
ATOM   89   N N   B SER A 1 12  ? 2.180   8.379   7.874   0.50 9.82   ? 35  SER A N   1 
ATOM   90   C CA  A SER A 1 12  ? 0.737   8.231   7.715   0.50 8.19   ? 35  SER A CA  1 
ATOM   91   C CA  B SER A 1 12  ? 0.727   8.236   7.743   0.50 11.03  ? 35  SER A CA  1 
ATOM   92   C C   A SER A 1 12  ? 0.420   7.382   6.482   0.50 8.43   ? 35  SER A C   1 
ATOM   93   C C   B SER A 1 12  ? 0.310   7.502   6.455   0.50 10.00  ? 35  SER A C   1 
ATOM   94   O O   A SER A 1 12  ? -0.366  6.420   6.527   0.50 7.56   ? 35  SER A O   1 
ATOM   95   O O   B SER A 1 12  ? -0.666  6.733   6.453   0.50 10.36  ? 35  SER A O   1 
ATOM   96   C CB  A SER A 1 12  ? 0.086   9.593   7.567   0.50 7.83   ? 35  SER A CB  1 
ATOM   97   C CB  B SER A 1 12  ? 0.050   9.594   7.852   0.50 11.51  ? 35  SER A CB  1 
ATOM   98   O OG  A SER A 1 12  ? -1.325  9.437   7.488   0.50 4.67   ? 35  SER A OG  1 
ATOM   99   O OG  B SER A 1 12  ? 0.592   10.509  6.933   0.50 17.04  ? 35  SER A OG  1 
ATOM   100  N N   . ALA A 1 13  ? 1.062   7.729   5.372   1.00 9.29   ? 36  ALA A N   1 
ATOM   101  C CA  . ALA A 1 13  ? 0.912   6.982   4.112   1.00 9.44   ? 36  ALA A CA  1 
ATOM   102  C C   . ALA A 1 13  ? 1.258   5.513   4.335   1.00 10.04  ? 36  ALA A C   1 
ATOM   103  O O   . ALA A 1 13  ? 0.467   4.597   4.028   1.00 10.43  ? 36  ALA A O   1 
ATOM   104  C CB  . ALA A 1 13  ? 1.817   7.616   3.060   1.00 9.75   ? 36  ALA A CB  1 
ATOM   105  N N   . LEU A 1 14  ? 2.421   5.275   4.927   1.00 10.28  ? 37  LEU A N   1 
ATOM   106  C CA  . LEU A 1 14  ? 2.888   3.926   5.209   1.00 11.84  ? 37  LEU A CA  1 
ATOM   107  C C   . LEU A 1 14  ? 1.885   3.191   6.100   1.00 11.19  ? 37  LEU A C   1 
ATOM   108  O O   . LEU A 1 14  ? 1.576   2.019   5.862   1.00 12.52  ? 37  LEU A O   1 
ATOM   109  C CB  . LEU A 1 14  ? 4.316   3.971   5.817   1.00 11.47  ? 37  LEU A CB  1 
ATOM   110  C CG  . LEU A 1 14  ? 4.915   2.605   6.164   1.00 14.56  ? 37  LEU A CG  1 
ATOM   111  C CD1 . LEU A 1 14  ? 5.041   1.733   4.923   1.00 16.55  ? 37  LEU A CD1 1 
ATOM   112  C CD2 . LEU A 1 14  ? 6.269   2.783   6.811   1.00 14.71  ? 37  LEU A CD2 1 
ATOM   113  N N   . ALA A 1 15  ? 1.331   3.874   7.098   1.00 11.09  ? 38  ALA A N   1 
ATOM   114  C CA  . ALA A 1 15  ? 0.360   3.304   8.040   1.00 11.30  ? 38  ALA A CA  1 
ATOM   115  C C   . ALA A 1 15  ? -0.978  2.911   7.384   1.00 11.63  ? 38  ALA A C   1 
ATOM   116  O O   . ALA A 1 15  ? -1.738  2.104   7.923   1.00 12.21  ? 38  ALA A O   1 
ATOM   117  C CB  . ALA A 1 15  ? 0.123   4.229   9.266   1.00 12.12  ? 38  ALA A CB  1 
ATOM   118  N N   . SER A 1 16  ? -1.278  3.482   6.220   1.00 10.81  ? 39  SER A N   1 
ATOM   119  C CA  . SER A 1 16  ? -2.495  3.129   5.466   1.00 10.86  ? 39  SER A CA  1 
ATOM   120  C C   . SER A 1 16  ? -2.300  1.849   4.652   1.00 10.77  ? 39  SER A C   1 
ATOM   121  O O   . SER A 1 16  ? -3.241  1.064   4.512   1.00 12.63  ? 39  SER A O   1 
ATOM   122  C CB  . SER A 1 16  ? -2.917  4.276   4.542   1.00 11.00  ? 39  SER A CB  1 
ATOM   123  O OG  . SER A 1 16  ? -3.470  5.326   5.315   1.00 12.91  ? 39  SER A OG  1 
ATOM   124  N N   . VAL A 1 17  ? -1.081  1.611   4.174   1.00 9.74   ? 40  VAL A N   1 
ATOM   125  C CA  . VAL A 1 17  ? -0.805  0.431   3.343   1.00 10.62  ? 40  VAL A CA  1 
ATOM   126  C C   . VAL A 1 17  ? -0.225  -0.767  4.102   1.00 10.90  ? 40  VAL A C   1 
ATOM   127  O O   . VAL A 1 17  ? -0.477  -1.910  3.723   1.00 10.14  ? 40  VAL A O   1 
ATOM   128  C CB  . VAL A 1 17  ? 0.016   0.740   2.050   1.00 10.49  ? 40  VAL A CB  1 
ATOM   129  C CG1 . VAL A 1 17  ? -0.869  1.486   1.061   1.00 11.78  ? 40  VAL A CG1 1 
ATOM   130  C CG2 . VAL A 1 17  ? 1.289   1.517   2.353   1.00 11.23  ? 40  VAL A CG2 1 
ATOM   131  N N   A ASN A 1 18  ? 0.520   -0.509  5.174   0.50 10.75  ? 41  ASN A N   1 
ATOM   132  N N   B ASN A 1 18  ? 0.543   -0.517  5.164   0.50 11.07  ? 41  ASN A N   1 
ATOM   133  C CA  A ASN A 1 18  ? 1.145   -1.604  5.909   0.50 11.41  ? 41  ASN A CA  1 
ATOM   134  C CA  B ASN A 1 18  ? 1.135   -1.612  5.947   0.50 12.00  ? 41  ASN A CA  1 
ATOM   135  C C   A ASN A 1 18  ? 0.160   -2.678  6.416   0.50 11.84  ? 41  ASN A C   1 
ATOM   136  C C   B ASN A 1 18  ? 0.138   -2.685  6.385   0.50 12.13  ? 41  ASN A C   1 
ATOM   137  O O   A ASN A 1 18  ? 0.474   -3.868  6.324   0.50 12.39  ? 41  ASN A O   1 
ATOM   138  O O   B ASN A 1 18  ? 0.423   -3.877  6.228   0.50 12.60  ? 41  ASN A O   1 
ATOM   139  C CB  A ASN A 1 18  ? 2.019   -1.089  7.060   0.50 11.60  ? 41  ASN A CB  1 
ATOM   140  C CB  B ASN A 1 18  ? 1.843   -1.088  7.199   0.50 12.52  ? 41  ASN A CB  1 
ATOM   141  C CG  A ASN A 1 18  ? 2.926   -2.155  7.600   0.50 12.50  ? 41  ASN A CG  1 
ATOM   142  C CG  B ASN A 1 18  ? 3.284   -0.719  6.954   0.50 14.62  ? 41  ASN A CG  1 
ATOM   143  O OD1 A ASN A 1 18  ? 3.920   -2.506  6.965   0.50 14.02  ? 41  ASN A OD1 1 
ATOM   144  O OD1 B ASN A 1 18  ? 3.884   -0.023  7.773   0.50 18.48  ? 41  ASN A OD1 1 
ATOM   145  N ND2 A ASN A 1 18  ? 2.579   -2.704  8.755   0.50 14.12  ? 41  ASN A ND2 1 
ATOM   146  N ND2 B ASN A 1 18  ? 3.862   -1.192  5.859   0.50 15.97  ? 41  ASN A ND2 1 
ATOM   147  N N   . PRO A 1 19  ? -1.019  -2.283  6.946   1.00 12.06  ? 42  PRO A N   1 
ATOM   148  C CA  . PRO A 1 19  ? -2.004  -3.284  7.415   1.00 12.97  ? 42  PRO A CA  1 
ATOM   149  C C   . PRO A 1 19  ? -2.521  -4.167  6.285   1.00 13.13  ? 42  PRO A C   1 
ATOM   150  O O   . PRO A 1 19  ? -3.105  -5.213  6.573   1.00 14.67  ? 42  PRO A O   1 
ATOM   151  C CB  . PRO A 1 19  ? -3.152  -2.434  7.980   1.00 14.00  ? 42  PRO A CB  1 
ATOM   152  C CG  . PRO A 1 19  ? -2.542  -1.098  8.293   1.00 14.20  ? 42  PRO A CG  1 
ATOM   153  C CD  . PRO A 1 19  ? -1.493  -0.904  7.219   1.00 12.11  ? 42  PRO A CD  1 
ATOM   154  N N   . LEU A 1 20  ? -2.352  -3.752  5.030   1.00 11.74  ? 43  LEU A N   1 
ATOM   155  C CA  . LEU A 1 20  ? -2.862  -4.525  3.903   1.00 10.66  ? 43  LEU A CA  1 
ATOM   156  C C   . LEU A 1 20  ? -1.973  -5.715  3.585   1.00 11.20  ? 43  LEU A C   1 
ATOM   157  O O   . LEU A 1 20  ? -2.405  -6.638  2.923   1.00 11.50  ? 43  LEU A O   1 
ATOM   158  C CB  . LEU A 1 20  ? -3.057  -3.628  2.671   1.00 10.59  ? 43  LEU A CB  1 
ATOM   159  C CG  . LEU A 1 20  ? -3.919  -2.379  2.914   1.00 11.00  ? 43  LEU A CG  1 
ATOM   160  C CD1 . LEU A 1 20  ? -4.033  -1.606  1.636   1.00 13.28  ? 43  LEU A CD1 1 
ATOM   161  C CD2 . LEU A 1 20  ? -5.312  -2.782  3.425   1.00 13.76  ? 43  LEU A CD2 1 
ATOM   162  N N   . LYS A 1 21  ? -0.755  -5.734  4.107   1.00 10.80  ? 44  LYS A N   1 
ATOM   163  C CA  . LYS A 1 21  ? 0.124   -6.854  3.850   1.00 11.47  ? 44  LYS A CA  1 
ATOM   164  C C   . LYS A 1 21  ? -0.450  -8.152  4.385   1.00 10.77  ? 44  LYS A C   1 
ATOM   165  O O   . LYS A 1 21  ? -0.373  -9.177  3.687   1.00 10.15  ? 44  LYS A O   1 
ATOM   166  C CB  . LYS A 1 21  ? 1.529   -6.614  4.412   1.00 12.30  ? 44  LYS A CB  1 
ATOM   167  C CG  . LYS A 1 21  ? 2.268   -5.471  3.723   1.00 13.51  ? 44  LYS A CG  1 
ATOM   168  C CD  . LYS A 1 21  ? 3.750   -5.369  4.016   1.00 16.69  ? 44  LYS A CD  1 
ATOM   169  C CE  . LYS A 1 21  ? 4.061   -5.346  5.478   1.00 21.53  ? 44  LYS A CE  1 
ATOM   170  N NZ  . LYS A 1 21  ? 5.521   -5.004  5.638   1.00 20.65  ? 44  LYS A NZ  1 
ATOM   171  N N   A THR A 1 22  ? -1.014  -8.135  5.600   0.50 11.04  ? 45  THR A N   1 
ATOM   172  N N   B THR A 1 22  ? -0.976  -8.161  5.611   0.50 11.14  ? 45  THR A N   1 
ATOM   173  C CA  A THR A 1 22  ? -1.592  -9.356  6.163   0.50 10.64  ? 45  THR A CA  1 
ATOM   174  C CA  B THR A 1 22  ? -1.480  -9.417  6.165   0.50 11.08  ? 45  THR A CA  1 
ATOM   175  C C   A THR A 1 22  ? -2.744  -9.861  5.318   0.50 10.73  ? 45  THR A C   1 
ATOM   176  C C   B THR A 1 22  ? -2.707  -9.892  5.389   0.50 10.02  ? 45  THR A C   1 
ATOM   177  O O   A THR A 1 22  ? -2.884  -11.065 5.115   0.50 10.53  ? 45  THR A O   1 
ATOM   178  O O   B THR A 1 22  ? -2.931  -11.096 5.241   0.50 9.88   ? 45  THR A O   1 
ATOM   179  C CB  A THR A 1 22  ? -2.093  -9.224  7.641   0.50 11.20  ? 45  THR A CB  1 
ATOM   180  C CB  B THR A 1 22  ? -1.760  -9.354  7.699   0.50 11.86  ? 45  THR A CB  1 
ATOM   181  O OG1 A THR A 1 22  ? -2.251  -10.537 8.195   0.50 9.12   ? 45  THR A OG1 1 
ATOM   182  O OG1 B THR A 1 22  ? -2.806  -8.417  7.980   0.50 14.21  ? 45  THR A OG1 1 
ATOM   183  C CG2 A THR A 1 22  ? -3.448  -8.505  7.718   0.50 12.67  ? 45  THR A CG2 1 
ATOM   184  C CG2 B THR A 1 22  ? -0.513  -8.959  8.446   0.50 14.77  ? 45  THR A CG2 1 
ATOM   185  N N   A THR A 1 23  ? -3.579  -8.944  4.835   0.50 10.23  ? 46  THR A N   1 
ATOM   186  N N   B THR A 1 23  ? -3.478  -8.936  4.874   0.50 8.26   ? 46  THR A N   1 
ATOM   187  C CA  A THR A 1 23  ? -4.717  -9.380  4.027   0.50 10.81  ? 46  THR A CA  1 
ATOM   188  C CA  B THR A 1 23  ? -4.630  -9.257  4.017   0.50 7.80   ? 46  THR A CA  1 
ATOM   189  C C   A THR A 1 23  ? -4.222  -9.982  2.719   0.50 9.39   ? 46  THR A C   1 
ATOM   190  C C   B THR A 1 23  ? -4.149  -10.019 2.794   0.50 7.45   ? 46  THR A C   1 
ATOM   191  O O   A THR A 1 23  ? -4.827  -10.903 2.169   0.50 9.62   ? 46  THR A O   1 
ATOM   192  O O   B THR A 1 23  ? -4.624  -11.122 2.503   0.50 6.62   ? 46  THR A O   1 
ATOM   193  C CB  A THR A 1 23  ? -5.720  -8.256  3.732   0.50 11.25  ? 46  THR A CB  1 
ATOM   194  C CB  B THR A 1 23  ? -5.362  -7.970  3.628   0.50 6.79   ? 46  THR A CB  1 
ATOM   195  O OG1 A THR A 1 23  ? -6.826  -8.790  2.993   0.50 14.70  ? 46  THR A OG1 1 
ATOM   196  O OG1 B THR A 1 23  ? -5.801  -7.381  4.844   0.50 6.47   ? 46  THR A OG1 1 
ATOM   197  C CG2 A THR A 1 23  ? -5.093  -7.156  2.943   0.50 12.68  ? 46  THR A CG2 1 
ATOM   198  C CG2 B THR A 1 23  ? -6.597  -8.195  2.748   0.50 7.78   ? 46  THR A CG2 1 
ATOM   199  N N   A VAL A 1 24  ? -3.106  -9.467  2.211   0.50 8.64   ? 47  VAL A N   1 
ATOM   200  N N   B VAL A 1 24  ? -3.168  -9.448  2.091   0.50 8.28   ? 47  VAL A N   1 
ATOM   201  C CA  A VAL A 1 24  ? -2.525  -10.050 1.002   0.50 7.34   ? 47  VAL A CA  1 
ATOM   202  C CA  B VAL A 1 24  ? -2.590  -10.126 0.921   0.50 8.96   ? 47  VAL A CA  1 
ATOM   203  C C   A VAL A 1 24  ? -2.000  -11.435 1.318   0.50 7.63   ? 47  VAL A C   1 
ATOM   204  C C   B VAL A 1 24  ? -1.971  -11.479 1.291   0.50 8.44   ? 47  VAL A C   1 
ATOM   205  O O   A VAL A 1 24  ? -2.323  -12.403 0.624   0.50 8.40   ? 47  VAL A O   1 
ATOM   206  O O   B VAL A 1 24  ? -2.187  -12.479 0.596   0.50 8.73   ? 47  VAL A O   1 
ATOM   207  C CB  A VAL A 1 24  ? -1.409  -9.171  0.424   0.50 7.24   ? 47  VAL A CB  1 
ATOM   208  C CB  B VAL A 1 24  ? -1.574  -9.215  0.159   0.50 9.64   ? 47  VAL A CB  1 
ATOM   209  C CG1 A VAL A 1 24  ? -0.630  -9.935  -0.646  0.50 4.89   ? 47  VAL A CG1 1 
ATOM   210  C CG1 B VAL A 1 24  ? -0.408  -8.900  1.005   0.50 12.49  ? 47  VAL A CG1 1 
ATOM   211  C CG2 A VAL A 1 24  ? -2.012  -7.894  -0.170  0.50 2.62   ? 47  VAL A CG2 1 
ATOM   212  C CG2 B VAL A 1 24  ? -1.098  -9.883  -1.113  0.50 9.58   ? 47  VAL A CG2 1 
ATOM   213  N N   . GLU A 1 25  ? -1.213  -11.551 2.379   1.00 8.07   ? 48  GLU A N   1 
ATOM   214  C CA  . GLU A 1 25  ? -0.587  -12.827 2.735   1.00 8.87   ? 48  GLU A CA  1 
ATOM   215  C C   . GLU A 1 25  ? -1.639  -13.907 3.039   1.00 8.93   ? 48  GLU A C   1 
ATOM   216  O O   . GLU A 1 25  ? -1.503  -15.072 2.619   1.00 8.95   ? 48  GLU A O   1 
ATOM   217  C CB  . GLU A 1 25  ? 0.388   -12.672 3.925   1.00 9.54   ? 48  GLU A CB  1 
ATOM   218  C CG  . GLU A 1 25  ? 1.671   -11.890 3.621   1.00 11.06  ? 48  GLU A CG  1 
ATOM   219  C CD  . GLU A 1 25  ? 2.428   -12.448 2.411   1.00 14.53  ? 48  GLU A CD  1 
ATOM   220  O OE1 . GLU A 1 25  ? 2.482   -13.692 2.192   1.00 18.20  ? 48  GLU A OE1 1 
ATOM   221  O OE2 . GLU A 1 25  ? 2.993   -11.657 1.679   1.00 16.47  ? 48  GLU A OE2 1 
ATOM   222  N N   . GLU A 1 26  ? -2.674  -13.538 3.787   1.00 8.91   ? 49  GLU A N   1 
ATOM   223  C CA  . GLU A 1 26  ? -3.693  -14.524 4.113   1.00 8.91   ? 49  GLU A CA  1 
ATOM   224  C C   . GLU A 1 26  ? -4.413  -15.010 2.852   1.00 8.64   ? 49  GLU A C   1 
ATOM   225  O O   . GLU A 1 26  ? -4.661  -16.229 2.687   1.00 8.91   ? 49  GLU A O   1 
ATOM   226  C CB  . GLU A 1 26  ? -4.671  -13.941 5.125   1.00 9.38   ? 49  GLU A CB  1 
ATOM   227  C CG  . GLU A 1 26  ? -5.658  -14.957 5.760   1.00 11.47  ? 49  GLU A CG  1 
ATOM   228  C CD  . GLU A 1 26  ? -6.957  -15.163 5.018   1.00 13.80  ? 49  GLU A CD  1 
ATOM   229  O OE1 . GLU A 1 26  ? -7.182  -14.568 3.955   1.00 14.64  ? 49  GLU A OE1 1 
ATOM   230  O OE2 . GLU A 1 26  ? -7.787  -15.976 5.516   1.00 17.99  ? 49  GLU A OE2 1 
ATOM   231  N N   . ALA A 1 27  ? -4.750  -14.078 1.963   1.00 7.19   ? 50  ALA A N   1 
ATOM   232  C CA  . ALA A 1 27  ? -5.448  -14.476 0.740   1.00 7.66   ? 50  ALA A CA  1 
ATOM   233  C C   . ALA A 1 27  ? -4.579  -15.423 -0.082  1.00 7.32   ? 50  ALA A C   1 
ATOM   234  O O   . ALA A 1 27  ? -5.008  -16.517 -0.469  1.00 8.00   ? 50  ALA A O   1 
ATOM   235  C CB  . ALA A 1 27  ? -5.802  -13.259 -0.087  1.00 8.63   ? 50  ALA A CB  1 
ATOM   236  N N   . LEU A 1 28  ? -3.325  -15.049 -0.312  1.00 7.18   ? 51  LEU A N   1 
ATOM   237  C CA  . LEU A 1 28  ? -2.431  -15.881 -1.117  1.00 7.63   ? 51  LEU A CA  1 
ATOM   238  C C   . LEU A 1 28  ? -2.163  -17.225 -0.493  1.00 8.11   ? 51  LEU A C   1 
ATOM   239  O O   . LEU A 1 28  ? -2.041  -18.229 -1.201  1.00 9.09   ? 51  LEU A O   1 
ATOM   240  C CB  . LEU A 1 28  ? -1.102  -15.160 -1.370  1.00 8.45   ? 51  LEU A CB  1 
ATOM   241  C CG  . LEU A 1 28  ? -1.159  -13.854 -2.168  1.00 8.36   ? 51  LEU A CG  1 
ATOM   242  C CD1 . LEU A 1 28  ? 0.225   -13.228 -2.318  1.00 10.39  ? 51  LEU A CD1 1 
ATOM   243  C CD2 . LEU A 1 28  ? -1.830  -14.061 -3.530  1.00 9.95   ? 51  LEU A CD2 1 
ATOM   244  N N   . SER A 1 29  ? -2.136  -17.288 0.841   1.00 8.47   ? 52  SER A N   1 
ATOM   245  C CA  . SER A 1 29  ? -1.900  -18.570 1.507   1.00 8.69   ? 52  SER A CA  1 
ATOM   246  C C   . SER A 1 29  ? -3.002  -19.588 1.203   1.00 9.27   ? 52  SER A C   1 
ATOM   247  O O   . SER A 1 29  ? -2.790  -20.802 1.269   1.00 9.53   ? 52  SER A O   1 
ATOM   248  C CB  . SER A 1 29  ? -1.750  -18.358 3.017   0.50 6.02   ? 52  SER A CB  1 
ATOM   249  O OG  . SER A 1 29  ? -2.991  -18.240 3.639   0.50 6.53   ? 52  SER A OG  1 
ATOM   250  N N   . ARG A 1 30  ? -4.191  -19.093 0.908   1.00 10.80  ? 53  ARG A N   1 
ATOM   251  C CA  . ARG A 1 30  ? -5.359  -19.927 0.597   1.00 11.28  ? 53  ARG A CA  1 
ATOM   252  C C   . ARG A 1 30  ? -5.479  -20.153 -0.885  1.00 10.88  ? 53  ARG A C   1 
ATOM   253  O O   . ARG A 1 30  ? -6.410  -20.829 -1.321  1.00 12.31  ? 53  ARG A O   1 
ATOM   254  C CB  . ARG A 1 30  ? -6.628  -19.225 1.110   1.00 12.44  ? 53  ARG A CB  1 
ATOM   255  C CG  . ARG A 1 30  ? -6.703  -19.147 2.631   1.00 15.20  ? 53  ARG A CG  1 
ATOM   256  C CD  . ARG A 1 30  ? -7.563  -18.006 3.074   1.00 20.12  ? 53  ARG A CD  1 
ATOM   257  N NE  . ARG A 1 30  ? -8.917  -18.177 2.604   1.00 21.15  ? 53  ARG A NE  1 
ATOM   258  C CZ  . ARG A 1 30  ? -9.766  -17.187 2.343   1.00 19.96  ? 53  ARG A CZ  1 
ATOM   259  N NH1 . ARG A 1 30  ? -9.402  -15.918 2.469   1.00 18.20  ? 53  ARG A NH1 1 
ATOM   260  N NH2 . ARG A 1 30  ? -10.971 -17.495 1.927   1.00 20.16  ? 53  ARG A NH2 1 
ATOM   261  N N   . GLY A 1 31  ? -4.582  -19.608 -1.687  1.00 9.71   ? 54  GLY A N   1 
ATOM   262  C CA  . GLY A 1 31  ? -4.711  -19.684 -3.123  1.00 9.88   ? 54  GLY A CA  1 
ATOM   263  C C   . GLY A 1 31  ? -5.728  -18.723 -3.716  1.00 8.32   ? 54  GLY A C   1 
ATOM   264  O O   . GLY A 1 31  ? -6.122  -18.870 -4.871  1.00 7.59   ? 54  GLY A O   1 
ATOM   265  N N   . TRP A 1 32  ? -6.208  -17.785 -2.900  1.00 8.19   ? 55  TRP A N   1 
ATOM   266  C CA  . TRP A 1 32  ? -7.100  -16.714 -3.376  1.00 6.94   ? 55  TRP A CA  1 
ATOM   267  C C   . TRP A 1 32  ? -6.266  -15.548 -3.919  1.00 7.78   ? 55  TRP A C   1 
ATOM   268  O O   . TRP A 1 32  ? -5.096  -15.383 -3.571  1.00 8.94   ? 55  TRP A O   1 
ATOM   269  C CB  . TRP A 1 32  ? -8.014  -16.224 -2.237  1.00 8.03   ? 55  TRP A CB  1 
ATOM   270  C CG  . TRP A 1 32  ? -9.096  -17.192 -1.849  1.00 8.02   ? 55  TRP A CG  1 
ATOM   271  C CD1 . TRP A 1 32  ? -8.976  -18.534 -1.597  1.00 9.46   ? 55  TRP A CD1 1 
ATOM   272  C CD2 . TRP A 1 32  ? -10.485 -16.861 -1.668  1.00 7.33   ? 55  TRP A CD2 1 
ATOM   273  N NE1 . TRP A 1 32  ? -10.221 -19.053 -1.280  1.00 9.70   ? 55  TRP A NE1 1 
ATOM   274  C CE2 . TRP A 1 32  ? -11.153 -18.048 -1.315  1.00 7.72   ? 55  TRP A CE2 1 
ATOM   275  C CE3 . TRP A 1 32  ? -11.226 -15.676 -1.797  1.00 7.15   ? 55  TRP A CE3 1 
ATOM   276  C CZ2 . TRP A 1 32  ? -12.533 -18.076 -1.026  1.00 9.47   ? 55  TRP A CZ2 1 
ATOM   277  C CZ3 . TRP A 1 32  ? -12.613 -15.723 -1.548  1.00 8.90   ? 55  TRP A CZ3 1 
ATOM   278  C CH2 . TRP A 1 32  ? -13.235 -16.915 -1.169  1.00 10.43  ? 55  TRP A CH2 1 
ATOM   279  N N   . SER A 1 33  ? -6.869  -14.793 -4.822  1.00 7.14   ? 56  SER A N   1 
ATOM   280  C CA  . SER A 1 33  ? -6.284  -13.557 -5.310  1.00 7.52   ? 56  SER A CA  1 
ATOM   281  C C   . SER A 1 33  ? -6.750  -12.383 -4.457  1.00 7.46   ? 56  SER A C   1 
ATOM   282  O O   . SER A 1 33  ? -7.697  -12.508 -3.658  1.00 7.75   ? 56  SER A O   1 
ATOM   283  C CB  . SER A 1 33  ? -6.683  -13.343 -6.753  1.00 7.37   ? 56  SER A CB  1 
ATOM   284  O OG  . SER A 1 33  ? -6.188  -14.418 -7.557  1.00 8.68   ? 56  SER A OG  1 
ATOM   285  N N   A VAL A 1 34  ? -6.128  -11.238 -4.690  0.50 8.05   ? 57  VAL A N   1 
ATOM   286  N N   B VAL A 1 34  ? -6.066  -11.251 -4.608  0.50 7.87   ? 57  VAL A N   1 
ATOM   287  C CA  A VAL A 1 34  ? -6.487  -10.015 -4.005  0.50 8.52   ? 57  VAL A CA  1 
ATOM   288  C CA  B VAL A 1 34  ? -6.516  -9.994  -4.016  0.50 8.02   ? 57  VAL A CA  1 
ATOM   289  C C   A VAL A 1 34  ? -6.882  -8.950  -5.037  0.50 8.07   ? 57  VAL A C   1 
ATOM   290  C C   B VAL A 1 34  ? -6.972  -9.025  -5.089  0.50 7.82   ? 57  VAL A C   1 
ATOM   291  O O   A VAL A 1 34  ? -6.321  -8.896  -6.152  0.50 7.53   ? 57  VAL A O   1 
ATOM   292  O O   B VAL A 1 34  ? -6.535  -9.091  -6.261  0.50 6.89   ? 57  VAL A O   1 
ATOM   293  C CB  A VAL A 1 34  ? -5.372  -9.571  -3.026  0.50 9.14   ? 57  VAL A CB  1 
ATOM   294  C CB  B VAL A 1 34  ? -5.479  -9.342  -3.068  0.50 8.17   ? 57  VAL A CB  1 
ATOM   295  C CG1 A VAL A 1 34  ? -4.019  -9.448  -3.697  0.50 9.57   ? 57  VAL A CG1 1 
ATOM   296  C CG1 B VAL A 1 34  ? -5.159  -10.317 -1.952  0.50 7.56   ? 57  VAL A CG1 1 
ATOM   297  C CG2 A VAL A 1 34  ? -5.751  -8.318  -2.329  0.50 9.98   ? 57  VAL A CG2 1 
ATOM   298  C CG2 B VAL A 1 34  ? -4.215  -8.902  -3.789  0.50 9.70   ? 57  VAL A CG2 1 
ATOM   299  N N   . LYS A 1 35  ? -7.896  -8.157  -4.701  1.00 7.67   ? 58  LYS A N   1 
ATOM   300  C CA  . LYS A 1 35  ? -8.414  -7.151  -5.632  1.00 8.93   ? 58  LYS A CA  1 
ATOM   301  C C   . LYS A 1 35  ? -8.734  -5.892  -4.847  1.00 9.33   ? 58  LYS A C   1 
ATOM   302  O O   . LYS A 1 35  ? -8.759  -5.906  -3.588  1.00 9.18   ? 58  LYS A O   1 
ATOM   303  C CB  . LYS A 1 35  ? -9.655  -7.651  -6.358  1.00 9.33   ? 58  LYS A CB  1 
ATOM   304  C CG  . LYS A 1 35  ? -10.803 -7.900  -5.428  1.00 10.91  ? 58  LYS A CG  1 
ATOM   305  C CD  . LYS A 1 35  ? -12.118 -8.274  -6.150  1.00 11.39  ? 58  LYS A CD  1 
ATOM   306  C CE  . LYS A 1 35  ? -13.169 -8.596  -5.092  1.00 12.70  ? 58  LYS A CE  1 
ATOM   307  N NZ  . LYS A 1 35  ? -14.556 -8.711  -5.613  1.00 16.75  ? 58  LYS A NZ  1 
ATOM   308  N N   A SER A 1 36  ? -8.957  -4.795  -5.561  0.50 9.47   ? 59  SER A N   1 
ATOM   309  N N   B SER A 1 36  ? -8.934  -4.789  -5.552  0.50 9.88   ? 59  SER A N   1 
ATOM   310  C CA  A SER A 1 36  ? -9.462  -3.576  -4.940  0.50 10.21  ? 59  SER A CA  1 
ATOM   311  C CA  B SER A 1 36  ? -9.446  -3.593  -4.907  0.50 11.18  ? 59  SER A CA  1 
ATOM   312  C C   A SER A 1 36  ? -10.963 -3.665  -4.689  0.50 9.94   ? 59  SER A C   1 
ATOM   313  C C   B SER A 1 36  ? -10.908 -3.802  -4.542  0.50 10.56  ? 59  SER A C   1 
ATOM   314  O O   A SER A 1 36  ? -11.698 -4.342  -5.422  0.50 9.64   ? 59  SER A O   1 
ATOM   315  O O   B SER A 1 36  ? -11.547 -4.734  -5.029  0.50 11.33  ? 59  SER A O   1 
ATOM   316  C CB  A SER A 1 36  ? -9.183  -2.366  -5.832  0.50 10.78  ? 59  SER A CB  1 
ATOM   317  C CB  B SER A 1 36  ? -9.295  -2.385  -5.830  0.50 11.72  ? 59  SER A CB  1 
ATOM   318  O OG  A SER A 1 36  ? -9.793  -2.538  -7.094  0.50 10.47  ? 59  SER A OG  1 
ATOM   319  O OG  B SER A 1 36  ? -7.922  -2.130  -6.055  0.50 14.76  ? 59  SER A OG  1 
ATOM   320  N N   . GLY A 1 37  ? -11.412 -2.932  -3.678  1.00 10.85  ? 60  GLY A N   1 
ATOM   321  C CA  . GLY A 1 37  ? -12.823 -2.902  -3.330  1.00 9.97   ? 60  GLY A CA  1 
ATOM   322  C C   . GLY A 1 37  ? -13.020 -2.935  -1.822  1.00 10.09  ? 60  GLY A C   1 
ATOM   323  O O   . GLY A 1 37  ? -12.106 -3.231  -1.036  1.00 9.91   ? 60  GLY A O   1 
ATOM   324  N N   . THR A 1 38  ? -14.254 -2.654  -1.406  1.00 9.48   ? 61  THR A N   1 
ATOM   325  C CA  . THR A 1 38  ? -14.581 -2.581  0.019   1.00 9.87   ? 61  THR A CA  1 
ATOM   326  C C   . THR A 1 38  ? -15.766 -3.481  0.389   1.00 10.94  ? 61  THR A C   1 
ATOM   327  O O   . THR A 1 38  ? -16.436 -3.226  1.413   1.00 11.41  ? 61  THR A O   1 
ATOM   328  C CB  . THR A 1 38  ? -14.878 -1.113  0.465   1.00 9.73   ? 61  THR A CB  1 
ATOM   329  O OG1 . THR A 1 38  ? -16.020 -0.623  -0.231  1.00 9.95   ? 61  THR A OG1 1 
ATOM   330  C CG2 . THR A 1 38  ? -13.682 -0.213  0.169   1.00 11.21  ? 61  THR A CG2 1 
ATOM   331  N N   . GLY A 1 39  ? -16.063 -4.493  -0.435  1.00 9.83   ? 62  GLY A N   1 
ATOM   332  C CA  . GLY A 1 39  ? -17.028 -5.544  -0.061  1.00 10.24  ? 62  GLY A CA  1 
ATOM   333  C C   . GLY A 1 39  ? -16.295 -6.634  0.675   1.00 9.94   ? 62  GLY A C   1 
ATOM   334  O O   . GLY A 1 39  ? -15.279 -6.383  1.337   1.00 12.40  ? 62  GLY A O   1 
ATOM   335  N N   . THR A 1 40  ? -16.750 -7.870  0.516   1.00 8.55   ? 63  THR A N   1 
ATOM   336  C CA  . THR A 1 40  ? -16.158 -9.014  1.211   1.00 8.42   ? 63  THR A CA  1 
ATOM   337  C C   . THR A 1 40  ? -15.672 -10.035 0.185   1.00 8.30   ? 63  THR A C   1 
ATOM   338  O O   . THR A 1 40  ? -15.880 -9.881  -1.032  1.00 8.09   ? 63  THR A O   1 
ATOM   339  C CB  . THR A 1 40  ? -17.138 -9.652  2.185   1.00 7.73   ? 63  THR A CB  1 
ATOM   340  O OG1 . THR A 1 40  ? -18.331 -9.934  1.469   1.00 9.75   ? 63  THR A OG1 1 
ATOM   341  C CG2 . THR A 1 40  ? -17.436 -8.711  3.329   1.00 11.06  ? 63  THR A CG2 1 
ATOM   342  N N   . GLU A 1 41  ? -15.021 -11.060 0.665   1.00 8.50   ? 64  GLU A N   1 
ATOM   343  C CA  . GLU A 1 41  ? -14.381 -11.993 -0.234  1.00 8.33   ? 64  GLU A CA  1 
ATOM   344  C C   . GLU A 1 41  ? -15.430 -12.710 -1.071  1.00 8.92   ? 64  GLU A C   1 
ATOM   345  O O   . GLU A 1 41  ? -16.574 -12.977 -0.631  1.00 9.94   ? 64  GLU A O   1 
ATOM   346  C CB  . GLU A 1 41  ? -13.430 -12.927 0.509   1.00 10.45  ? 64  GLU A CB  1 
ATOM   347  C CG  . GLU A 1 41  ? -14.106 -13.892 1.401   1.00 12.07  ? 64  GLU A CG  1 
ATOM   348  C CD  . GLU A 1 41  ? -13.099 -14.750 2.161   1.00 14.99  ? 64  GLU A CD  1 
ATOM   349  O OE1 . GLU A 1 41  ? -11.942 -14.301 2.373   1.00 17.86  ? 64  GLU A OE1 1 
ATOM   350  O OE2 . GLU A 1 41  ? -13.510 -15.839 2.556   1.00 20.92  ? 64  GLU A OE2 1 
ATOM   351  N N   . ASP A 1 42  ? -15.052 -12.985 -2.314  1.00 8.66   ? 65  ASP A N   1 
ATOM   352  C CA  . ASP A 1 42  ? -15.986 -13.514 -3.313  1.00 10.08  ? 65  ASP A CA  1 
ATOM   353  C C   . ASP A 1 42  ? -15.486 -14.845 -3.801  1.00 12.09  ? 65  ASP A C   1 
ATOM   354  O O   . ASP A 1 42  ? -14.429 -14.881 -4.609  1.00 8.04   ? 65  ASP A O   1 
ATOM   355  C CB  . ASP A 1 42  ? -16.071 -12.548 -4.481  1.00 10.32  ? 65  ASP A CB  1 
ATOM   356  C CG  . ASP A 1 42  ? -17.186 -12.921 -5.448  1.00 14.15  ? 65  ASP A CG  1 
ATOM   357  O OD1 . ASP A 1 42  ? -17.504 -14.105 -5.517  1.00 13.28  ? 65  ASP A OD1 1 
ATOM   358  O OD2 . ASP A 1 42  ? -17.747 -12.032 -6.110  1.00 17.96  ? 65  ASP A OD2 1 
ATOM   359  N N   . ALA A 1 43  ? -16.099 -15.929 -3.355  1.00 10.27  ? 66  ALA A N   1 
ATOM   360  C CA  . ALA A 1 43  ? -15.668 -17.289 -3.685  1.00 9.79   ? 66  ALA A CA  1 
ATOM   361  C C   . ALA A 1 43  ? -15.879 -17.662 -5.149  1.00 9.35   ? 66  ALA A C   1 
ATOM   362  O O   . ALA A 1 43  ? -15.266 -18.607 -5.642  1.00 9.85   ? 66  ALA A O   1 
ATOM   363  C CB  . ALA A 1 43  ? -16.358 -18.312 -2.778  1.00 11.09  ? 66  ALA A CB  1 
ATOM   364  N N   . THR A 1 44  ? -16.725 -16.949 -5.862  1.00 9.14   ? 67  THR A N   1 
ATOM   365  C CA  . THR A 1 44  ? -16.903 -17.310 -7.268  1.00 9.99   ? 67  THR A CA  1 
ATOM   366  C C   . THR A 1 44  ? -15.583 -17.193 -8.072  1.00 11.47  ? 67  THR A C   1 
ATOM   367  O O   . THR A 1 44  ? -15.430 -17.853 -9.128  1.00 9.78   ? 67  THR A O   1 
ATOM   368  C CB  . THR A 1 44  ? -18.113 -16.553 -7.897  1.00 10.62  ? 67  THR A CB  1 
ATOM   369  O OG1 . THR A 1 44  ? -17.810 -15.169 -8.002  1.00 11.57  ? 67  THR A OG1 1 
ATOM   370  C CG2 . THR A 1 44  ? -19.375 -16.736 -7.047  1.00 11.63  ? 67  THR A CG2 1 
ATOM   371  N N   . LYS A 1 45  ? -14.789 -16.142 -7.730  1.00 8.44   ? 68  LYS A N   1 
ATOM   372  C CA  . LYS A 1 45  ? -13.511 -15.869 -8.372  1.00 9.43   ? 68  LYS A CA  1 
ATOM   373  C C   . LYS A 1 45  ? -12.365 -16.114 -7.406  1.00 8.59   ? 68  LYS A C   1 
ATOM   374  O O   . LYS A 1 45  ? -11.204 -16.045 -7.792  1.00 9.43   ? 68  LYS A O   1 
ATOM   375  C CB  . LYS A 1 45  ? -13.417 -14.430 -8.902  1.00 10.69  ? 68  LYS A CB  1 
ATOM   376  C CG  . LYS A 1 45  ? -14.456 -14.031 -9.927  1.00 14.87  ? 68  LYS A CG  1 
ATOM   377  C CD  . LYS A 1 45  ? -14.176 -14.685 -11.229 1.00 20.04  ? 68  LYS A CD  1 
ATOM   378  C CE  . LYS A 1 45  ? -12.953 -14.126 -11.921 1.00 23.52  ? 68  LYS A CE  1 
ATOM   379  N NZ  . LYS A 1 45  ? -12.814 -14.806 -13.239 1.00 27.17  ? 68  LYS A NZ  1 
ATOM   380  N N   . LYS A 1 46  ? -12.673 -16.451 -6.161  1.00 7.72   ? 69  LYS A N   1 
ATOM   381  C CA  . LYS A 1 46  ? -11.687 -16.547 -5.068  1.00 7.49   ? 69  LYS A CA  1 
ATOM   382  C C   . LYS A 1 46  ? -10.843 -15.301 -5.022  1.00 7.50   ? 69  LYS A C   1 
ATOM   383  O O   . LYS A 1 46  ? -9.632  -15.356 -5.120  1.00 7.85   ? 69  LYS A O   1 
ATOM   384  C CB  . LYS A 1 46  ? -10.863 -17.849 -5.096  1.00 7.57   ? 69  LYS A CB  1 
ATOM   385  C CG  . LYS A 1 46  ? -11.731 -19.059 -4.792  1.00 8.41   ? 69  LYS A CG  1 
ATOM   386  C CD  . LYS A 1 46  ? -10.914 -20.322 -4.760  1.00 9.82   ? 69  LYS A CD  1 
ATOM   387  C CE  . LYS A 1 46  ? -11.807 -21.531 -4.579  1.00 11.50  ? 69  LYS A CE  1 
ATOM   388  N NZ  . LYS A 1 46  ? -11.009 -22.787 -4.531  1.00 14.87  ? 69  LYS A NZ  1 
ATOM   389  N N   . GLU A 1 47  ? -11.513 -14.156 -4.916  1.00 6.41   ? 70  GLU A N   1 
ATOM   390  C CA  . GLU A 1 47  ? -10.852 -12.834 -4.806  1.00 7.92   ? 70  GLU A CA  1 
ATOM   391  C C   . GLU A 1 47  ? -11.231 -12.190 -3.477  1.00 8.06   ? 70  GLU A C   1 
ATOM   392  O O   . GLU A 1 47  ? -12.415 -12.092 -3.119  1.00 8.39   ? 70  GLU A O   1 
ATOM   393  C CB  . GLU A 1 47  ? -11.269 -11.905 -5.949  1.00 7.59   ? 70  GLU A CB  1 
ATOM   394  C CG  . GLU A 1 47  ? -10.709 -12.330 -7.293  1.00 9.86   ? 70  GLU A CG  1 
ATOM   395  C CD  . GLU A 1 47  ? -11.255 -11.559 -8.484  1.00 11.06  ? 70  GLU A CD  1 
ATOM   396  O OE1 . GLU A 1 47  ? -12.277 -10.882 -8.370  1.00 14.49  ? 70  GLU A OE1 1 
ATOM   397  O OE2 . GLU A 1 47  ? -10.651 -11.701 -9.570  1.00 14.81  ? 70  GLU A OE2 1 
ATOM   398  N N   . VAL A 1 48  ? -10.217 -11.738 -2.754  1.00 7.32   ? 71  VAL A N   1 
ATOM   399  C CA  . VAL A 1 48  ? -10.400 -11.040 -1.481  1.00 7.12   ? 71  VAL A CA  1 
ATOM   400  C C   . VAL A 1 48  ? -10.184 -9.535  -1.760  1.00 7.29   ? 71  VAL A C   1 
ATOM   401  O O   . VAL A 1 48  ? -9.087  -9.151  -2.166  1.00 7.85   ? 71  VAL A O   1 
ATOM   402  C CB  . VAL A 1 48  ? -9.347  -11.496 -0.445  1.00 6.75   ? 71  VAL A CB  1 
ATOM   403  C CG1 . VAL A 1 48  ? -9.527  -10.743 0.875   1.00 7.90   ? 71  VAL A CG1 1 
ATOM   404  C CG2 . VAL A 1 48  ? -9.420  -12.984 -0.157  1.00 7.65   ? 71  VAL A CG2 1 
ATOM   405  N N   . PRO A 1 49  ? -11.180 -8.683  -1.482  1.00 7.81   ? 72  PRO A N   1 
ATOM   406  C CA  . PRO A 1 49  ? -10.954 -7.244  -1.636  1.00 9.04   ? 72  PRO A CA  1 
ATOM   407  C C   . PRO A 1 49  ? -10.049 -6.735  -0.538  1.00 9.39   ? 72  PRO A C   1 
ATOM   408  O O   . PRO A 1 49  ? -10.076 -7.258  0.570   1.00 8.97   ? 72  PRO A O   1 
ATOM   409  C CB  . PRO A 1 49  ? -12.356 -6.640  -1.477  1.00 8.69   ? 72  PRO A CB  1 
ATOM   410  C CG  . PRO A 1 49  ? -13.048 -7.594  -0.563  1.00 11.96  ? 72  PRO A CG  1 
ATOM   411  C CD  . PRO A 1 49  ? -12.532 -8.981  -0.986  1.00 8.32   ? 72  PRO A CD  1 
ATOM   412  N N   . LEU A 1 50  ? -9.255  -5.698  -0.823  1.00 9.70   ? 73  LEU A N   1 
ATOM   413  C CA  . LEU A 1 50  ? -8.378  -5.197  0.232   1.00 11.33  ? 73  LEU A CA  1 
ATOM   414  C C   . LEU A 1 50  ? -9.112  -4.524  1.367   1.00 11.20  ? 73  LEU A C   1 
ATOM   415  O O   . LEU A 1 50  ? -8.582  -4.399  2.459   1.00 11.95  ? 73  LEU A O   1 
ATOM   416  C CB  . LEU A 1 50  ? -7.264  -4.325  -0.311  1.00 14.29  ? 73  LEU A CB  1 
ATOM   417  C CG  . LEU A 1 50  ? -6.192  -5.164  -1.025  1.00 16.47  ? 73  LEU A CG  1 
ATOM   418  C CD1 . LEU A 1 50  ? -5.117  -4.257  -1.496  1.00 18.27  ? 73  LEU A CD1 1 
ATOM   419  C CD2 . LEU A 1 50  ? -5.619  -6.254  -0.117  1.00 21.03  ? 73  LEU A CD2 1 
ATOM   420  N N   . GLY A 1 51  ? -10.343 -4.111  1.115   1.00 9.93   ? 74  GLY A N   1 
ATOM   421  C CA  . GLY A 1 51  ? -11.181 -3.646  2.219   1.00 11.68  ? 74  GLY A CA  1 
ATOM   422  C C   . GLY A 1 51  ? -11.080 -2.167  2.524   1.00 12.47  ? 74  GLY A C   1 
ATOM   423  O O   . GLY A 1 51  ? -11.727 -1.697  3.456   1.00 15.14  ? 74  GLY A O   1 
ATOM   424  N N   A VAL A 1 52  ? -10.270 -1.450  1.749   0.50 11.16  ? 75  VAL A N   1 
ATOM   425  N N   B VAL A 1 52  ? -10.303 -1.422  1.743   0.50 11.47  ? 75  VAL A N   1 
ATOM   426  C CA  A VAL A 1 52  ? -10.140 -0.009  1.897   0.50 11.16  ? 75  VAL A CA  1 
ATOM   427  C CA  B VAL A 1 52  ? -10.048 -0.004  2.007   0.50 11.94  ? 75  VAL A CA  1 
ATOM   428  C C   A VAL A 1 52  ? -10.476 0.711   0.609   0.50 10.49  ? 75  VAL A C   1 
ATOM   429  C C   B VAL A 1 52  ? -10.299 0.763   0.708   0.50 10.77  ? 75  VAL A C   1 
ATOM   430  O O   A VAL A 1 52  ? -10.302 0.210   -0.505  0.50 10.50  ? 75  VAL A O   1 
ATOM   431  O O   B VAL A 1 52  ? -9.861  0.307   -0.345  0.50 11.05  ? 75  VAL A O   1 
ATOM   432  C CB  A VAL A 1 52  ? -8.739  0.438   2.426   0.50 11.19  ? 75  VAL A CB  1 
ATOM   433  C CB  B VAL A 1 52  ? -8.568  0.198   2.492   0.50 11.92  ? 75  VAL A CB  1 
ATOM   434  C CG1 A VAL A 1 52  ? -8.482  -0.127  3.823   0.50 14.27  ? 75  VAL A CG1 1 
ATOM   435  C CG1 B VAL A 1 52  ? -8.237  1.666   2.687   0.50 13.75  ? 75  VAL A CG1 1 
ATOM   436  C CG2 A VAL A 1 52  ? -7.606  0.082   1.439   0.50 9.75   ? 75  VAL A CG2 1 
ATOM   437  C CG2 B VAL A 1 52  ? -8.273  -0.586  3.780   0.50 14.58  ? 75  VAL A CG2 1 
ATOM   438  N N   . ALA A 1 53  ? -11.011 1.900   0.769   1.00 10.19  ? 76  ALA A N   1 
ATOM   439  C CA  . ALA A 1 53  ? -11.284 2.744   -0.381  1.00 10.11  ? 76  ALA A CA  1 
ATOM   440  C C   . ALA A 1 53  ? -9.969  3.391   -0.852  1.00 10.42  ? 76  ALA A C   1 
ATOM   441  O O   . ALA A 1 53  ? -9.050  3.616   -0.047  1.00 9.84   ? 76  ALA A O   1 
ATOM   442  C CB  . ALA A 1 53  ? -12.288 3.790   0.000   1.00 11.30  ? 76  ALA A CB  1 
ATOM   443  N N   . ALA A 1 54  ? -9.866  3.682   -2.144  1.00 9.52   ? 77  ALA A N   1 
ATOM   444  C CA  . ALA A 1 54  ? -8.643  4.332   -2.656  1.00 9.64   ? 77  ALA A CA  1 
ATOM   445  C C   . ALA A 1 54  ? -8.347  5.648   -1.955  1.00 10.31  ? 77  ALA A C   1 
ATOM   446  O O   . ALA A 1 54  ? -7.170  6.018   -1.798  1.00 9.24   ? 77  ALA A O   1 
ATOM   447  C CB  . ALA A 1 54  ? -8.724  4.554   -4.132  1.00 10.48  ? 77  ALA A CB  1 
ATOM   448  N N   . ASP A 1 55  ? -9.395  6.348   -1.510  1.00 9.75   ? 78  ASP A N   1 
ATOM   449  C CA  . ASP A 1 55  ? -9.285  7.658   -0.869  1.00 10.64  ? 78  ASP A CA  1 
ATOM   450  C C   . ASP A 1 55  ? -9.444  7.597   0.641   1.00 10.43  ? 78  ASP A C   1 
ATOM   451  O O   . ASP A 1 55  ? -9.782  8.608   1.237   1.00 11.45  ? 78  ASP A O   1 
ATOM   452  C CB  . ASP A 1 55  ? -10.331 8.624   -1.458  1.00 10.58  ? 78  ASP A CB  1 
ATOM   453  C CG  . ASP A 1 55  ? -11.767 8.176   -1.199  1.00 12.14  ? 78  ASP A CG  1 
ATOM   454  O OD1 . ASP A 1 55  ? -12.002 7.001   -0.873  1.00 11.07  ? 78  ASP A OD1 1 
ATOM   455  O OD2 . ASP A 1 55  ? -12.668 9.052   -1.312  1.00 14.21  ? 78  ASP A OD2 1 
ATOM   456  N N   . ALA A 1 56  ? -9.175  6.452   1.262   1.00 10.86  ? 79  ALA A N   1 
ATOM   457  C CA  . ALA A 1 56  ? -9.388  6.352   2.706   1.00 11.52  ? 79  ALA A CA  1 
ATOM   458  C C   . ALA A 1 56  ? -8.589  7.349   3.541   1.00 11.77  ? 79  ALA A C   1 
ATOM   459  O O   . ALA A 1 56  ? -9.047  7.753   4.598   1.00 13.92  ? 79  ALA A O   1 
ATOM   460  C CB  . ALA A 1 56  ? -9.102  4.954   3.168   1.00 13.18  ? 79  ALA A CB  1 
ATOM   461  N N   . ASN A 1 57  ? -7.402  7.721   3.073   1.00 10.69  ? 80  ASN A N   1 
ATOM   462  C CA  . ASN A 1 57  ? -6.525  8.665   3.771   1.00 10.11  ? 80  ASN A CA  1 
ATOM   463  C C   . ASN A 1 57  ? -6.381  9.894   2.873   1.00 10.51  ? 80  ASN A C   1 
ATOM   464  O O   . ASN A 1 57  ? -5.891  9.792   1.744   1.00 11.18  ? 80  ASN A O   1 
ATOM   465  C CB  . ASN A 1 57  ? -5.171  7.976   3.962   1.00 9.93   ? 80  ASN A CB  1 
ATOM   466  C CG  . ASN A 1 57  ? -4.169  8.832   4.733   1.00 9.67   ? 80  ASN A CG  1 
ATOM   467  O OD1 . ASN A 1 57  ? -4.288  10.074  4.771   1.00 12.52  ? 80  ASN A OD1 1 
ATOM   468  N ND2 . ASN A 1 57  ? -3.150  8.199   5.297   1.00 9.68   ? 80  ASN A ND2 1 
ATOM   469  N N   . LYS A 1 58  ? -6.844  11.044  3.347   1.00 11.31  ? 81  LYS A N   1 
ATOM   470  C CA  . LYS A 1 58  ? -6.856  12.284  2.552   1.00 12.53  ? 81  LYS A CA  1 
ATOM   471  C C   . LYS A 1 58  ? -5.482  12.831  2.140   1.00 11.44  ? 81  LYS A C   1 
ATOM   472  O O   . LYS A 1 58  ? -5.415  13.773  1.364   1.00 11.57  ? 81  LYS A O   1 
ATOM   473  C CB  . LYS A 1 58  ? -7.714  13.347  3.256   1.00 15.34  ? 81  LYS A CB  1 
ATOM   474  C CG  . LYS A 1 58  ? -9.179  13.004  3.234   1.00 19.32  ? 81  LYS A CG  1 
ATOM   475  C CD  . LYS A 1 58  ? -9.795  13.443  1.921   1.00 24.80  ? 81  LYS A CD  1 
ATOM   476  C CE  . LYS A 1 58  ? -10.775 12.411  1.421   1.00 26.61  ? 81  LYS A CE  1 
ATOM   477  N NZ  . LYS A 1 58  ? -10.047 11.221  0.929   1.00 29.99  ? 81  LYS A NZ  1 
ATOM   478  N N   A LEU A 1 59  ? -4.374  12.241  2.614   0.50 10.15  ? 82  LEU A N   1 
ATOM   479  N N   B LEU A 1 59  ? -4.439  12.208  2.645   0.50 10.71  ? 82  LEU A N   1 
ATOM   480  C CA  A LEU A 1 59  ? -3.036  12.589  2.065   0.50 9.71   ? 82  LEU A CA  1 
ATOM   481  C CA  B LEU A 1 59  ? -3.116  12.484  2.186   0.50 10.58  ? 82  LEU A CA  1 
ATOM   482  C C   A LEU A 1 59  ? -2.829  12.090  0.637   0.50 9.09   ? 82  LEU A C   1 
ATOM   483  C C   B LEU A 1 59  ? -2.928  12.146  0.695   0.50 9.54   ? 82  LEU A C   1 
ATOM   484  O O   A LEU A 1 59  ? -1.864  12.477  -0.028  0.50 8.89   ? 82  LEU A O   1 
ATOM   485  O O   B LEU A 1 59  ? -2.124  12.759  0.032   0.50 9.05   ? 82  LEU A O   1 
ATOM   486  C CB  A LEU A 1 59  ? -1.873  12.031  2.903   0.50 9.27   ? 82  LEU A CB  1 
ATOM   487  C CB  B LEU A 1 59  ? -2.161  11.675  3.039   0.50 11.08  ? 82  LEU A CB  1 
ATOM   488  C CG  A LEU A 1 59  ? -1.579  12.612  4.277   0.50 8.90   ? 82  LEU A CG  1 
ATOM   489  C CG  B LEU A 1 59  ? -0.693  12.008  2.924   0.50 12.38  ? 82  LEU A CG  1 
ATOM   490  C CD1 A LEU A 1 59  ? -0.593  11.718  4.980   0.50 8.41   ? 82  LEU A CD1 1 
ATOM   491  C CD1 B LEU A 1 59  ? -0.376  13.451  3.315   0.50 13.15  ? 82  LEU A CD1 1 
ATOM   492  C CD2 A LEU A 1 59  ? -1.066  14.034  4.201   0.50 8.48   ? 82  LEU A CD2 1 
ATOM   493  C CD2 B LEU A 1 59  ? 0.047   11.079  3.831   0.50 10.61  ? 82  LEU A CD2 1 
ATOM   494  N N   . GLY A 1 60  ? -3.689  11.184  0.164   1.00 8.91   ? 83  GLY A N   1 
ATOM   495  C CA  . GLY A 1 60  ? -3.469  10.665  -1.175  1.00 8.88   ? 83  GLY A CA  1 
ATOM   496  C C   . GLY A 1 60  ? -4.309  9.470   -1.503  1.00 8.15   ? 83  GLY A C   1 
ATOM   497  O O   . GLY A 1 60  ? -5.433  9.331   -1.018  1.00 8.48   ? 83  GLY A O   1 
ATOM   498  N N   A THR A 1 61  ? -3.761  8.612   -2.349  0.50 7.97   ? 84  THR A N   1 
ATOM   499  N N   B THR A 1 61  ? -3.750  8.612   -2.360  0.50 8.00   ? 84  THR A N   1 
ATOM   500  C CA  A THR A 1 61  ? -4.522  7.481   -2.824  0.50 9.07   ? 84  THR A CA  1 
ATOM   501  C CA  B THR A 1 61  ? -4.491  7.521   -2.996  0.50 9.00   ? 84  THR A CA  1 
ATOM   502  C C   A THR A 1 61  ? -3.769  6.182   -2.637  0.50 8.39   ? 84  THR A C   1 
ATOM   503  C C   B THR A 1 61  ? -3.781  6.168   -2.833  0.50 8.49   ? 84  THR A C   1 
ATOM   504  O O   A THR A 1 61  ? -2.526  6.126   -2.642  0.50 8.53   ? 84  THR A O   1 
ATOM   505  O O   B THR A 1 61  ? -2.555  6.073   -3.077  0.50 8.20   ? 84  THR A O   1 
ATOM   506  C CB  A THR A 1 61  ? -4.940  7.656   -4.274  0.50 9.32   ? 84  THR A CB  1 
ATOM   507  C CB  B THR A 1 61  ? -4.688  7.800   -4.484  0.50 9.60   ? 84  THR A CB  1 
ATOM   508  O OG1 A THR A 1 61  ? -3.781  7.882   -5.077  0.50 9.79   ? 84  THR A OG1 1 
ATOM   509  O OG1 B THR A 1 61  ? -5.356  9.057   -4.669  0.50 11.69  ? 84  THR A OG1 1 
ATOM   510  C CG2 A THR A 1 61  ? -5.871  8.851   -4.420  0.50 10.99  ? 84  THR A CG2 1 
ATOM   511  C CG2 B THR A 1 61  ? -5.520  6.716   -5.085  0.50 10.48  ? 84  THR A CG2 1 
ATOM   512  N N   . ILE A 1 62  ? -4.552  5.134   -2.461  1.00 8.32   ? 85  ILE A N   1 
ATOM   513  C CA  . ILE A 1 62  ? -4.041  3.769   -2.305  1.00 8.68   ? 85  ILE A CA  1 
ATOM   514  C C   . ILE A 1 62  ? -4.326  2.977   -3.576  1.00 8.56   ? 85  ILE A C   1 
ATOM   515  O O   . ILE A 1 62  ? -5.450  3.023   -4.077  1.00 8.99   ? 85  ILE A O   1 
ATOM   516  C CB  . ILE A 1 62  ? -4.731  3.093   -1.125  1.00 8.60   ? 85  ILE A CB  1 
ATOM   517  C CG1 . ILE A 1 62  ? -4.422  3.817   0.186   1.00 9.61   ? 85  ILE A CG1 1 
ATOM   518  C CG2 . ILE A 1 62  ? -4.304  1.585   -1.047  1.00 10.64  ? 85  ILE A CG2 1 
ATOM   519  C CD1 . ILE A 1 62  ? -5.343  3.483   1.309   1.00 12.14  ? 85  ILE A CD1 1 
ATOM   520  N N   . ALA A 1 63  ? -3.328  2.258   -4.095  1.00 8.70   ? 86  ALA A N   1 
ATOM   521  C CA  . ALA A 1 63  ? -3.561  1.428   -5.276  1.00 9.43   ? 86  ALA A CA  1 
ATOM   522  C C   . ALA A 1 63  ? -2.874  0.084   -5.160  1.00 9.52   ? 86  ALA A C   1 
ATOM   523  O O   . ALA A 1 63  ? -1.769  -0.021  -4.636  1.00 9.68   ? 86  ALA A O   1 
ATOM   524  C CB  . ALA A 1 63  ? -3.120  2.132   -6.539  1.00 10.72  ? 86  ALA A CB  1 
ATOM   525  N N   . LEU A 1 64  ? -3.546  -0.928  -5.692  1.00 9.03   ? 87  LEU A N   1 
ATOM   526  C CA  . LEU A 1 64  ? -3.037  -2.299  -5.765  1.00 8.90   ? 87  LEU A CA  1 
ATOM   527  C C   . LEU A 1 64  ? -2.763  -2.620  -7.218  1.00 8.97   ? 87  LEU A C   1 
ATOM   528  O O   . LEU A 1 64  ? -3.613  -2.393  -8.082  1.00 9.60   ? 87  LEU A O   1 
ATOM   529  C CB  . LEU A 1 64  ? -4.125  -3.267  -5.242  1.00 9.31   ? 87  LEU A CB  1 
ATOM   530  C CG  . LEU A 1 64  ? -3.891  -4.757  -5.536  1.00 9.36   ? 87  LEU A CG  1 
ATOM   531  C CD1 . LEU A 1 64  ? -2.739  -5.351  -4.764  1.00 10.66  ? 87  LEU A CD1 1 
ATOM   532  C CD2 . LEU A 1 64  ? -5.164  -5.576  -5.350  1.00 9.32   ? 87  LEU A CD2 1 
ATOM   533  N N   . LYS A 1 65  ? -1.594  -3.191  -7.488  1.00 9.11   ? 88  LYS A N   1 
ATOM   534  C CA  . LYS A 1 65  ? -1.293  -3.746  -8.813  1.00 9.64   ? 88  LYS A CA  1 
ATOM   535  C C   . LYS A 1 65  ? -0.509  -5.048  -8.677  1.00 10.58  ? 88  LYS A C   1 
ATOM   536  O O   . LYS A 1 65  ? 0.329   -5.162  -7.801  1.00 10.25  ? 88  LYS A O   1 
ATOM   537  C CB  . LYS A 1 65  ? -0.445  -2.756  -9.617  1.00 11.75  ? 88  LYS A CB  1 
ATOM   538  C CG  . LYS A 1 65  ? -1.217  -1.527  -10.062 0.50 11.92  ? 88  LYS A CG  1 
ATOM   539  C CD  . LYS A 1 65  ? -2.383  -1.890  -11.006 1.00 19.36  ? 88  LYS A CD  1 
ATOM   540  C CE  . LYS A 1 65  ? -3.384  -0.762  -11.205 1.00 22.35  ? 88  LYS A CE  1 
ATOM   541  N NZ  . LYS A 1 65  ? -4.453  -0.772  -10.164 1.00 26.24  ? 88  LYS A NZ  1 
ATOM   542  N N   . PRO A 1 66  ? -0.776  -6.052  -9.531  1.00 9.31   ? 89  PRO A N   1 
ATOM   543  C CA  . PRO A 1 66  ? -1.883  -6.132  -10.475 1.00 10.12  ? 89  PRO A CA  1 
ATOM   544  C C   . PRO A 1 66  ? -3.199  -6.232  -9.683  1.00 9.79   ? 89  PRO A C   1 
ATOM   545  O O   . PRO A 1 66  ? -3.190  -6.467  -8.471  1.00 9.91   ? 89  PRO A O   1 
ATOM   546  C CB  . PRO A 1 66  ? -1.633  -7.442  -11.244 1.00 10.87  ? 89  PRO A CB  1 
ATOM   547  C CG  . PRO A 1 66  ? -0.512  -8.101  -10.612 1.00 12.89  ? 89  PRO A CG  1 
ATOM   548  C CD  . PRO A 1 66  ? 0.047   -7.280  -9.497  1.00 9.42   ? 89  PRO A CD  1 
ATOM   549  N N   . ASP A 1 67  ? -4.312  -6.047  -10.374 1.00 9.83   ? 90  ASP A N   1 
ATOM   550  C CA  . ASP A 1 67  ? -5.616  -6.049  -9.715  1.00 10.30  ? 90  ASP A CA  1 
ATOM   551  C C   . ASP A 1 67  ? -6.598  -6.737  -10.685 1.00 10.71  ? 90  ASP A C   1 
ATOM   552  O O   . ASP A 1 67  ? -7.087  -6.088  -11.602 1.00 11.57  ? 90  ASP A O   1 
ATOM   553  C CB  . ASP A 1 67  ? -6.026  -4.583  -9.443  1.00 11.15  ? 90  ASP A CB  1 
ATOM   554  C CG  . ASP A 1 67  ? -7.387  -4.450  -8.793  1.00 12.35  ? 90  ASP A CG  1 
ATOM   555  O OD1 . ASP A 1 67  ? -7.963  -5.457  -8.336  1.00 12.10  ? 90  ASP A OD1 1 
ATOM   556  O OD2 . ASP A 1 67  ? -7.888  -3.312  -8.749  1.00 15.52  ? 90  ASP A OD2 1 
ATOM   557  N N   . PRO A 1 68  ? -6.902  -8.035  -10.478 1.00 9.97   ? 91  PRO A N   1 
ATOM   558  C CA  . PRO A 1 68  ? -6.525  -8.875  -9.348  1.00 9.34   ? 91  PRO A CA  1 
ATOM   559  C C   . PRO A 1 68  ? -5.089  -9.416  -9.378  1.00 9.70   ? 91  PRO A C   1 
ATOM   560  O O   . PRO A 1 68  ? -4.489  -9.525  -10.462 1.00 9.88   ? 91  PRO A O   1 
ATOM   561  C CB  . PRO A 1 68  ? -7.528  -10.034 -9.458  1.00 9.82   ? 91  PRO A CB  1 
ATOM   562  C CG  . PRO A 1 68  ? -7.738  -10.189 -10.957 1.00 10.99  ? 91  PRO A CG  1 
ATOM   563  C CD  . PRO A 1 68  ? -7.753  -8.771  -11.453 1.00 10.21  ? 91  PRO A CD  1 
ATOM   564  N N   . ALA A 1 69  ? -4.556  -9.783  -8.220  1.00 8.61   ? 92  ALA A N   1 
ATOM   565  C CA  . ALA A 1 69  ? -3.199  -10.278 -8.091  1.00 9.03   ? 92  ALA A CA  1 
ATOM   566  C C   . ALA A 1 69  ? -3.283  -11.670 -7.493  1.00 9.44   ? 92  ALA A C   1 
ATOM   567  O O   . ALA A 1 69  ? -3.913  -11.881 -6.458  1.00 8.97   ? 92  ALA A O   1 
ATOM   568  C CB  . ALA A 1 69  ? -2.387  -9.385  -7.184  1.00 9.97   ? 92  ALA A CB  1 
ATOM   569  N N   . ASP A 1 70  ? -2.627  -12.638 -8.115  1.00 8.60   ? 93  ASP A N   1 
ATOM   570  C CA  . ASP A 1 70  ? -2.704  -14.055 -7.692  1.00 8.94   ? 93  ASP A CA  1 
ATOM   571  C C   . ASP A 1 70  ? -1.449  -14.608 -7.039  1.00 9.22   ? 93  ASP A C   1 
ATOM   572  O O   . ASP A 1 70  ? -1.403  -15.779 -6.693  1.00 9.80   ? 93  ASP A O   1 
ATOM   573  C CB  . ASP A 1 70  ? -3.141  -14.954 -8.851  1.00 10.21  ? 93  ASP A CB  1 
ATOM   574  C CG  . ASP A 1 70  ? -2.108  -15.060 -9.966  1.00 11.40  ? 93  ASP A CG  1 
ATOM   575  O OD1 . ASP A 1 70  ? -0.965  -14.549 -9.831  1.00 10.41  ? 93  ASP A OD1 1 
ATOM   576  O OD2 . ASP A 1 70  ? -2.448  -15.676 -11.015 1.00 13.38  ? 93  ASP A OD2 1 
ATOM   577  N N   . GLY A 1 71  ? -0.431  -13.775 -6.844  1.00 8.68   ? 94  GLY A N   1 
ATOM   578  C CA  . GLY A 1 71  ? 0.819   -14.228 -6.207  1.00 9.70   ? 94  GLY A CA  1 
ATOM   579  C C   . GLY A 1 71  ? 1.914   -14.755 -7.126  1.00 9.73   ? 94  GLY A C   1 
ATOM   580  O O   . GLY A 1 71  ? 3.054   -14.991 -6.690  1.00 10.89  ? 94  GLY A O   1 
ATOM   581  N N   . THR A 1 72  ? 1.589   -14.941 -8.404  1.00 8.71   ? 95  THR A N   1 
ATOM   582  C CA  . THR A 1 72  ? 2.565   -15.443 -9.390  1.00 9.71   ? 95  THR A CA  1 
ATOM   583  C C   . THR A 1 72  ? 3.333   -14.298 -10.064 1.00 10.66  ? 95  THR A C   1 
ATOM   584  O O   . THR A 1 72  ? 4.166   -14.549 -10.939 1.00 11.42  ? 95  THR A O   1 
ATOM   585  C CB  . THR A 1 72  ? 1.876   -16.286 -10.482 1.00 10.33  ? 95  THR A CB  1 
ATOM   586  O OG1 . THR A 1 72  ? 1.024   -15.466 -11.297 1.00 11.13  ? 95  THR A OG1 1 
ATOM   587  C CG2 . THR A 1 72  ? 1.043   -17.416 -9.877  1.00 11.55  ? 95  THR A CG2 1 
ATOM   588  N N   . ALA A 1 73  ? 3.045   -13.059 -9.672  1.00 9.60   ? 96  ALA A N   1 
ATOM   589  C CA  . ALA A 1 73  ? 3.754   -11.853 -10.141 1.00 10.37  ? 96  ALA A CA  1 
ATOM   590  C C   . ALA A 1 73  ? 3.986   -10.922 -8.975  1.00 9.16   ? 96  ALA A C   1 
ATOM   591  O O   . ALA A 1 73  ? 3.311   -11.017 -7.927  1.00 8.67   ? 96  ALA A O   1 
ATOM   592  C CB  . ALA A 1 73  ? 2.948   -11.135 -11.191 1.00 11.31  ? 96  ALA A CB  1 
ATOM   593  N N   . ASP A 1 74  ? 4.956   -10.026 -9.130  1.00 9.29   ? 97  ASP A N   1 
ATOM   594  C CA  . ASP A 1 74  ? 5.221   -9.037  -8.096  1.00 9.06   ? 97  ASP A CA  1 
ATOM   595  C C   . ASP A 1 74  ? 3.948   -8.218  -7.853  1.00 9.43   ? 97  ASP A C   1 
ATOM   596  O O   . ASP A 1 74  ? 3.225   -7.902  -8.790  1.00 10.49  ? 97  ASP A O   1 
ATOM   597  C CB  . ASP A 1 74  ? 6.352   -8.074  -8.519  1.00 10.22  ? 97  ASP A CB  1 
ATOM   598  C CG  . ASP A 1 74  ? 7.691   -8.756  -8.670  1.00 11.60  ? 97  ASP A CG  1 
ATOM   599  O OD1 . ASP A 1 74  ? 7.863   -9.894  -8.236  1.00 11.86  ? 97  ASP A OD1 1 
ATOM   600  O OD2 . ASP A 1 74  ? 8.580   -8.079  -9.226  1.00 15.37  ? 97  ASP A OD2 1 
ATOM   601  N N   . ILE A 1 75  ? 3.701   -7.887  -6.590  1.00 8.62   ? 98  ILE A N   1 
ATOM   602  C CA  . ILE A 1 75  ? 2.519   -7.108  -6.184  1.00 9.24   ? 98  ILE A CA  1 
ATOM   603  C C   . ILE A 1 75  ? 3.005   -5.804  -5.564  1.00 8.85   ? 98  ILE A C   1 
ATOM   604  O O   . ILE A 1 75  ? 3.969   -5.797  -4.795  1.00 9.28   ? 98  ILE A O   1 
ATOM   605  C CB  . ILE A 1 75  ? 1.679   -7.873  -5.133  1.00 9.10   ? 98  ILE A CB  1 
ATOM   606  C CG1 . ILE A 1 75  ? 1.015   -9.085  -5.783  1.00 9.52   ? 98  ILE A CG1 1 
ATOM   607  C CG2 . ILE A 1 75  ? 0.642   -6.948  -4.440  1.00 9.87   ? 98  ILE A CG2 1 
ATOM   608  C CD1 . ILE A 1 75  ? 0.427   -10.095 -4.787  1.00 8.99   ? 98  ILE A CD1 1 
ATOM   609  N N   . THR A 1 76  ? 2.385   -4.691  -5.939  1.00 8.75   ? 99  THR A N   1 
ATOM   610  C CA  . THR A 1 76  ? 2.662   -3.421  -5.266  1.00 9.46   ? 99  THR A CA  1 
ATOM   611  C C   . THR A 1 76  ? 1.414   -2.871  -4.563  1.00 9.24   ? 99  THR A C   1 
ATOM   612  O O   . THR A 1 76  ? 0.282   -2.940  -5.095  1.00 9.40   ? 99  THR A O   1 
ATOM   613  C CB  . THR A 1 76  ? 3.191   -2.340  -6.213  1.00 10.21  ? 99  THR A CB  1 
ATOM   614  O OG1 . THR A 1 76  ? 2.298   -2.200  -7.326  1.00 11.52  ? 99  THR A OG1 1 
ATOM   615  C CG2 . THR A 1 76  ? 4.596   -2.706  -6.708  1.00 10.69  ? 99  THR A CG2 1 
ATOM   616  N N   . LEU A 1 77  ? 1.635   -2.327  -3.383  1.00 8.44   ? 100 LEU A N   1 
ATOM   617  C CA  . LEU A 1 77  ? 0.660   -1.484  -2.678  1.00 8.90   ? 100 LEU A CA  1 
ATOM   618  C C   . LEU A 1 77  ? 1.303   -0.119  -2.667  1.00 8.31   ? 100 LEU A C   1 
ATOM   619  O O   . LEU A 1 77  ? 2.364   0.066   -2.045  1.00 8.60   ? 100 LEU A O   1 
ATOM   620  C CB  . LEU A 1 77  ? 0.470   -1.989  -1.243  1.00 9.07   ? 100 LEU A CB  1 
ATOM   621  C CG  . LEU A 1 77  ? -0.150  -3.377  -1.112  1.00 11.04  ? 100 LEU A CG  1 
ATOM   622  C CD1 . LEU A 1 77  ? -0.039  -3.815  0.322   1.00 12.32  ? 100 LEU A CD1 1 
ATOM   623  C CD2 . LEU A 1 77  ? -1.591  -3.304  -1.560  1.00 14.29  ? 100 LEU A CD2 1 
ATOM   624  N N   A THR A 1 78  ? 0.704   0.832   -3.360  0.50 7.71   ? 101 THR A N   1 
ATOM   625  N N   B THR A 1 78  ? 0.672   0.852   -3.317  0.50 8.08   ? 101 THR A N   1 
ATOM   626  C CA  A THR A 1 78  ? 1.276   2.165   -3.364  0.50 8.15   ? 101 THR A CA  1 
ATOM   627  C CA  B THR A 1 78  ? 1.278   2.171   -3.540  0.50 8.72   ? 101 THR A CA  1 
ATOM   628  C C   A THR A 1 78  ? 0.395   3.135   -2.612  0.50 7.38   ? 101 THR A C   1 
ATOM   629  C C   B THR A 1 78  ? 0.439   3.270   -2.875  0.50 8.14   ? 101 THR A C   1 
ATOM   630  O O   A THR A 1 78  ? -0.848  3.021   -2.551  0.50 7.02   ? 101 THR A O   1 
ATOM   631  O O   B THR A 1 78  ? -0.781  3.347   -3.119  0.50 7.89   ? 101 THR A O   1 
ATOM   632  C CB  A THR A 1 78  ? 1.498   2.688   -4.788  0.50 8.73   ? 101 THR A CB  1 
ATOM   633  C CB  B THR A 1 78  ? 1.384   2.424   -5.070  0.50 9.30   ? 101 THR A CB  1 
ATOM   634  O OG1 A THR A 1 78  ? 0.259   2.640   -5.502  0.50 9.70   ? 101 THR A OG1 1 
ATOM   635  O OG1 B THR A 1 78  ? 2.109   1.345   -5.687  0.50 10.62  ? 101 THR A OG1 1 
ATOM   636  C CG2 A THR A 1 78  ? 2.536   1.851   -5.525  0.50 9.64   ? 101 THR A CG2 1 
ATOM   637  C CG2 B THR A 1 78  ? 2.068   3.744   -5.374  0.50 9.77   ? 101 THR A CG2 1 
ATOM   638  N N   . PHE A 1 79  ? 1.079   4.113   -2.043  1.00 7.72   ? 102 PHE A N   1 
ATOM   639  C CA  . PHE A 1 79  ? 0.417   5.298   -1.508  1.00 7.95   ? 102 PHE A CA  1 
ATOM   640  C C   . PHE A 1 79  ? 0.984   6.504   -2.246  1.00 8.20   ? 102 PHE A C   1 
ATOM   641  O O   . PHE A 1 79  ? 2.182   6.822   -2.111  1.00 8.59   ? 102 PHE A O   1 
ATOM   642  C CB  . PHE A 1 79  ? 0.572   5.455   0.008   1.00 9.75   ? 102 PHE A CB  1 
ATOM   643  C CG  . PHE A 1 79  ? -0.428  6.397   0.564   1.00 7.67   ? 102 PHE A CG  1 
ATOM   644  C CD1 . PHE A 1 79  ? -0.264  7.771   0.397   1.00 8.93   ? 102 PHE A CD1 1 
ATOM   645  C CD2 . PHE A 1 79  ? -1.596  5.933   1.156   1.00 8.64   ? 102 PHE A CD2 1 
ATOM   646  C CE1 . PHE A 1 79  ? -1.231  8.652   0.831   1.00 9.85   ? 102 PHE A CE1 1 
ATOM   647  C CE2 . PHE A 1 79  ? -2.577  6.809   1.589   1.00 9.64   ? 102 PHE A CE2 1 
ATOM   648  C CZ  . PHE A 1 79  ? -2.387  8.186   1.445   1.00 10.04  ? 102 PHE A CZ  1 
ATOM   649  N N   . THR A 1 80  ? 0.143   7.167   -3.023  1.00 7.89   ? 103 THR A N   1 
ATOM   650  C CA  . THR A 1 80  ? 0.561   8.315   -3.827  1.00 8.66   ? 103 THR A CA  1 
ATOM   651  C C   . THR A 1 80  ? 0.074   9.567   -3.123  1.00 9.18   ? 103 THR A C   1 
ATOM   652  O O   . THR A 1 80  ? -1.126  9.756   -2.940  1.00 9.22   ? 103 THR A O   1 
ATOM   653  C CB  . THR A 1 80  ? -0.031  8.185   -5.201  1.00 8.52   ? 103 THR A CB  1 
ATOM   654  O OG1 . THR A 1 80  ? 0.467   6.984   -5.797  1.00 9.59   ? 103 THR A OG1 1 
ATOM   655  C CG2 . THR A 1 80  ? 0.325   9.370   -6.083  1.00 10.32  ? 103 THR A CG2 1 
ATOM   656  N N   . MET A 1 81  ? 1.001   10.411  -2.673  1.00 8.55   ? 104 MET A N   1 
ATOM   657  C CA  . MET A 1 81  ? 0.678   11.513  -1.768  1.00 10.28  ? 104 MET A CA  1 
ATOM   658  C C   . MET A 1 81  ? 0.265   12.777  -2.528  1.00 9.09   ? 104 MET A C   1 
ATOM   659  O O   . MET A 1 81  ? 0.890   13.857  -2.403  1.00 10.02  ? 104 MET A O   1 
ATOM   660  C CB  . MET A 1 81  ? 1.861   11.794  -0.843  1.00 10.38  ? 104 MET A CB  1 
ATOM   661  C CG  . MET A 1 81  ? 2.400   10.514  -0.122  1.00 10.50  ? 104 MET A CG  1 
ATOM   662  S SD  . MET A 1 81  ? 4.013   10.788  0.719   1.00 15.92  ? 104 MET A SD  1 
ATOM   663  C CE  . MET A 1 81  ? 3.170   11.305  1.951   1.00 9.15   ? 104 MET A CE  1 
ATOM   664  N N   . GLY A 1 82  ? -0.828  12.676  -3.286  1.00 9.03   ? 105 GLY A N   1 
ATOM   665  C CA  . GLY A 1 82  ? -1.297  13.817  -4.055  1.00 8.30   ? 105 GLY A CA  1 
ATOM   666  C C   . GLY A 1 82  ? -1.904  14.919  -3.215  1.00 9.16   ? 105 GLY A C   1 
ATOM   667  O O   . GLY A 1 82  ? -2.004  16.054  -3.680  1.00 8.62   ? 105 GLY A O   1 
ATOM   668  N N   . GLY A 1 83  ? -2.314  14.582  -1.986  1.00 7.86   ? 106 GLY A N   1 
ATOM   669  C CA  . GLY A 1 83  ? -2.915  15.530  -1.060  1.00 9.51   ? 106 GLY A CA  1 
ATOM   670  C C   . GLY A 1 83  ? -1.991  16.061  0.022   1.00 9.25   ? 106 GLY A C   1 
ATOM   671  O O   . GLY A 1 83  ? -2.462  16.723  0.946   1.00 10.83  ? 106 GLY A O   1 
ATOM   672  N N   . ALA A 1 84  ? -0.684  15.797  -0.069  1.00 8.59   ? 107 ALA A N   1 
ATOM   673  C CA  . ALA A 1 84  ? 0.243   16.193  0.990   1.00 9.02   ? 107 ALA A CA  1 
ATOM   674  C C   . ALA A 1 84  ? 0.642   17.652  0.890   1.00 9.29   ? 107 ALA A C   1 
ATOM   675  O O   . ALA A 1 84  ? 0.321   18.339  -0.106  1.00 9.85   ? 107 ALA A O   1 
ATOM   676  C CB  . ALA A 1 84  ? 1.468   15.276  0.987   1.00 9.75   ? 107 ALA A CB  1 
ATOM   677  N N   . GLY A 1 85  ? 1.341   18.113  1.926   1.00 8.92   ? 108 GLY A N   1 
ATOM   678  C CA  . GLY A 1 85  ? 1.903   19.464  1.960   1.00 9.24   ? 108 GLY A CA  1 
ATOM   679  C C   . GLY A 1 85  ? 3.059   19.610  0.975   1.00 9.51   ? 108 GLY A C   1 
ATOM   680  O O   . GLY A 1 85  ? 3.434   18.676  0.249   1.00 8.88   ? 108 GLY A O   1 
ATOM   681  N N   . PRO A 1 86  ? 3.665   20.800  0.936   1.00 8.95   ? 109 PRO A N   1 
ATOM   682  C CA  . PRO A 1 86  ? 4.662   21.110  -0.105  1.00 9.42   ? 109 PRO A CA  1 
ATOM   683  C C   . PRO A 1 86  ? 5.860   20.176  -0.191  1.00 9.16   ? 109 PRO A C   1 
ATOM   684  O O   . PRO A 1 86  ? 6.290   19.899  -1.303  1.00 10.02  ? 109 PRO A O   1 
ATOM   685  C CB  . PRO A 1 86  ? 5.088   22.545  0.224   1.00 10.82  ? 109 PRO A CB  1 
ATOM   686  C CG  . PRO A 1 86  ? 3.923   23.106  0.958   1.00 10.56  ? 109 PRO A CG  1 
ATOM   687  C CD  . PRO A 1 86  ? 3.347   21.979  1.758   1.00 10.45  ? 109 PRO A CD  1 
ATOM   688  N N   . LYS A 1 87  ? 6.401   19.681  0.903   1.00 9.07   ? 110 LYS A N   1 
ATOM   689  C CA  . LYS A 1 87  ? 7.592   18.823  0.797   1.00 9.30   ? 110 LYS A CA  1 
ATOM   690  C C   . LYS A 1 87  ? 7.294   17.481  0.136   1.00 9.30   ? 110 LYS A C   1 
ATOM   691  O O   . LYS A 1 87  ? 8.145   16.922  -0.558  1.00 10.12  ? 110 LYS A O   1 
ATOM   692  C CB  . LYS A 1 87  ? 8.195   18.577  2.155   1.00 10.37  ? 110 LYS A CB  1 
ATOM   693  C CG  . LYS A 1 87  ? 8.966   19.790  2.647   1.00 12.41  ? 110 LYS A CG  1 
ATOM   694  C CD  . LYS A 1 87  ? 9.341   19.601  4.097   1.00 15.39  ? 110 LYS A CD  1 
ATOM   695  C CE  . LYS A 1 87  ? 10.272  20.702  4.543   1.00 16.28  ? 110 LYS A CE  1 
ATOM   696  N NZ  . LYS A 1 87  ? 9.626   22.031  4.491   1.00 16.78  ? 110 LYS A NZ  1 
ATOM   697  N N   . ASN A 1 88  ? 6.079   16.968  0.342   1.00 8.47   ? 111 ASN A N   1 
ATOM   698  C CA  . ASN A 1 88  ? 5.722   15.620  -0.093  1.00 7.65   ? 111 ASN A CA  1 
ATOM   699  C C   . ASN A 1 88  ? 4.709   15.547  -1.222  1.00 7.49   ? 111 ASN A C   1 
ATOM   700  O O   . ASN A 1 88  ? 4.423   14.441  -1.694  1.00 8.80   ? 111 ASN A O   1 
ATOM   701  C CB  . ASN A 1 88  ? 5.173   14.815  1.092   1.00 7.92   ? 111 ASN A CB  1 
ATOM   702  C CG  . ASN A 1 88  ? 6.240   14.368  2.063   1.00 7.90   ? 111 ASN A CG  1 
ATOM   703  O OD1 . ASN A 1 88  ? 7.327   13.922  1.673   1.00 8.36   ? 111 ASN A OD1 1 
ATOM   704  N ND2 . ASN A 1 88  ? 5.889   14.391  3.346   1.00 8.56   ? 111 ASN A ND2 1 
ATOM   705  N N   . LYS A 1 89  ? 4.182   16.682  -1.701  1.00 7.95   ? 112 LYS A N   1 
ATOM   706  C CA  . LYS A 1 89  ? 3.152   16.593  -2.736  1.00 9.10   ? 112 LYS A CA  1 
ATOM   707  C C   . LYS A 1 89  ? 3.727   15.873  -3.940  1.00 8.79   ? 112 LYS A C   1 
ATOM   708  O O   . LYS A 1 89  ? 4.784   16.235  -4.458  1.00 9.53   ? 112 LYS A O   1 
ATOM   709  C CB  . LYS A 1 89  ? 2.593   17.975  -3.120  1.00 9.75   ? 112 LYS A CB  1 
ATOM   710  C CG  . LYS A 1 89  ? 1.213   17.918  -3.855  1.00 14.55  ? 112 LYS A CG  1 
ATOM   711  C CD  . LYS A 1 89  ? 1.334   17.682  -5.331  1.00 16.60  ? 112 LYS A CD  1 
ATOM   712  C CE  . LYS A 1 89  ? 0.034   17.993  -6.064  1.00 12.15  ? 112 LYS A CE  1 
ATOM   713  N NZ  . LYS A 1 89  ? -0.936  16.818  -6.200  1.00 9.24   ? 112 LYS A NZ  1 
ATOM   714  N N   . GLY A 1 90  ? 3.024   14.807  -4.345  1.00 10.89  ? 113 GLY A N   1 
ATOM   715  C CA  . GLY A 1 90  ? 3.438   14.066  -5.523  1.00 11.32  ? 113 GLY A CA  1 
ATOM   716  C C   . GLY A 1 90  ? 4.380   12.901  -5.224  1.00 11.68  ? 113 GLY A C   1 
ATOM   717  O O   . GLY A 1 90  ? 4.824   12.221  -6.159  1.00 14.29  ? 113 GLY A O   1 
ATOM   718  N N   . LYS A 1 91  ? 4.721   12.681  -3.961  1.00 9.93   ? 114 LYS A N   1 
ATOM   719  C CA  . LYS A 1 91  ? 5.653   11.605  -3.623  1.00 9.97   ? 114 LYS A CA  1 
ATOM   720  C C   . LYS A 1 91  ? 4.920   10.295  -3.364  1.00 9.61   ? 114 LYS A C   1 
ATOM   721  O O   . LYS A 1 91  ? 3.718   10.283  -3.067  1.00 10.26  ? 114 LYS A O   1 
ATOM   722  C CB  . LYS A 1 91  ? 6.527   12.027  -2.441  1.00 9.19   ? 114 LYS A CB  1 
ATOM   723  C CG  . LYS A 1 91  ? 7.402   13.254  -2.748  1.00 10.05  ? 114 LYS A CG  1 
ATOM   724  C CD  . LYS A 1 91  ? 8.340   12.968  -3.923  1.00 10.35  ? 114 LYS A CD  1 
ATOM   725  C CE  . LYS A 1 91  ? 9.474   13.955  -3.963  1.00 10.84  ? 114 LYS A CE  1 
ATOM   726  N NZ  . LYS A 1 91  ? 10.427  13.520  -4.995  1.00 13.19  ? 114 LYS A NZ  1 
ATOM   727  N N   . ILE A 1 92  ? 5.649   9.195   -3.505  1.00 9.64   ? 115 ILE A N   1 
ATOM   728  C CA  . ILE A 1 92  ? 5.033   7.881   -3.545  1.00 9.67   ? 115 ILE A CA  1 
ATOM   729  C C   . ILE A 1 92  ? 5.797   6.903   -2.670  1.00 9.78   ? 115 ILE A C   1 
ATOM   730  O O   . ILE A 1 92  ? 7.049   6.783   -2.758  1.00 9.36   ? 115 ILE A O   1 
ATOM   731  C CB  . ILE A 1 92  ? 5.012   7.364   -4.995  1.00 10.25  ? 115 ILE A CB  1 
ATOM   732  C CG1 . ILE A 1 92  ? 4.207   8.306   -5.918  1.00 11.24  ? 115 ILE A CG1 1 
ATOM   733  C CG2 . ILE A 1 92  ? 4.469   5.934   -5.071  1.00 11.72  ? 115 ILE A CG2 1 
ATOM   734  C CD1 . ILE A 1 92  ? 4.383   7.992   -7.391  1.00 12.45  ? 115 ILE A CD1 1 
ATOM   735  N N   . ILE A 1 93  ? 5.048   6.222   -1.811  1.00 9.23   ? 116 ILE A N   1 
ATOM   736  C CA  . ILE A 1 93  ? 5.565   5.123   -1.000  1.00 10.09  ? 116 ILE A CA  1 
ATOM   737  C C   . ILE A 1 93  ? 5.048   3.825   -1.609  1.00 9.50   ? 116 ILE A C   1 
ATOM   738  O O   . ILE A 1 93  ? 3.843   3.666   -1.850  1.00 9.42   ? 116 ILE A O   1 
ATOM   739  C CB  . ILE A 1 93  ? 5.180   5.302   0.452   1.00 11.40  ? 116 ILE A CB  1 
ATOM   740  C CG1 . ILE A 1 93  ? 6.009   6.503   0.980   1.00 14.39  ? 116 ILE A CG1 1 
ATOM   741  C CG2 . ILE A 1 93  ? 5.387   3.962   1.248   1.00 12.91  ? 116 ILE A CG2 1 
ATOM   742  C CD1 . ILE A 1 93  ? 5.742   6.905   2.371   1.00 19.11  ? 116 ILE A CD1 1 
ATOM   743  N N   . THR A 1 94  ? 5.951   2.914   -1.927  1.00 8.95   ? 117 THR A N   1 
ATOM   744  C CA  . THR A 1 94  ? 5.571   1.647   -2.541  1.00 9.80   ? 117 THR A CA  1 
ATOM   745  C C   . THR A 1 94  ? 5.998   0.467   -1.675  1.00 9.97   ? 117 THR A C   1 
ATOM   746  O O   . THR A 1 94  ? 7.185   0.363   -1.313  1.00 11.02  ? 117 THR A O   1 
ATOM   747  C CB  . THR A 1 94  ? 6.276   1.503   -3.896  1.00 9.57   ? 117 THR A CB  1 
ATOM   748  O OG1 . THR A 1 94  ? 6.017   2.652   -4.708  1.00 11.17  ? 117 THR A OG1 1 
ATOM   749  C CG2 . THR A 1 94  ? 5.819   0.230   -4.647  1.00 12.03  ? 117 THR A CG2 1 
ATOM   750  N N   . LEU A 1 95  ? 5.056   -0.423  -1.339  1.00 9.72   ? 118 LEU A N   1 
ATOM   751  C CA  . LEU A 1 95  ? 5.388   -1.723  -0.755  1.00 9.34   ? 118 LEU A CA  1 
ATOM   752  C C   . LEU A 1 95  ? 5.359   -2.733  -1.888  1.00 9.36   ? 118 LEU A C   1 
ATOM   753  O O   . LEU A 1 95  ? 4.313   -2.893  -2.566  1.00 9.36   ? 118 LEU A O   1 
ATOM   754  C CB  . LEU A 1 95  ? 4.360   -2.122  0.289   1.00 9.73   ? 118 LEU A CB  1 
ATOM   755  C CG  . LEU A 1 95  ? 4.172   -1.174  1.478   1.00 11.57  ? 118 LEU A CG  1 
ATOM   756  C CD1 . LEU A 1 95  ? 3.186   -1.740  2.506   1.00 12.62  ? 118 LEU A CD1 1 
ATOM   757  C CD2 . LEU A 1 95  ? 5.483   -0.752  2.136   1.00 17.49  ? 118 LEU A CD2 1 
ATOM   758  N N   . THR A 1 96  ? 6.448   -3.463  -2.110  1.00 8.94   ? 119 THR A N   1 
ATOM   759  C CA  . THR A 1 96  ? 6.498   -4.468  -3.185  1.00 9.51   ? 119 THR A CA  1 
ATOM   760  C C   . THR A 1 96  ? 6.690   -5.840  -2.595  1.00 9.50   ? 119 THR A C   1 
ATOM   761  O O   . THR A 1 96  ? 7.620   -6.069  -1.856  1.00 9.52   ? 119 THR A O   1 
ATOM   762  C CB  . THR A 1 96  ? 7.665   -4.204  -4.162  1.00 9.47   ? 119 THR A CB  1 
ATOM   763  O OG1 . THR A 1 96  ? 7.511   -2.884  -4.705  1.00 11.99  ? 119 THR A OG1 1 
ATOM   764  C CG2 . THR A 1 96  ? 7.631   -5.199  -5.347  1.00 11.61  ? 119 THR A CG2 1 
ATOM   765  N N   . ARG A 1 97  ? 5.770   -6.751  -2.901  1.00 9.34   ? 120 ARG A N   1 
ATOM   766  C CA  . ARG A 1 97  ? 5.925   -8.164  -2.572  1.00 9.09   ? 120 ARG A CA  1 
ATOM   767  C C   . ARG A 1 97  ? 6.452   -8.827  -3.809  1.00 8.58   ? 120 ARG A C   1 
ATOM   768  O O   . ARG A 1 97  ? 5.746   -8.989  -4.789  1.00 8.79   ? 120 ARG A O   1 
ATOM   769  C CB  . ARG A 1 97  ? 4.584   -8.785  -2.191  1.00 9.12   ? 120 ARG A CB  1 
ATOM   770  C CG  . ARG A 1 97  ? 4.727   -10.201 -1.703  1.00 9.66   ? 120 ARG A CG  1 
ATOM   771  C CD  . ARG A 1 97  ? 3.351   -10.907 -1.640  1.00 11.05  ? 120 ARG A CD  1 
ATOM   772  N NE  . ARG A 1 97  ? 3.445   -12.222 -1.011  1.00 11.41  ? 120 ARG A NE  1 
ATOM   773  C CZ  . ARG A 1 97  ? 3.704   -13.350 -1.673  1.00 11.45  ? 120 ARG A CZ  1 
ATOM   774  N NH1 . ARG A 1 97  ? 3.892   -13.352 -2.988  1.00 10.59  ? 120 ARG A NH1 1 
ATOM   775  N NH2 . ARG A 1 97  ? 3.763   -14.501 -0.999  1.00 14.54  ? 120 ARG A NH2 1 
ATOM   776  N N   . THR A 1 98  ? 7.718   -9.238  -3.746  1.00 8.50   ? 121 THR A N   1 
ATOM   777  C CA  . THR A 1 98  ? 8.297   -9.894  -4.892  1.00 9.37   ? 121 THR A CA  1 
ATOM   778  C C   . THR A 1 98  ? 7.840   -11.353 -4.954  1.00 9.32   ? 121 THR A C   1 
ATOM   779  O O   . THR A 1 98  ? 7.858   -12.056 -3.942  1.00 9.56   ? 121 THR A O   1 
ATOM   780  C CB  . THR A 1 98  ? 9.852   -9.770  -4.920  1.00 9.49   ? 121 THR A CB  1 
ATOM   781  O OG1 . THR A 1 98  ? 10.351  -9.702  -3.590  1.00 10.14  ? 121 THR A OG1 1 
ATOM   782  C CG2 . THR A 1 98  ? 10.221  -8.467  -5.653  1.00 11.10  ? 121 THR A CG2 1 
ATOM   783  N N   . ALA A 1 99  ? 7.429   -11.785 -6.138  1.00 9.76   ? 122 ALA A N   1 
ATOM   784  C CA  . ALA A 1 99  ? 6.922   -13.138 -6.273  1.00 10.73  ? 122 ALA A CA  1 
ATOM   785  C C   . ALA A 1 99  ? 8.008   -14.210 -6.102  1.00 10.81  ? 122 ALA A C   1 
ATOM   786  O O   . ALA A 1 99  ? 7.700   -15.339 -5.740  1.00 11.06  ? 122 ALA A O   1 
ATOM   787  C CB  . ALA A 1 99  ? 6.237   -13.302 -7.596  1.00 11.96  ? 122 ALA A CB  1 
ATOM   788  N N   . ALA A 1 100 ? 9.275   -13.870 -6.365  1.00 10.59  ? 123 ALA A N   1 
ATOM   789  C CA  . ALA A 1 100 ? 10.343  -14.880 -6.314  1.00 10.77  ? 123 ALA A CA  1 
ATOM   790  C C   . ALA A 1 100 ? 10.634  -15.356 -4.898  1.00 11.15  ? 123 ALA A C   1 
ATOM   791  O O   . ALA A 1 100 ? 11.043  -16.501 -4.696  1.00 10.98  ? 123 ALA A O   1 
ATOM   792  C CB  . ALA A 1 100 ? 11.614  -14.360 -6.988  1.00 12.32  ? 123 ALA A CB  1 
ATOM   793  N N   . ASP A 1 101 ? 10.410  -14.502 -3.898  1.00 10.69  ? 124 ASP A N   1 
ATOM   794  C CA  . ASP A 1 101 ? 10.700  -14.823 -2.512  1.00 11.33  ? 124 ASP A CA  1 
ATOM   795  C C   . ASP A 1 101 ? 9.491   -14.697 -1.583  1.00 11.74  ? 124 ASP A C   1 
ATOM   796  O O   . ASP A 1 101 ? 9.560   -15.121 -0.448  1.00 12.70  ? 124 ASP A O   1 
ATOM   797  C CB  . ASP A 1 101 ? 11.893  -14.004 -1.962  1.00 11.67  ? 124 ASP A CB  1 
ATOM   798  C CG  . ASP A 1 101 ? 11.675  -12.504 -2.036  1.00 10.64  ? 124 ASP A CG  1 
ATOM   799  O OD1 . ASP A 1 101 ? 10.600  -12.063 -2.477  1.00 10.88  ? 124 ASP A OD1 1 
ATOM   800  O OD2 . ASP A 1 101 ? 12.603  -11.746 -1.660  1.00 11.32  ? 124 ASP A OD2 1 
ATOM   801  N N   . GLY A 1 102 ? 8.410   -14.074 -2.058  1.00 10.93  ? 125 GLY A N   1 
ATOM   802  C CA  . GLY A 1 102 ? 7.253   -13.814 -1.206  1.00 11.41  ? 125 GLY A CA  1 
ATOM   803  C C   . GLY A 1 102 ? 7.511   -12.822 -0.080  1.00 11.46  ? 125 GLY A C   1 
ATOM   804  O O   . GLY A 1 102 ? 6.788   -12.820 0.916   1.00 12.97  ? 125 GLY A O   1 
ATOM   805  N N   . LEU A 1 103 ? 8.531   -11.967 -0.229  1.00 10.71  ? 126 LEU A N   1 
ATOM   806  C CA  . LEU A 1 103 ? 8.899   -10.995 0.801   1.00 10.30  ? 126 LEU A CA  1 
ATOM   807  C C   . LEU A 1 103 ? 8.573   -9.589  0.341   1.00 9.89   ? 126 LEU A C   1 
ATOM   808  O O   . LEU A 1 103 ? 8.489   -9.307  -0.856  1.00 10.01  ? 126 LEU A O   1 
ATOM   809  C CB  . LEU A 1 103 ? 10.394  -11.070 1.131   1.00 10.52  ? 126 LEU A CB  1 
ATOM   810  C CG  . LEU A 1 103 ? 10.814  -12.460 1.612   1.00 12.02  ? 126 LEU A CG  1 
ATOM   811  C CD1 . LEU A 1 103 ? 12.332  -12.547 1.802   1.00 12.27  ? 126 LEU A CD1 1 
ATOM   812  C CD2 . LEU A 1 103 ? 10.101  -12.879 2.888   1.00 13.92  ? 126 LEU A CD2 1 
ATOM   813  N N   . TRP A 1 104 ? 8.403   -8.716  1.327   1.00 10.88  ? 127 TRP A N   1 
ATOM   814  C CA  . TRP A 1 104 ? 8.041   -7.318  1.098   1.00 11.43  ? 127 TRP A CA  1 
ATOM   815  C C   . TRP A 1 104 ? 9.220   -6.375  1.312   1.00 12.45  ? 127 TRP A C   1 
ATOM   816  O O   . TRP A 1 104 ? 10.036  -6.573  2.215   1.00 13.20  ? 127 TRP A O   1 
ATOM   817  C CB  . TRP A 1 104 ? 6.941   -6.911  2.070   1.00 12.06  ? 127 TRP A CB  1 
ATOM   818  C CG  . TRP A 1 104 ? 5.632   -7.599  1.836   1.00 12.12  ? 127 TRP A CG  1 
ATOM   819  C CD1 . TRP A 1 104 ? 5.217   -8.794  2.380   1.00 14.89  ? 127 TRP A CD1 1 
ATOM   820  C CD2 . TRP A 1 104 ? 4.540   -7.116  1.050   1.00 10.85  ? 127 TRP A CD2 1 
ATOM   821  N NE1 . TRP A 1 104 ? 3.941   -9.077  1.966   1.00 14.25  ? 127 TRP A NE1 1 
ATOM   822  C CE2 . TRP A 1 104 ? 3.498   -8.067  1.152   1.00 12.88  ? 127 TRP A CE2 1 
ATOM   823  C CE3 . TRP A 1 104 ? 4.338   -5.980  0.261   1.00 10.95  ? 127 TRP A CE3 1 
ATOM   824  C CZ2 . TRP A 1 104 ? 2.267   -7.907  0.499   1.00 12.39  ? 127 TRP A CZ2 1 
ATOM   825  C CZ3 . TRP A 1 104 ? 3.122   -5.830  -0.398  1.00 12.37  ? 127 TRP A CZ3 1 
ATOM   826  C CH2 . TRP A 1 104 ? 2.095   -6.794  -0.282  1.00 11.91  ? 127 TRP A CH2 1 
ATOM   827  N N   . LYS A 1 105 ? 9.285   -5.335  0.484   1.00 11.44  ? 128 LYS A N   1 
ATOM   828  C CA  . LYS A 1 105 ? 10.243  -4.224  0.653   1.00 13.10  ? 128 LYS A CA  1 
ATOM   829  C C   . LYS A 1 105 ? 9.503   -2.899  0.487   1.00 11.96  ? 128 LYS A C   1 
ATOM   830  O O   . LYS A 1 105 ? 8.668   -2.765  -0.404  1.00 12.00  ? 128 LYS A O   1 
ATOM   831  C CB  . LYS A 1 105 ? 11.334  -4.291  -0.419  1.00 13.20  ? 128 LYS A CB  1 
ATOM   832  C CG  . LYS A 1 105 ? 12.410  -5.332  -0.206  1.00 18.24  ? 128 LYS A CG  1 
ATOM   833  C CD  . LYS A 1 105 ? 13.691  -5.046  -1.032  1.00 19.66  ? 128 LYS A CD  1 
ATOM   834  C CE  . LYS A 1 105 ? 14.436  -3.825  -0.485  1.00 24.59  ? 128 LYS A CE  1 
ATOM   835  N NZ  . LYS A 1 105 ? 15.561  -3.362  -1.372  1.00 26.39  ? 128 LYS A NZ  1 
ATOM   836  N N   . CYS A 1 106 ? 9.845   -1.917  1.308   1.00 12.06  ? 129 CYS A N   1 
ATOM   837  C CA  . CYS A 1 106 ? 9.307   -0.570  1.179   1.00 11.52  ? 129 CYS A CA  1 
ATOM   838  C C   . CYS A 1 106 ? 10.315  0.334   0.486   1.00 11.26  ? 129 CYS A C   1 
ATOM   839  O O   . CYS A 1 106 ? 11.525  0.300   0.816   1.00 12.82  ? 129 CYS A O   1 
ATOM   840  C CB  . CYS A 1 106 ? 8.981   -0.016  2.556   1.00 12.52  ? 129 CYS A CB  1 
ATOM   841  S SG  . CYS A 1 106 ? 8.095   1.562   2.503   1.00 14.71  ? 129 CYS A SG  1 
ATOM   842  N N   . LYS A 1 107 ? 9.833   1.199   -0.402  1.00 10.84  ? 130 LYS A N   1 
ATOM   843  C CA  . LYS A 1 107 ? 10.676  2.231   -0.988  1.00 11.50  ? 130 LYS A CA  1 
ATOM   844  C C   . LYS A 1 107 ? 9.864   3.513   -1.054  1.00 11.39  ? 130 LYS A C   1 
ATOM   845  O O   . LYS A 1 107 ? 8.637   3.499   -1.148  1.00 12.48  ? 130 LYS A O   1 
ATOM   846  C CB  . LYS A 1 107 ? 11.247  1.843   -2.359  1.00 12.75  ? 130 LYS A CB  1 
ATOM   847  C CG  . LYS A 1 107 ? 10.241  1.802   -3.451  1.00 15.00  ? 130 LYS A CG  1 
ATOM   848  C CD  . LYS A 1 107 ? 10.831  1.342   -4.779  1.00 19.11  ? 130 LYS A CD  1 
ATOM   849  C CE  . LYS A 1 107 ? 9.712   1.031   -5.763  1.00 20.28  ? 130 LYS A CE  1 
ATOM   850  N NZ  . LYS A 1 107 ? 10.267  0.978   -7.147  1.00 22.88  ? 130 LYS A NZ  1 
ATOM   851  N N   . SER A 1 108 ? 10.555  4.627   -0.999  1.00 10.29  ? 131 SER A N   1 
ATOM   852  C CA  . SER A 1 108 ? 9.907   5.919   -1.120  1.00 10.38  ? 131 SER A CA  1 
ATOM   853  C C   . SER A 1 108 ? 10.698  6.778   -2.053  1.00 10.70  ? 131 SER A C   1 
ATOM   854  O O   . SER A 1 108 ? 11.950  6.730   -2.012  1.00 12.39  ? 131 SER A O   1 
ATOM   855  C CB  . SER A 1 108 ? 9.910   6.593   0.235   1.00 10.44  ? 131 SER A CB  1 
ATOM   856  O OG  . SER A 1 108 ? 9.468   7.941   0.113   1.00 10.75  ? 131 SER A OG  1 
ATOM   857  N N   . ASP A 1 109 ? 10.019  7.603   -2.854  1.00 9.83   ? 132 ASP A N   1 
ATOM   858  C CA  . ASP A 1 109 ? 10.722  8.543   -3.717  1.00 9.92   ? 132 ASP A CA  1 
ATOM   859  C C   . ASP A 1 109 ? 10.707  9.966   -3.111  1.00 9.42   ? 132 ASP A C   1 
ATOM   860  O O   . ASP A 1 109 ? 11.066  10.959  -3.798  1.00 9.58   ? 132 ASP A O   1 
ATOM   861  C CB  . ASP A 1 109 ? 10.209  8.517   -5.161  1.00 11.15  ? 132 ASP A CB  1 
ATOM   862  C CG  . ASP A 1 109 ? 8.797   8.974   -5.293  1.00 9.94   ? 132 ASP A CG  1 
ATOM   863  O OD1 . ASP A 1 109 ? 8.229   9.517   -4.350  1.00 10.67  ? 132 ASP A OD1 1 
ATOM   864  O OD2 . ASP A 1 109 ? 8.265   8.793   -6.401  1.00 13.80  ? 132 ASP A OD2 1 
ATOM   865  N N   . GLN A 1 110 ? 10.297  10.072  -1.850  1.00 8.99   ? 133 GLN A N   1 
ATOM   866  C CA  . GLN A 1 110 ? 10.396  11.361  -1.140  1.00 8.68   ? 133 GLN A CA  1 
ATOM   867  C C   . GLN A 1 110 ? 11.813  11.894  -1.176  1.00 9.22   ? 133 GLN A C   1 
ATOM   868  O O   . GLN A 1 110 ? 12.778  11.128  -1.302  1.00 9.62   ? 133 GLN A O   1 
ATOM   869  C CB  . GLN A 1 110 ? 9.986   11.201  0.299   1.00 8.75   ? 133 GLN A CB  1 
ATOM   870  C CG  . GLN A 1 110 ? 8.502   10.923  0.555   1.00 7.98   ? 133 GLN A CG  1 
ATOM   871  C CD  . GLN A 1 110 ? 8.370   10.486  2.005   1.00 8.82   ? 133 GLN A CD  1 
ATOM   872  O OE1 . GLN A 1 110 ? 8.655   9.318   2.333   1.00 9.57   ? 133 GLN A OE1 1 
ATOM   873  N NE2 . GLN A 1 110 ? 8.027   11.424  2.889   1.00 8.72   ? 133 GLN A NE2 1 
ATOM   874  N N   . ASP A 1 111 ? 11.963  13.206  -1.017  1.00 8.22   ? 134 ASP A N   1 
ATOM   875  C CA  . ASP A 1 111 ? 13.315  13.742  -0.760  1.00 9.22   ? 134 ASP A CA  1 
ATOM   876  C C   . ASP A 1 111 ? 13.821  13.020  0.499   1.00 8.80   ? 134 ASP A C   1 
ATOM   877  O O   . ASP A 1 111 ? 13.054  12.808  1.452   1.00 9.36   ? 134 ASP A O   1 
ATOM   878  C CB  . ASP A 1 111 ? 13.294  15.274  -0.621  1.00 9.28   ? 134 ASP A CB  1 
ATOM   879  C CG  . ASP A 1 111 ? 13.237  15.994  -1.965  1.00 9.96   ? 134 ASP A CG  1 
ATOM   880  O OD1 . ASP A 1 111 ? 13.726  15.424  -2.977  1.00 12.29  ? 134 ASP A OD1 1 
ATOM   881  O OD2 . ASP A 1 111 ? 12.743  17.135  -1.992  1.00 9.80   ? 134 ASP A OD2 1 
ATOM   882  N N   . PRO A 1 112 ? 15.081  12.531  0.468   1.00 9.10   ? 135 PRO A N   1 
ATOM   883  C CA  . PRO A 1 112 ? 15.508  11.568  1.469   1.00 10.29  ? 135 PRO A CA  1 
ATOM   884  C C   . PRO A 1 112 ? 15.402  11.970  2.926   1.00 10.37  ? 135 PRO A C   1 
ATOM   885  O O   . PRO A 1 112 ? 15.281  11.096  3.787   1.00 11.38  ? 135 PRO A O   1 
ATOM   886  C CB  . PRO A 1 112 ? 16.990  11.348  1.147   1.00 11.68  ? 135 PRO A CB  1 
ATOM   887  C CG  . PRO A 1 112 ? 17.149  11.759  -0.239  1.00 13.00  ? 135 PRO A CG  1 
ATOM   888  C CD  . PRO A 1 112 ? 16.099  12.742  -0.585  1.00 10.17  ? 135 PRO A CD  1 
ATOM   889  N N   . GLN A 1 113 ? 15.459  13.248  3.227   1.00 10.51  ? 136 GLN A N   1 
ATOM   890  C CA  . GLN A 1 113 ? 15.383  13.611  4.625   1.00 12.32  ? 136 GLN A CA  1 
ATOM   891  C C   . GLN A 1 113 ? 14.003  13.407  5.222   1.00 11.70  ? 136 GLN A C   1 
ATOM   892  O O   . GLN A 1 113 ? 13.847  13.436  6.444   1.00 12.71  ? 136 GLN A O   1 
ATOM   893  C CB  . GLN A 1 113 ? 15.908  15.012  4.840   1.00 14.87  ? 136 GLN A CB  1 
ATOM   894  C CG  . GLN A 1 113 ? 17.347  15.170  4.235   1.00 17.47  ? 136 GLN A CG  1 
ATOM   895  C CD  . GLN A 1 113 ? 18.352  14.021  4.597   1.00 19.62  ? 136 GLN A CD  1 
ATOM   896  O OE1 . GLN A 1 113 ? 19.013  13.387  3.712   1.00 15.98  ? 136 GLN A OE1 1 
ATOM   897  N NE2 . GLN A 1 113 ? 18.466  13.755  5.900   1.00 22.27  ? 136 GLN A NE2 1 
ATOM   898  N N   . PHE A 1 114 ? 13.007  13.139  4.374   1.00 10.89  ? 137 PHE A N   1 
ATOM   899  C CA  . PHE A 1 114 ? 11.633  13.037  4.812   1.00 11.92  ? 137 PHE A CA  1 
ATOM   900  C C   . PHE A 1 114 ? 11.116  11.609  4.792   1.00 11.29  ? 137 PHE A C   1 
ATOM   901  O O   . PHE A 1 114 ? 9.937   11.398  5.106   1.00 11.50  ? 137 PHE A O   1 
ATOM   902  C CB  . PHE A 1 114 ? 10.756  13.955  3.949   1.00 11.85  ? 137 PHE A CB  1 
ATOM   903  C CG  . PHE A 1 114 ? 11.294  15.351  3.813   1.00 11.51  ? 137 PHE A CG  1 
ATOM   904  C CD1 . PHE A 1 114 ? 11.361  15.957  2.579   1.00 11.06  ? 137 PHE A CD1 1 
ATOM   905  C CD2 . PHE A 1 114 ? 11.792  16.035  4.921   1.00 11.97  ? 137 PHE A CD2 1 
ATOM   906  C CE1 . PHE A 1 114 ? 11.902  17.234  2.439   1.00 13.00  ? 137 PHE A CE1 1 
ATOM   907  C CE2 . PHE A 1 114 ? 12.342  17.313  4.793   1.00 12.78  ? 137 PHE A CE2 1 
ATOM   908  C CZ  . PHE A 1 114 ? 12.399  17.919  3.573   1.00 13.35  ? 137 PHE A CZ  1 
ATOM   909  N N   . ILE A 1 115 ? 11.948  10.639  4.429   1.00 10.67  ? 138 ILE A N   1 
ATOM   910  C CA  . ILE A 1 115 ? 11.551  9.218   4.395   1.00 12.16  ? 138 ILE A CA  1 
ATOM   911  C C   . ILE A 1 115 ? 11.372  8.736   5.842   1.00 14.45  ? 138 ILE A C   1 
ATOM   912  O O   . ILE A 1 115 ? 12.239  8.948   6.688   1.00 15.48  ? 138 ILE A O   1 
ATOM   913  C CB  . ILE A 1 115 ? 12.555  8.349   3.593   1.00 12.10  ? 138 ILE A CB  1 
ATOM   914  C CG1 . ILE A 1 115 ? 12.565  8.818   2.136   1.00 10.93  ? 138 ILE A CG1 1 
ATOM   915  C CG2 . ILE A 1 115 ? 12.202  6.825   3.683   1.00 13.68  ? 138 ILE A CG2 1 
ATOM   916  C CD1 . ILE A 1 115 ? 13.700  8.242   1.262   1.00 12.74  ? 138 ILE A CD1 1 
ATOM   917  N N   . PRO A 1 116 ? 10.209  8.143   6.151   1.00 14.94  ? 139 PRO A N   1 
ATOM   918  C CA  . PRO A 1 116 ? 9.945   7.752   7.522   1.00 16.68  ? 139 PRO A CA  1 
ATOM   919  C C   . PRO A 1 116 ? 10.637  6.459   7.913   1.00 18.32  ? 139 PRO A C   1 
ATOM   920  O O   . PRO A 1 116 ? 11.108  5.698   7.049   1.00 18.20  ? 139 PRO A O   1 
ATOM   921  C CB  . PRO A 1 116 ? 8.431   7.538   7.528   1.00 16.97  ? 139 PRO A CB  1 
ATOM   922  C CG  . PRO A 1 116 ? 8.126   7.070   6.141   1.00 14.36  ? 139 PRO A CG  1 
ATOM   923  C CD  . PRO A 1 116 ? 9.062   7.862   5.260   1.00 13.82  ? 139 PRO A CD  1 
ATOM   924  N N   . LYS A 1 117 ? 10.640  6.213   9.224   1.00 19.87  ? 140 LYS A N   1 
ATOM   925  C CA  . LYS A 1 117 ? 11.053  4.935   9.794   1.00 22.49  ? 140 LYS A CA  1 
ATOM   926  C C   . LYS A 1 117 ? 10.297  3.807   9.133   1.00 22.59  ? 140 LYS A C   1 
ATOM   927  O O   . LYS A 1 117 ? 9.081   3.875   8.991   1.00 24.22  ? 140 LYS A O   1 
ATOM   928  C CB  . LYS A 1 117 ? 10.727  4.886   11.291  1.00 22.01  ? 140 LYS A CB  1 
ATOM   929  C CG  . LYS A 1 117 ? 11.522  5.839   12.177  1.00 24.40  ? 140 LYS A CG  1 
ATOM   930  C CD  . LYS A 1 117 ? 11.366  5.492   13.663  1.00 24.17  ? 140 LYS A CD  1 
ATOM   931  C CE  . LYS A 1 117 ? 12.283  6.364   14.526  1.00 27.29  ? 140 LYS A CE  1 
ATOM   932  N NZ  . LYS A 1 117 ? 11.794  6.493   15.937  1.00 28.09  ? 140 LYS A NZ  1 
ATOM   933  N N   . GLY A 1 118 ? 11.014  2.765   8.726   1.00 23.77  ? 141 GLY A N   1 
ATOM   934  C CA  . GLY A 1 118 ? 10.360  1.548   8.252   1.00 24.27  ? 141 GLY A CA  1 
ATOM   935  C C   . GLY A 1 118 ? 10.154  1.554   6.760   1.00 24.17  ? 141 GLY A C   1 
ATOM   936  O O   . GLY A 1 118 ? 9.488   0.672   6.200   1.00 24.94  ? 141 GLY A O   1 
ATOM   937  N N   . CYS A 1 119 ? 10.717  2.578   6.126   1.00 23.39  ? 142 CYS A N   1 
ATOM   938  C CA  . CYS A 1 119 ? 10.855  2.629   4.681   1.00 23.27  ? 142 CYS A CA  1 
ATOM   939  C C   . CYS A 1 119 ? 12.241  3.176   4.334   1.00 24.34  ? 142 CYS A C   1 
ATOM   940  O O   . CYS A 1 119 ? 12.942  3.716   5.200   1.00 24.84  ? 142 CYS A O   1 
ATOM   941  C CB  . CYS A 1 119 ? 9.765   3.503   4.066   1.00 22.65  ? 142 CYS A CB  1 
ATOM   942  S SG  . CYS A 1 119 ? 9.459   3.042   2.351   1.00 19.59  ? 142 CYS A SG  1 
ATOM   943  N N   . SER A 1 120 ? 12.636  3.065   3.072   1.00 25.39  ? 143 SER A N   1 
ATOM   944  C CA  . SER A 1 120 ? 13.968  3.506   2.686   1.00 26.84  ? 143 SER A CA  1 
ATOM   945  C C   . SER A 1 120 ? 14.021  4.096   1.278   1.00 26.85  ? 143 SER A C   1 
ATOM   946  O O   . SER A 1 120 ? 13.042  4.039   0.517   1.00 26.25  ? 143 SER A O   1 
ATOM   947  C CB  . SER A 1 120 ? 14.945  2.336   2.816   1.00 27.16  ? 143 SER A CB  1 
ATOM   948  O OG  . SER A 1 120 ? 14.781  1.435   1.746   1.00 29.72  ? 143 SER A OG  1 
HETATM 949  N N1  . EPE B 2 .   ? 11.591  21.650  12.880  0.50 29.16  ? 430 EPE A N1  1 
HETATM 950  C C2  . EPE B 2 .   ? 11.013  20.501  12.164  0.50 28.24  ? 430 EPE A C2  1 
HETATM 951  C C3  . EPE B 2 .   ? 11.675  19.189  12.581  0.50 29.65  ? 430 EPE A C3  1 
HETATM 952  N N4  . EPE B 2 .   ? 13.124  19.282  12.733  0.50 30.11  ? 430 EPE A N4  1 
HETATM 953  C C5  . EPE B 2 .   ? 13.751  20.520  13.166  0.50 29.90  ? 430 EPE A C5  1 
HETATM 954  C C6  . EPE B 2 .   ? 13.039  21.754  12.617  0.50 29.17  ? 430 EPE A C6  1 
HETATM 955  C C7  . EPE B 2 .   ? 13.961  18.157  12.358  0.50 30.57  ? 430 EPE A C7  1 
HETATM 956  C C8  . EPE B 2 .   ? 14.165  17.157  13.492  0.50 31.07  ? 430 EPE A C8  1 
HETATM 957  O O8  . EPE B 2 .   ? 13.863  15.854  13.041  0.50 31.75  ? 430 EPE A O8  1 
HETATM 958  C C9  . EPE B 2 .   ? 10.920  22.878  12.427  0.50 26.35  ? 430 EPE A C9  1 
HETATM 959  C C10 . EPE B 2 .   ? 10.420  23.676  13.630  0.50 23.10  ? 430 EPE A C10 1 
HETATM 960  S S   . EPE B 2 .   ? 11.301  25.235  13.849  0.50 20.05  ? 430 EPE A S   1 
HETATM 961  O O1S . EPE B 2 .   ? 12.746  25.016  13.756  0.50 23.66  ? 430 EPE A O1S 1 
HETATM 962  O O2S . EPE B 2 .   ? 10.934  25.809  15.144  0.50 19.40  ? 430 EPE A O2S 1 
HETATM 963  O O3S . EPE B 2 .   ? 10.889  26.090  12.737  1.00 25.17  ? 430 EPE A O3S 1 
HETATM 964  O O   . HOH C 3 .   ? -6.047  7.051   0.679   1.00 8.92   ? 431 HOH A O   1 
HETATM 965  O O   . HOH C 3 .   ? 9.466   14.531  -0.121  1.00 8.54   ? 432 HOH A O   1 
HETATM 966  O O   . HOH C 3 .   ? 0.506   -11.424 -8.141  1.00 11.83  ? 433 HOH A O   1 
HETATM 967  O O   . HOH C 3 .   ? -16.447 -8.430  -3.355  1.00 9.76   ? 434 HOH A O   1 
HETATM 968  O O   . HOH C 3 .   ? 4.062   -11.270 -5.079  1.00 10.08  ? 435 HOH A O   1 
HETATM 969  O O   . HOH C 3 .   ? -15.642 -5.781  -3.085  1.00 9.41   ? 436 HOH A O   1 
HETATM 970  O O   . HOH C 3 .   ? -7.110  -11.894 3.578   1.00 10.85  ? 437 HOH A O   1 
HETATM 971  O O   . HOH C 3 .   ? 15.251  -12.402 -1.549  1.00 11.74  ? 438 HOH A O   1 
HETATM 972  O O   . HOH C 3 .   ? 0.257   -0.349  -6.802  1.00 12.38  ? 439 HOH A O   1 
HETATM 973  O O   . HOH C 3 .   ? -4.519  -8.686  -13.138 1.00 12.96  ? 440 HOH A O   1 
HETATM 974  O O   . HOH C 3 .   ? 10.673  18.178  -0.601  1.00 10.14  ? 441 HOH A O   1 
HETATM 975  O O   . HOH C 3 .   ? 7.802   4.676   -4.407  1.00 13.10  ? 442 HOH A O   1 
HETATM 976  O O   . HOH C 3 .   ? 8.989   -1.261  -3.091  1.00 14.97  ? 443 HOH A O   1 
HETATM 977  O O   . HOH C 3 .   ? -3.613  -16.774 -5.439  1.00 13.31  ? 444 HOH A O   1 
HETATM 978  O O   . HOH C 3 .   ? 1.084   -15.913 2.168   1.00 15.60  ? 445 HOH A O   1 
HETATM 979  O O   . HOH C 3 .   ? -1.302  4.955   -5.209  1.00 11.50  ? 446 HOH A O   1 
HETATM 980  O O   . HOH C 3 .   ? -7.898  10.632  -0.350  1.00 16.27  ? 447 HOH A O   1 
HETATM 981  O O   . HOH C 3 .   ? -11.886 2.719   3.369   1.00 14.86  ? 448 HOH A O   1 
HETATM 982  O O   . HOH C 3 .   ? -0.376  -18.605 -6.394  1.00 15.02  ? 449 HOH A O   1 
HETATM 983  O O   . HOH C 3 .   ? -5.045  -15.921 -11.685 1.00 21.33  ? 450 HOH A O   1 
HETATM 984  O O   . HOH C 3 .   ? -4.251  -12.301 -11.180 1.00 16.56  ? 451 HOH A O   1 
HETATM 985  O O   . HOH C 3 .   ? -9.999  -16.099 -10.221 1.00 13.85  ? 452 HOH A O   1 
HETATM 986  O O   . HOH C 3 .   ? -11.103 -7.125  3.196   1.00 16.33  ? 453 HOH A O   1 
HETATM 987  O O   . HOH C 3 .   ? 10.313  -7.193  -2.412  1.00 14.28  ? 454 HOH A O   1 
HETATM 988  O O   . HOH C 3 .   ? -0.565  -22.202 0.930   1.00 17.40  ? 455 HOH A O   1 
HETATM 989  O O   . HOH C 3 .   ? -17.981 -15.422 -1.161  1.00 16.49  ? 456 HOH A O   1 
HETATM 990  O O   . HOH C 3 .   ? -14.141 -5.531  -5.358  1.00 16.03  ? 457 HOH A O   1 
HETATM 991  O O   . HOH C 3 .   ? 10.041  -11.562 -8.039  1.00 15.23  ? 458 HOH A O   1 
HETATM 992  O O   . HOH C 3 .   ? -13.686 -5.666  3.339   1.00 13.32  ? 459 HOH A O   1 
HETATM 993  O O   . HOH C 3 .   ? -0.815  -11.831 -10.501 1.00 13.34  ? 460 HOH A O   1 
HETATM 994  O O   . HOH C 3 .   ? 6.356   -9.777  -11.679 1.00 24.12  ? 461 HOH A O   1 
HETATM 995  O O   . HOH C 3 .   ? -2.651  6.521   8.323   1.00 19.47  ? 462 HOH A O   1 
HETATM 996  O O   . HOH C 3 .   ? -4.732  -12.074 8.069   1.00 17.38  ? 463 HOH A O   1 
HETATM 997  O O   . HOH C 3 .   ? -10.384 -6.066  -9.640  1.00 17.70  ? 464 HOH A O   1 
HETATM 998  O O   . HOH C 3 .   ? 5.116   -15.589 -4.723  1.00 15.42  ? 465 HOH A O   1 
HETATM 999  O O   . HOH C 3 .   ? -17.131 -9.485  -5.838  1.00 18.17  ? 466 HOH A O   1 
HETATM 1000 O O   . HOH C 3 .   ? -5.526  0.870   6.006   1.00 20.07  ? 467 HOH A O   1 
HETATM 1001 O O   . HOH C 3 .   ? 11.625  -2.450  3.422   1.00 22.59  ? 468 HOH A O   1 
HETATM 1002 O O   . HOH C 3 .   ? -6.229  -0.279  -6.532  1.00 18.86  ? 469 HOH A O   1 
HETATM 1003 O O   . HOH C 3 .   ? 4.828   18.025  2.916   1.00 15.94  ? 470 HOH A O   1 
HETATM 1004 O O   . HOH C 3 .   ? -13.894 6.531   0.972   1.00 21.13  ? 471 HOH A O   1 
HETATM 1005 O O   . HOH C 3 .   ? -0.634  17.533  5.332   1.00 19.27  ? 472 HOH A O   1 
HETATM 1006 O O   . HOH C 3 .   ? -6.457  -13.786 -10.154 1.00 13.35  ? 473 HOH A O   1 
HETATM 1007 O O   . HOH C 3 .   ? 14.318  13.174  -4.538  1.00 22.11  ? 474 HOH A O   1 
HETATM 1008 O O   . HOH C 3 .   ? 6.826   10.886  -7.288  1.00 18.81  ? 475 HOH A O   1 
HETATM 1009 O O   . HOH C 3 .   ? -9.098  -13.489 -10.674 1.00 16.67  ? 476 HOH A O   1 
HETATM 1010 O O   . HOH C 3 .   ? -7.358  -5.244  4.684   1.00 20.74  ? 477 HOH A O   1 
HETATM 1011 O O   . HOH C 3 .   ? 8.404   -9.662  4.128   1.00 20.49  ? 478 HOH A O   1 
HETATM 1012 O O   . HOH C 3 .   ? -2.901  16.722  3.638   1.00 24.21  ? 479 HOH A O   1 
HETATM 1013 O O   . HOH C 3 .   ? -3.982  -6.036  -13.297 1.00 18.47  ? 480 HOH A O   1 
HETATM 1014 O O   . HOH C 3 .   ? -12.146 -4.492  -8.144  1.00 19.66  ? 481 HOH A O   1 
HETATM 1015 O O   . HOH C 3 .   ? 3.435   15.644  12.873  1.00 28.19  ? 482 HOH A O   1 
HETATM 1016 O O   . HOH C 3 .   ? -13.876 -3.070  4.451   1.00 21.77  ? 483 HOH A O   1 
HETATM 1017 O O   . HOH C 3 .   ? -7.765  9.438   -3.073  1.00 26.55  ? 484 HOH A O   1 
HETATM 1018 O O   . HOH C 3 .   ? 3.728   -7.677  -11.495 1.00 20.41  ? 485 HOH A O   1 
HETATM 1019 O O   . HOH C 3 .   ? 4.122   4.286   9.616   1.00 21.05  ? 486 HOH A O   1 
HETATM 1020 O O   . HOH C 3 .   ? 0.681   21.055  -0.839  1.00 22.71  ? 487 HOH A O   1 
HETATM 1021 O O   . HOH C 3 .   ? -9.364  -2.146  -1.378  1.00 19.44  ? 488 HOH A O   1 
HETATM 1022 O O   . HOH C 3 .   ? 3.112   1.798   9.289   1.00 21.93  ? 489 HOH A O   1 
HETATM 1023 O O   . HOH C 3 .   ? 2.242   10.092  11.149  1.00 18.12  ? 490 HOH A O   1 
HETATM 1024 O O   . HOH C 3 .   ? 9.542   25.662  17.540  1.00 21.40  ? 491 HOH A O   1 
HETATM 1025 O O   . HOH C 3 .   ? 13.747  -16.888 -3.838  1.00 19.90  ? 492 HOH A O   1 
HETATM 1026 O O   . HOH C 3 .   ? 7.419   10.144  11.391  1.00 25.68  ? 493 HOH A O   1 
HETATM 1027 O O   . HOH C 3 .   ? -2.287  1.581   10.682  1.00 20.69  ? 494 HOH A O   1 
HETATM 1028 O O   . HOH C 3 .   ? 2.903   -4.513  -9.571  1.00 24.59  ? 495 HOH A O   1 
HETATM 1029 O O   . HOH C 3 .   ? -1.577  18.446  -2.079  1.00 20.14  ? 496 HOH A O   1 
HETATM 1030 O O   . HOH C 3 .   ? -20.334 -12.504 -6.456  1.00 22.80  ? 497 HOH A O   1 
HETATM 1031 O O   . HOH C 3 .   ? -5.848  4.444   -6.469  1.00 20.38  ? 498 HOH A O   1 
HETATM 1032 O O   . HOH C 3 .   ? -7.925  10.998  5.999   1.00 24.52  ? 499 HOH A O   1 
HETATM 1033 O O   . HOH C 3 .   ? -15.333 8.782   -1.460  1.00 20.40  ? 500 HOH A O   1 
HETATM 1034 O O   . HOH C 3 .   ? -11.670 -10.639 -11.775 1.00 29.05  ? 501 HOH A O   1 
HETATM 1035 O O   . HOH C 3 .   ? -10.837 -0.060  -2.991  1.00 25.10  ? 502 HOH A O   1 
HETATM 1036 O O   . HOH C 3 .   ? 11.438  -16.866 0.325   1.00 23.63  ? 503 HOH A O   1 
HETATM 1037 O O   . HOH C 3 .   ? -14.833 -6.880  -8.154  1.00 28.39  ? 504 HOH A O   1 
HETATM 1038 O O   . HOH C 3 .   ? 9.104   8.043   11.227  1.00 33.47  ? 505 HOH A O   1 
HETATM 1039 O O   . HOH C 3 .   ? -7.106  6.823   -7.168  1.00 19.20  ? 506 HOH A O   1 
HETATM 1040 O O   . HOH C 3 .   ? 7.246   1.710   10.582  1.00 25.05  ? 507 HOH A O   1 
HETATM 1041 O O   . HOH C 3 .   ? -0.449  -18.249 -3.650  1.00 24.73  ? 508 HOH A O   1 
HETATM 1042 O O   . HOH C 3 .   ? -14.499 -10.835 -7.251  1.00 23.36  ? 509 HOH A O   1 
HETATM 1043 O O   . HOH C 3 .   ? 0.070   -6.198  7.789   1.00 19.70  ? 510 HOH A O   1 
HETATM 1044 O O   . HOH C 3 .   ? 16.861  8.692   3.717   1.00 27.27  ? 511 HOH A O   1 
HETATM 1045 O O   . HOH C 3 .   ? -19.602 -18.399 -3.849  1.00 20.99  ? 512 HOH A O   1 
HETATM 1046 O O   . HOH C 3 .   ? -17.779 -13.203 1.813   1.00 26.60  ? 513 HOH A O   1 
HETATM 1047 O O   . HOH C 3 .   ? 17.695  16.241  7.099   1.00 41.71  ? 514 HOH A O   1 
HETATM 1048 O O   . HOH C 3 .   ? -19.816 -11.819 2.696   1.00 18.45  ? 515 HOH A O   1 
HETATM 1049 O O   . HOH C 3 .   ? -0.070  1.486   -8.886  1.00 22.88  ? 516 HOH A O   1 
HETATM 1050 O O   . HOH C 3 .   ? 0.729   -13.166 -13.928 1.00 23.46  ? 517 HOH A O   1 
HETATM 1051 O O   . HOH C 3 .   ? 13.559  -1.269  -2.718  1.00 26.63  ? 518 HOH A O   1 
HETATM 1052 O O   . HOH C 3 .   ? -13.123 11.658  -1.177  1.00 25.71  ? 519 HOH A O   1 
HETATM 1053 O O   . HOH C 3 .   ? -6.827  -1.605  -2.939  1.00 31.42  ? 520 HOH A O   1 
HETATM 1054 O O   . HOH C 3 .   ? 14.059  8.761   -2.183  1.00 26.93  ? 521 HOH A O   1 
HETATM 1055 O O   . HOH C 3 .   ? 6.270   -12.038 3.454   1.00 26.29  ? 522 HOH A O   1 
HETATM 1056 O O   . HOH C 3 .   ? 9.395   -9.770  -11.827 1.00 37.21  ? 523 HOH A O   1 
HETATM 1057 O O   . HOH C 3 .   ? -6.013  4.797   6.122   1.00 25.97  ? 524 HOH A O   1 
HETATM 1058 O O   . HOH C 3 .   ? -7.304  0.901   -4.161  1.00 20.38  ? 525 HOH A O   1 
HETATM 1059 O O   . HOH C 3 .   ? -7.031  15.778  0.592   1.00 28.23  ? 526 HOH A O   1 
HETATM 1060 O O   . HOH C 3 .   ? -6.917  -11.385 6.388   1.00 14.68  ? 527 HOH A O   1 
HETATM 1061 O O   . HOH C 3 .   ? 8.212   -2.379  -7.269  1.00 25.52  ? 528 HOH A O   1 
HETATM 1062 O O   . HOH C 3 .   ? -11.569 9.658   3.117   1.00 35.79  ? 529 HOH A O   1 
HETATM 1063 O O   . HOH C 3 .   ? 12.571  -0.026  4.439   1.00 41.66  ? 530 HOH A O   1 
HETATM 1064 O O   . HOH C 3 .   ? -4.170  11.807  6.864   1.00 33.26  ? 531 HOH A O   1 
HETATM 1065 O O   . HOH C 3 .   ? 8.374   19.607  11.231  1.00 24.27  ? 532 HOH A O   1 
HETATM 1066 O O   . HOH C 3 .   ? 7.326   -3.668  3.981   1.00 30.24  ? 533 HOH A O   1 
HETATM 1067 O O   . HOH C 3 .   ? 17.111  -5.354  -2.499  1.00 22.77  ? 534 HOH A O   1 
HETATM 1068 O O   . HOH C 3 .   ? 5.834   16.196  13.404  1.00 32.02  ? 535 HOH A O   1 
HETATM 1069 O O   . HOH C 3 .   ? -3.893  -20.756 4.282   1.00 23.02  ? 536 HOH A O   1 
HETATM 1070 O O   . HOH C 3 .   ? 1.008   7.760   11.102  1.00 32.42  ? 537 HOH A O   1 
HETATM 1071 O O   . HOH C 3 .   ? -6.666  -8.823  7.090   1.00 31.86  ? 538 HOH A O   1 
HETATM 1072 O O   . HOH C 3 .   ? -1.075  -5.593  -13.829 1.00 27.50  ? 539 HOH A O   1 
HETATM 1073 O O   . HOH C 3 .   ? -17.140 -11.475 -8.786  1.00 26.01  ? 540 HOH A O   1 
HETATM 1074 O O   . HOH C 3 .   ? -0.115  -10.801 -12.844 1.00 17.68  ? 541 HOH A O   1 
HETATM 1075 O O   . HOH C 3 .   ? -12.905 5.263   3.433   1.00 20.40  ? 542 HOH A O   1 
HETATM 1076 O O   . HOH C 3 .   ? 14.147  -16.446 -0.923  1.00 19.53  ? 543 HOH A O   1 
HETATM 1077 O O   . HOH C 3 .   ? 11.545  -5.353  -4.188  1.00 21.42  ? 544 HOH A O   1 
HETATM 1078 O O   . HOH C 3 .   ? 1.542   -17.528 0.002   1.00 23.23  ? 545 HOH A O   1 
HETATM 1079 O O   . HOH C 3 .   ? -9.770  1.162   -5.170  1.00 21.72  ? 546 HOH A O   1 
HETATM 1080 O O   . HOH C 3 .   ? 11.316  -2.496  -3.724  1.00 20.66  ? 547 HOH A O   1 
HETATM 1081 O O   . HOH C 3 .   ? 1.793   -8.779  -13.306 1.00 25.04  ? 548 HOH A O   1 
HETATM 1082 O O   . HOH C 3 .   ? 7.994   6.086   -6.869  1.00 24.31  ? 549 HOH A O   1 
HETATM 1083 O O   . HOH C 3 .   ? 4.958   9.888   12.573  1.00 23.94  ? 550 HOH A O   1 
HETATM 1084 O O   . HOH C 3 .   ? 5.230   20.276  4.383   1.00 24.08  ? 551 HOH A O   1 
HETATM 1085 O O   . HOH C 3 .   ? -4.499  2.173   -9.970  1.00 25.44  ? 552 HOH A O   1 
HETATM 1086 O O   . HOH C 3 .   ? -3.314  5.715   -6.538  1.00 20.68  ? 553 HOH A O   1 
HETATM 1087 O O   . HOH C 3 .   ? -10.121 2.624   5.505   1.00 24.22  ? 554 HOH A O   1 
HETATM 1088 O O   . HOH C 3 .   ? 10.646  13.390  13.100  1.00 32.64  ? 555 HOH A O   1 
HETATM 1089 O O   . HOH C 3 .   ? 6.876   5.028   9.837   1.00 23.33  ? 556 HOH A O   1 
HETATM 1090 O O   . HOH C 3 .   ? -5.137  8.751   -7.798  1.00 27.85  ? 557 HOH A O   1 
HETATM 1091 O O   . HOH C 3 .   ? 2.236   -7.719  8.143   1.00 27.25  ? 558 HOH A O   1 
HETATM 1092 O O   . HOH C 3 .   ? 1.413   1.397   11.317  1.00 25.97  ? 559 HOH A O   1 
HETATM 1093 O O   . HOH C 3 .   ? -8.578  -6.548  -13.890 1.00 26.46  ? 560 HOH A O   1 
HETATM 1094 O O   . HOH C 3 .   ? -19.232 -15.865 -3.118  1.00 25.44  ? 561 HOH A O   1 
HETATM 1095 O O   . HOH C 3 .   ? -8.730  -10.980 -14.497 1.00 26.76  ? 562 HOH A O   1 
HETATM 1096 O O   . HOH C 3 .   ? 14.688  10.786  -3.432  1.00 33.14  ? 563 HOH A O   1 
HETATM 1097 O O   . HOH C 3 .   ? -15.497 -17.095 2.193   1.00 41.73  ? 564 HOH A O   1 
HETATM 1098 O O   . HOH C 3 .   ? -5.616  -4.458  -14.699 1.00 26.27  ? 565 HOH A O   1 
HETATM 1099 O O   . HOH C 3 .   ? 8.119   -16.137 1.634   1.00 28.06  ? 566 HOH A O   1 
HETATM 1100 O O   . HOH C 3 .   ? 12.966  13.066  -7.075  1.00 28.24  ? 567 HOH A O   1 
HETATM 1101 O O   . HOH C 3 .   ? 2.623   -9.721  6.248   1.00 30.83  ? 568 HOH A O   1 
HETATM 1102 O O   . HOH C 3 .   ? 11.740  -1.659  -6.659  1.00 40.25  ? 569 HOH A O   1 
HETATM 1103 O O   . HOH C 3 .   ? -10.515 -9.007  -13.439 1.00 25.89  ? 570 HOH A O   1 
HETATM 1104 O O   . HOH C 3 .   ? 8.870   19.609  14.834  1.00 29.19  ? 571 HOH A O   1 
HETATM 1105 O O   . HOH C 3 .   ? 5.440   0.089   9.338   1.00 28.93  ? 572 HOH A O   1 
HETATM 1106 O O   . HOH C 3 .   ? 3.271   -13.910 -13.597 1.00 27.93  ? 573 HOH A O   1 
HETATM 1107 O O   . HOH C 3 .   ? -7.463  2.746   5.645   1.00 32.15  ? 574 HOH A O   1 
HETATM 1108 O O   . HOH C 3 .   ? 6.586   -7.939  5.685   1.00 36.16  ? 575 HOH A O   1 
HETATM 1109 O O   . HOH C 3 .   ? 8.138   12.559  12.353  1.00 26.24  ? 576 HOH A O   1 
HETATM 1110 O O   . HOH C 3 .   ? 0.538   -1.208  10.579  1.00 40.85  ? 577 HOH A O   1 
HETATM 1111 O O   . HOH C 3 .   ? -0.419  3.966   -8.015  1.00 30.85  ? 578 HOH A O   1 
HETATM 1112 O O   . HOH C 3 .   ? 13.798  0.210   -0.474  1.00 29.67  ? 579 HOH A O   1 
HETATM 1113 O O   . HOH C 3 .   ? -7.453  6.888   7.018   1.00 30.10  ? 580 HOH A O   1 
HETATM 1114 O O   . HOH C 3 .   ? 4.076   -6.115  8.865   1.00 35.60  ? 581 HOH A O   1 
HETATM 1115 O O   . HOH C 3 .   ? 0.478   16.403  12.408  1.00 30.79  ? 582 HOH A O   1 
HETATM 1116 O O   . HOH C 3 .   ? -11.678 6.957   5.358   1.00 32.24  ? 583 HOH A O   1 
HETATM 1117 O O   . HOH C 3 .   ? 7.261   0.103   -8.413  1.00 33.33  ? 584 HOH A O   1 
HETATM 1118 O O   . HOH C 3 .   ? 5.013   -14.636 1.772   1.00 24.56  ? 585 HOH A O   1 
HETATM 1119 O O   . HOH C 3 .   ? -2.052  -3.155  11.471  1.00 27.06  ? 586 HOH A O   1 
HETATM 1120 O O   . HOH C 3 .   ? 16.100  5.894   3.716   1.00 35.56  ? 587 HOH A O   1 
HETATM 1121 O O   . HOH C 3 .   ? 16.942  8.781   -2.231  1.00 30.12  ? 588 HOH A O   1 
HETATM 1122 O O   . HOH C 3 .   ? -18.938 -13.446 -9.986  1.00 31.94  ? 589 HOH A O   1 
HETATM 1123 O O   . HOH C 3 .   ? -4.288  4.552   8.916   1.00 29.19  ? 590 HOH A O   1 
HETATM 1124 O O   . HOH C 3 .   ? 6.500   5.086   -8.981  1.00 32.22  ? 591 HOH A O   1 
HETATM 1125 O O   . HOH C 3 .   ? 1.006   14.228  9.319   1.00 34.68  ? 592 HOH A O   1 
HETATM 1126 O O   . HOH C 3 .   ? 14.032  18.979  -0.155  1.00 26.11  ? 593 HOH A O   1 
HETATM 1127 O O   . HOH C 3 .   ? -8.394  -13.443 -13.455 1.00 28.71  ? 594 HOH A O   1 
HETATM 1128 O O   . HOH C 3 .   ? 8.955   12.995  -7.493  1.00 27.21  ? 595 HOH A O   1 
HETATM 1129 O O   . HOH C 3 .   ? 9.780   22.014  15.844  1.00 25.23  ? 596 HOH A O   1 
HETATM 1130 O O   . HOH C 3 .   ? 11.070  -5.103  -6.741  1.00 28.31  ? 597 HOH A O   1 
HETATM 1131 O O   . HOH C 3 .   ? -1.865  17.045  7.601   1.00 37.41  ? 598 HOH A O   1 
HETATM 1132 O O   . HOH C 3 .   ? 6.018   2.482   -7.506  1.00 28.23  ? 599 HOH A O   1 
HETATM 1133 O O   . HOH C 3 .   ? 3.270   -0.861  -9.455  1.00 30.05  ? 600 HOH A O   1 
HETATM 1134 O O   . HOH C 3 .   ? -6.498  -1.265  -8.940  1.00 37.43  ? 601 HOH A O   1 
HETATM 1135 O O   . HOH C 3 .   ? 7.193   22.054  5.746   1.00 28.13  ? 602 HOH A O   1 
HETATM 1136 O O   . HOH C 3 .   ? -0.539  13.809  7.472   1.00 44.82  ? 603 HOH A O   1 
HETATM 1137 O O   . HOH C 3 .   ? 15.353  3.119   -1.285  1.00 39.42  ? 604 HOH A O   1 
HETATM 1138 O O   . HOH C 3 .   ? -20.863 -15.384 -1.137  1.00 28.99  ? 605 HOH A O   1 
HETATM 1139 O O   . HOH C 3 .   ? -7.092  2.208   -6.039  1.00 30.92  ? 606 HOH A O   1 
HETATM 1140 O O   . HOH C 3 .   ? -13.433 0.552   4.089   1.00 31.39  ? 607 HOH A O   1 
HETATM 1141 O O   . HOH C 3 .   ? -11.570 -8.585  -10.059 1.00 30.84  ? 608 HOH A O   1 
HETATM 1142 O O   . HOH C 3 .   ? 9.271   7.353   15.474  1.00 37.62  ? 609 HOH A O   1 
HETATM 1143 O O   . HOH C 3 .   ? -1.542  -15.022 -13.544 1.00 34.36  ? 610 HOH A O   1 
HETATM 1144 O O   . HOH C 3 .   ? -7.282  -3.725  6.852   1.00 35.17  ? 611 HOH A O   1 
HETATM 1145 O O   . HOH C 3 .   ? 11.689  24.356  5.126   1.00 37.86  ? 612 HOH A O   1 
HETATM 1146 O O   . HOH C 3 .   ? 3.609   4.260   -8.569  1.00 35.67  ? 613 HOH A O   1 
HETATM 1147 O O   . HOH C 3 .   ? 10.305  9.011   13.376  1.00 42.28  ? 614 HOH A O   1 
HETATM 1148 O O   . HOH C 3 .   ? -1.483  16.130  10.233  1.00 35.43  ? 615 HOH A O   1 
HETATM 1149 O O   . HOH C 3 .   ? -17.745 -17.362 0.608   1.00 27.20  ? 616 HOH A O   1 
HETATM 1150 O O   . HOH C 3 .   ? 6.341   -1.638  4.976   1.00 36.79  ? 617 HOH A O   1 
HETATM 1151 O O   . HOH C 3 .   ? 7.110   14.113  14.302  1.00 41.60  ? 618 HOH A O   1 
HETATM 1152 O O   . HOH C 3 .   ? -13.240 -2.211  -9.214  1.00 33.45  ? 619 HOH A O   1 
HETATM 1153 O O   . HOH C 3 .   ? -2.355  -5.894  9.953   1.00 43.40  ? 620 HOH A O   1 
HETATM 1154 O O   . HOH C 3 .   ? 12.810  26.827  16.834  1.00 49.17  ? 621 HOH A O   1 
HETATM 1155 O O   . HOH C 3 .   ? 9.902   8.751   -8.691  1.00 36.25  ? 622 HOH A O   1 
HETATM 1156 O O   . HOH C 3 .   ? 12.971  5.350   -4.509  1.00 42.85  ? 623 HOH A O   1 
HETATM 1157 O O   . HOH C 3 .   ? 0.700   -4.507  -12.461 1.00 35.32  ? 624 HOH A O   1 
HETATM 1158 O O   . HOH C 3 .   ? -10.435 -4.787  -12.034 1.00 46.63  ? 625 HOH A O   1 
HETATM 1159 O O   . HOH C 3 .   ? 11.061  -8.813  -10.202 1.00 36.88  ? 626 HOH A O   1 
HETATM 1160 O O   . HOH C 3 .   ? -2.057  11.434  10.869  1.00 57.40  ? 627 HOH A O   1 
HETATM 1161 O O   . HOH C 3 .   ? -5.958  -1.159  9.777   1.00 42.32  ? 628 HOH A O   1 
HETATM 1162 O O   . HOH C 3 .   ? 9.665   0.734   11.811  1.00 39.49  ? 629 HOH A O   1 
HETATM 1163 O O   . HOH C 3 .   ? -2.184  11.973  8.254   1.00 32.47  ? 630 HOH A O   1 
HETATM 1164 O O   . HOH C 3 .   ? 7.287   6.188   12.413  1.00 32.75  ? 631 HOH A O   1 
HETATM 1165 O O   . HOH C 3 .   ? 9.688   -4.739  4.451   1.00 35.63  ? 632 HOH A O   1 
HETATM 1166 O O   . HOH C 3 .   ? 17.098  7.425   0.529   1.00 38.36  ? 633 HOH A O   1 
HETATM 1167 O O   . HOH C 3 .   ? 16.801  20.678  9.959   1.00 47.05  ? 634 HOH A O   1 
HETATM 1168 O O   . HOH C 3 .   ? 14.372  5.107   6.537   1.00 41.59  ? 635 HOH A O   1 
HETATM 1169 O O   . HOH C 3 .   ? -5.009  18.056  0.562   1.00 34.00  ? 636 HOH A O   1 
HETATM 1170 O O   . HOH C 3 .   ? -6.453  9.656   7.892   1.00 45.20  ? 637 HOH A O   1 
HETATM 1171 O O   . HOH C 3 .   ? 1.569   0.171   -11.311 1.00 32.05  ? 638 HOH A O   1 
HETATM 1172 O O   . HOH C 3 .   ? -2.192  -0.780  11.855  1.00 32.30  ? 639 HOH A O   1 
HETATM 1173 O O   . HOH C 3 .   ? -15.049 -12.993 -7.118  1.00 42.50  ? 640 HOH A O   1 
HETATM 1174 O O   . HOH C 3 .   ? -13.132 -2.471  7.023   1.00 36.91  ? 641 HOH A O   1 
HETATM 1175 O O   . HOH C 3 .   ? -11.912 -2.309  -11.499 1.00 41.46  ? 642 HOH A O   1 
HETATM 1176 O O   . HOH C 3 .   ? 15.702  18.247  1.211   1.00 38.53  ? 643 HOH A O   1 
HETATM 1177 O O   . HOH C 3 .   ? 15.378  5.800   -0.921  1.00 60.21  ? 644 HOH A O   1 
HETATM 1178 O O   . HOH C 3 .   ? 5.791   -1.254  -10.152 1.00 42.77  ? 645 HOH A O   1 
HETATM 1179 O O   . HOH C 3 .   ? 10.305  -6.260  -8.646  1.00 51.13  ? 646 HOH A O   1 
HETATM 1180 O O   . HOH C 3 .   ? -14.388 8.979   2.215   1.00 37.92  ? 647 HOH A O   1 
HETATM 1181 O O   . HOH C 3 .   ? -11.652 -8.825  -16.246 1.00 40.20  ? 648 HOH A O   1 
HETATM 1182 O O   . HOH C 3 .   ? -4.968  1.813   8.480   1.00 42.45  ? 649 HOH A O   1 
HETATM 1183 O O   . HOH C 3 .   ? 6.628   20.004  6.482   1.00 32.60  ? 650 HOH A O   1 
HETATM 1184 O O   . HOH C 3 .   ? -10.679 4.812   7.087   1.00 37.89  ? 651 HOH A O   1 
HETATM 1185 O O   . HOH C 3 .   ? -16.371 7.289   0.480   1.00 40.22  ? 652 HOH A O   1 
HETATM 1186 O O   . HOH C 3 .   ? -10.557 -1.519  -9.375  1.00 36.91  ? 653 HOH A O   1 
HETATM 1187 O O   . HOH C 3 .   ? -6.447  1.595   -8.481  1.00 48.38  ? 654 HOH A O   1 
HETATM 1188 O O   . HOH C 3 .   ? 3.828   1.491   -8.358  1.00 55.96  ? 655 HOH A O   1 
HETATM 1189 O O   . HOH C 3 .   ? -2.020  5.436   -8.618  1.00 29.04  ? 656 HOH A O   1 
HETATM 1190 O O   . HOH C 3 .   ? 11.797  15.219  14.770  1.00 102.65 ? 657 HOH A O   1 
HETATM 1191 O O   . HOH C 3 .   ? -6.894  -1.149  6.892   1.00 44.06  ? 658 HOH A O   1 
HETATM 1192 O O   . HOH C 3 .   ? -8.403  -8.757  -14.960 1.00 42.36  ? 659 HOH A O   1 
# 
